data_6R91
#
_entry.id   6R91
#
_cell.length_a   1.0
_cell.length_b   1.0
_cell.length_c   1.0
_cell.angle_alpha   90.000
_cell.angle_beta   90.000
_cell.angle_gamma   90.000
#
_symmetry.space_group_name_H-M   'P 1'
#
loop_
_entity.id
_entity.type
_entity.pdbx_description
1 polymer 'Histone H3.1'
2 polymer 'Histone H4'
3 polymer 'Histone H2A type 1-B/E'
4 polymer 'Histone H2B type 1-J'
5 polymer 'Human alpha-satellite DNA (145-MER)'
6 polymer 'Human alpha-satellite DNA (145-MER) with abasic sites at positions 97-98'
7 polymer 'DNA damage-binding protein 1'
8 polymer 'DNA damage-binding protein 2'
#
loop_
_entity_poly.entity_id
_entity_poly.type
_entity_poly.pdbx_seq_one_letter_code
_entity_poly.pdbx_strand_id
1 'polypeptide(L)'
;GSHMARTKQTARKSTGGKAPRKQLATKAARKSAPATGGVKKPHRYRPGTVALREIRRYQKSTELLIRKLPFQRLVREIAQ
DFKTDLRFQSSAVMALQEACEAYLVGLFEDTNLCAIHAKRVTIMPKDIQLARRIRGERA
;
A,E
2 'polypeptide(L)'
;GSHMSGRGKGGKGLGKGGAKRHRKVLRDNIQGITKPAIRRLARRGGVKRISGLIYEETRGVLKVFLENVIRDAVTYTEHA
KRKTVTAMDVVYALKRQGRTLYGFGG
;
B,F
3 'polypeptide(L)'
;GSHMSGRGKQGGKARAKAKTRSSRAGLQFPVGRVHRLLRKGNYSERVGAGAPVYLAAVLEYLTAEILELAGNAARDNKKT
RIIPRHLQLAIRNDEELNKLLGRVTIAQGGVLPNIQAVLLPKKTESHHKAKGK
;
C,G
4 'polypeptide(L)'
;GSHMPEPAKSAPAPKKGSKKAVTKAQKKDGKKRKRSRKESYSIYVYKVLKQVHPDTGISSKAMGIMNSFVNDIFERIAGE
ASRLAHYNKRSTITSREIQTAVRLLLPGELAKHAVSEGTKAVTKYTSAK
;
D,H
5 'polydeoxyribonucleotide'
;(DA)(DT)(DC)(DA)(DA)(DT)(DA)(DT)(DC)(DC)(DA)(DC)(DC)(DT)(DG)(DC)(DA)(DG)(DA)(DT)
(DT)(DC)(DT)(DA)(DC)(DC)(DA)(DA)(DA)(DA)(DG)(DT)(DG)(DT)(DA)(DT)(DT)(DT)(DG)(DG)
(DA)(DA)(DA)(DC)(DT)(DG)(DC)(DT)(DC)(DC)(DA)(DT)(DC)(DA)(DA)(DA)(DA)(DG)(DG)(DC)
(DA)(DT)(DG)(DT)(DT)(DC)(DA)(DG)(DC)(DT)(DG)(DG)(DT)(DT)(DC)(DA)(DG)(DC)(DT)(DG)
(DA)(DA)(DC)(DA)(DT)(DG)(DC)(DC)(DT)(DT)(DT)(DT)(DG)(DA)(DT)(DG)(DG)(DA)(DG)(DC)
(DA)(DG)(DT)(DT)(DT)(DC)(DC)(DA)(DA)(DA)(DT)(DA)(DC)(DA)(DC)(DT)(DT)(DT)(DT)(DG)
(DG)(DT)(DA)(DG)(DA)(DA)(DT)(DC)(DT)(DG)(DC)(DA)(DG)(DG)(DT)(DG)(DG)(DA)(DT)(DA)
(DT)(DT)(DG)(DA)(DT)
;
I
6 'polydeoxyribonucleotide'
;(DA)(DT)(DC)(DA)(DA)(DT)(DA)(DT)(DC)(DC)(DA)(DC)(DC)(DT)(DG)(DC)(DA)(DG)(DA)(DT)
(DT)(DC)(DT)(DA)(DC)(DC)(DA)(DA)(DA)(DA)(DG)(DT)(DG)(DT)(DA)(DT)(DT)(DT)(DG)(DG)
(DA)(DA)(DA)(DC)(DT)(DG)(DC)(DT)(DC)(DC)(DA)(DT)(DC)(DA)(DA)(DA)(DA)(DG)(DG)(DC)
(DA)(DT)(DG)(DT)(DT)(DC)(DA)(DG)(DC)(DT)(DG)(DA)(DA)(DC)(DC)(DA)(DG)(DC)(DT)(DG)
(DA)(DA)(DC)(DA)(DT)(DG)(DC)(DC)(DT)(DT)(DT)(DT)(DG)(DA)(DT)(DG)(3DR)(3DR)(DG)
(DC)(DA)(DG)(DT)(DT)(DT)(DC)(DC)(DA)(DA)(DA)(DT)(DA)(DC)(DA)(DC)(DT)(DT)(DT)(DT)
(DG)(DG)(DT)(DA)(DG)(DA)(DA)(DT)(DC)(DT)(DG)(DC)(DA)(DG)(DG)(DT)(DG)(DG)(DA)(DT)
(DA)(DT)(DT)(DG)(DA)(DT)
;
J
7 'polypeptide(L)'
;MASWSHPQFEKVDENLYFQGGGRMSYNYVVTAQKPTAVNGCVTGHFTSAEDLNLLIAKNTRLEIYVVTAEGLRPVKEVGM
YGKIAVMELFRPKGESKDLLFILTAKYNACILEYKQSGESIDIITRAHGNVQDRIGRPSETGIIGIIDPECRMIGLRLYD
GLFKVIPLDRDNKELKAFNIRLEELHVIDVKFLYGCQAPTICFVYQDPQGRHVKTYEVSLREKEFNKGPWKQENVEAEAS
MVIAVPEPFGGAIIIGQESITYHNGDKYLAIAPPIIKQSTIVCHNRVDPNGSRYLLGDMEGRLFMLLLEKEEQMDGTVTL
KDLRVELLGETSIAECLTYLDNGVVFVGSRLGDSQLVKLNVDSNEQGSYVVAMETFTNLGPIVDMCVVDLERQGQGQLVT
CSGAFKEGSLRIIRNGIGIHEHASIDLPGIKGLWPLRSDPNRETDDTLVLSFVGQTRVLMLNGEEVEETELMGFVDDQQT
FFCGNVAHQQLIQITSASVRLVSQEPKALVSEWKEPQAKNISVASCNSSQVVVAVGRALYYLQIHPQELRQISHTEMEHE
VACLDITPLGDSNGLSPLCAIGLWTDISARILKLPSFELLHKEMLGGEIIPRSILMTTFESSHYLLCALGDGALFYFGLN
IETGLLSDRKKVTLGTQPTVLRTFRSLSTTNVFACSDRPTVIYSSNHKLVFSNVNLKEVNYMCPLNSDGYPDSLALANNS
TLTIGTIDEIQKLHIRTVPLYESPRKICYQEVSQCFGVLSSRIEVQDTSGGTTALRPSASTQALSSSVSSSKLFSSSTAP
HETSFGEEVEVHNLLIIDQHTFEVLHAHQFLQNEYALSLVSCKLGKDPNTYFIVGTAMVYPEEAEPKQGRIVVFQYSDGK
LQTVAEKEVKGAVYSMVEFNGKLLASINSTVRLYEWTTEKELRTECNHYNNIMALYLKTKGDFILVGDLMRSVLLLAYKP
MEGNFEEIARDFNPNWMSAVEILDDDNFLGAENAFNLFVCQKDSAATTDEERQHLQEVGLFHLGEFVNVFCHGSLVMQNL
GETSTPTQGSVLFGTVNGMIGLVTSLSESWYNLLLDMQNRLNKVIKSVGKIEHSFWRSFHTERKTEPATGFIDGDLIESF
LDISRPKMQEVVANLQYDDGSGMKREATADDLIKVVEELTRIH
;
K
8 'polypeptide(L)'
;MASWSHPQFEKVDENLYFQGGGRMAPKKRPETQKTSEIVLRPRNKRSRSPLELEPEAKKLCAKGSGPSRRCDSDCLWVGL
AGPQILPPCRSIVRTLHQHKLGRASWPSVQQGLQQSFLHTLDSYRILQKAAPFDRRATSLAWHPTHPSTVAVGSKGGDIM
LWNFGIKDKPTFIKGIGAGGSITGLKFNPLNTNQFYASSMEGTTRLQDFKGNILRVFASSDTINIWFCSLDVSASSRMVV
TGDNVGNVILLNMDGKELWNLRMHKKKVTHVALNPCCDWFLATASVDQTVKIWDLRQVRGKASFLYSLPHRHPVNAACFS
PDGARLLTTDQKSEIRVYSASQWDCPLGLIPHPHRHFQHLTPIKAAWHPRYNLIVVGRYPDPNFKSCTPYELRTIDVFDG
NSGKMMCQLYDPESSGISSLNEFNPMGDTLASAMGYHILIWSQEEARTRK
;
L
#
# COMPACT_ATOMS: atom_id res chain seq x y z
N VAL A 39 -35.57 -13.09 49.16
CA VAL A 39 -36.44 -12.21 48.39
C VAL A 39 -36.27 -12.53 46.91
N LYS A 40 -37.40 -12.71 46.21
CA LYS A 40 -37.39 -12.92 44.76
C LYS A 40 -37.60 -11.61 44.01
N LYS A 41 -38.35 -10.69 44.61
CA LYS A 41 -38.53 -9.37 44.01
C LYS A 41 -37.17 -8.66 43.91
N PRO A 42 -36.88 -7.98 42.81
CA PRO A 42 -35.55 -7.37 42.68
C PRO A 42 -35.31 -6.29 43.72
N HIS A 43 -34.06 -6.20 44.16
CA HIS A 43 -33.69 -5.20 45.15
C HIS A 43 -33.85 -3.85 44.46
N ARG A 44 -34.36 -2.86 45.19
CA ARG A 44 -34.60 -1.56 44.57
C ARG A 44 -34.37 -0.38 45.50
N TYR A 45 -33.48 0.51 45.07
CA TYR A 45 -33.18 1.75 45.76
C TYR A 45 -34.27 2.78 45.48
N ARG A 46 -34.56 3.62 46.46
CA ARG A 46 -35.57 4.64 46.22
C ARG A 46 -35.00 5.70 45.28
N PRO A 47 -35.84 6.40 44.52
CA PRO A 47 -35.29 7.44 43.63
C PRO A 47 -34.59 8.55 44.39
N GLY A 48 -33.32 8.79 44.05
CA GLY A 48 -32.51 9.80 44.69
C GLY A 48 -31.37 9.23 45.52
N THR A 49 -31.59 8.08 46.14
CA THR A 49 -30.58 7.45 47.00
C THR A 49 -29.35 7.10 46.18
N VAL A 50 -29.55 6.49 45.02
CA VAL A 50 -28.41 6.11 44.19
C VAL A 50 -27.79 7.36 43.59
N ALA A 51 -28.63 8.33 43.23
CA ALA A 51 -28.13 9.61 42.76
C ALA A 51 -27.22 10.24 43.79
N LEU A 52 -27.65 10.25 45.05
CA LEU A 52 -26.83 10.77 46.15
C LEU A 52 -25.54 9.99 46.30
N ARG A 53 -25.60 8.66 46.11
CA ARG A 53 -24.39 7.87 46.19
C ARG A 53 -23.43 8.27 45.08
N GLU A 54 -23.99 8.58 43.91
CA GLU A 54 -23.20 9.00 42.77
C GLU A 54 -22.61 10.36 43.04
N ILE A 55 -23.37 11.23 43.71
CA ILE A 55 -22.87 12.54 44.07
C ILE A 55 -21.65 12.42 44.96
N ARG A 56 -21.77 11.65 46.04
CA ARG A 56 -20.62 11.51 46.93
C ARG A 56 -19.41 10.90 46.22
N ARG A 57 -19.65 9.91 45.35
CA ARG A 57 -18.54 9.29 44.64
C ARG A 57 -17.86 10.30 43.72
N TYR A 58 -18.64 11.01 42.90
CA TYR A 58 -18.02 11.91 41.93
C TYR A 58 -17.49 13.18 42.57
N GLN A 59 -18.03 13.57 43.72
CA GLN A 59 -17.51 14.74 44.40
C GLN A 59 -16.26 14.41 45.20
N LYS A 60 -16.00 13.12 45.44
CA LYS A 60 -14.78 12.74 46.15
C LYS A 60 -13.59 12.61 45.21
N SER A 61 -13.83 12.30 43.94
CA SER A 61 -12.78 12.04 42.96
C SER A 61 -12.60 13.24 42.02
N THR A 62 -11.54 13.17 41.21
CA THR A 62 -11.17 14.25 40.30
C THR A 62 -11.01 13.83 38.85
N GLU A 63 -11.16 12.56 38.52
CA GLU A 63 -10.97 12.11 37.14
C GLU A 63 -12.00 12.77 36.21
N LEU A 64 -11.61 12.96 34.96
CA LEU A 64 -12.50 13.58 33.98
C LEU A 64 -13.68 12.69 33.64
N LEU A 65 -14.85 13.32 33.54
CA LEU A 65 -16.12 12.64 33.35
C LEU A 65 -16.60 12.59 31.91
N ILE A 66 -16.03 13.41 31.01
CA ILE A 66 -16.39 13.37 29.60
C ILE A 66 -15.41 12.49 28.83
N ARG A 67 -15.93 11.80 27.80
CA ARG A 67 -15.10 10.96 26.96
C ARG A 67 -14.17 11.81 26.09
N LYS A 68 -12.92 11.36 25.96
CA LYS A 68 -11.89 12.12 25.27
C LYS A 68 -12.16 12.27 23.77
N LEU A 69 -12.47 11.14 23.11
CA LEU A 69 -12.66 11.12 21.65
C LEU A 69 -13.77 12.00 21.11
N PRO A 70 -15.01 11.95 21.61
CA PRO A 70 -16.03 12.85 21.06
C PRO A 70 -15.74 14.30 21.30
N PHE A 71 -15.05 14.60 22.40
CA PHE A 71 -14.66 15.98 22.66
C PHE A 71 -13.67 16.42 21.59
N GLN A 72 -12.65 15.58 21.29
CA GLN A 72 -11.70 15.92 20.25
C GLN A 72 -12.37 16.10 18.90
N ARG A 73 -13.33 15.24 18.58
CA ARG A 73 -14.02 15.32 17.30
C ARG A 73 -14.85 16.60 17.18
N LEU A 74 -15.57 16.97 18.24
CA LEU A 74 -16.33 18.21 18.23
C LEU A 74 -15.41 19.41 18.05
N VAL A 75 -14.32 19.44 18.82
CA VAL A 75 -13.35 20.53 18.72
C VAL A 75 -12.84 20.66 17.28
N ARG A 76 -12.47 19.53 16.67
CA ARG A 76 -11.95 19.58 15.31
C ARG A 76 -12.99 20.05 14.31
N GLU A 77 -14.25 19.62 14.48
CA GLU A 77 -15.30 20.05 13.56
C GLU A 77 -15.52 21.56 13.64
N ILE A 78 -15.64 22.09 14.85
CA ILE A 78 -15.85 23.53 15.01
C ILE A 78 -14.64 24.31 14.50
N ALA A 79 -13.44 23.89 14.89
CA ALA A 79 -12.22 24.58 14.49
C ALA A 79 -12.06 24.60 12.97
N GLN A 80 -12.49 23.53 12.29
CA GLN A 80 -12.40 23.46 10.84
C GLN A 80 -13.11 24.63 10.16
N ASP A 81 -14.24 25.08 10.72
CA ASP A 81 -14.97 26.18 10.08
C ASP A 81 -14.25 27.51 10.15
N PHE A 82 -13.24 27.68 11.00
CA PHE A 82 -12.46 28.91 11.03
C PHE A 82 -11.18 28.81 10.19
N LYS A 83 -10.42 27.75 10.39
CA LYS A 83 -9.21 27.51 9.60
C LYS A 83 -9.10 26.02 9.32
N THR A 84 -8.71 25.68 8.10
CA THR A 84 -8.65 24.30 7.65
C THR A 84 -7.36 23.59 8.06
N ASP A 85 -7.47 22.26 8.14
CA ASP A 85 -6.40 21.30 8.42
C ASP A 85 -5.58 21.62 9.67
N LEU A 86 -6.22 22.18 10.69
CA LEU A 86 -5.51 22.46 11.94
C LEU A 86 -5.33 21.17 12.72
N ARG A 87 -4.26 21.12 13.50
CA ARG A 87 -4.01 20.02 14.43
C ARG A 87 -4.12 20.55 15.86
N PHE A 88 -4.21 19.62 16.82
CA PHE A 88 -4.35 19.97 18.23
C PHE A 88 -3.44 19.10 19.08
N GLN A 89 -2.75 19.70 20.06
CA GLN A 89 -2.00 18.91 21.02
C GLN A 89 -2.97 18.24 22.01
N SER A 90 -2.63 17.03 22.44
CA SER A 90 -3.49 16.30 23.36
C SER A 90 -3.65 17.03 24.70
N SER A 91 -2.59 17.66 25.18
CA SER A 91 -2.72 18.40 26.43
C SER A 91 -3.58 19.63 26.26
N ALA A 92 -3.69 20.12 25.03
CA ALA A 92 -4.58 21.23 24.75
C ALA A 92 -6.02 20.79 24.89
N VAL A 93 -6.29 19.56 24.49
CA VAL A 93 -7.63 19.02 24.57
C VAL A 93 -7.99 18.71 26.02
N MET A 94 -7.03 18.24 26.82
CA MET A 94 -7.36 18.01 28.22
C MET A 94 -7.60 19.33 28.93
N ALA A 95 -6.84 20.36 28.56
CA ALA A 95 -7.06 21.68 29.14
C ALA A 95 -8.43 22.23 28.77
N LEU A 96 -8.82 22.06 27.51
CA LEU A 96 -10.12 22.53 27.07
C LEU A 96 -11.23 21.80 27.80
N GLN A 97 -11.03 20.51 28.05
CA GLN A 97 -12.06 19.76 28.74
C GLN A 97 -12.17 20.19 30.20
N GLU A 98 -11.03 20.40 30.86
CA GLU A 98 -11.05 20.89 32.24
C GLU A 98 -11.75 22.25 32.34
N ALA A 99 -11.44 23.17 31.41
CA ALA A 99 -12.09 24.48 31.42
C ALA A 99 -13.59 24.33 31.20
N CYS A 100 -13.98 23.49 30.24
CA CYS A 100 -15.39 23.30 29.93
C CYS A 100 -16.14 22.75 31.14
N GLU A 101 -15.57 21.73 31.78
CA GLU A 101 -16.25 21.12 32.91
C GLU A 101 -16.34 22.08 34.08
N ALA A 102 -15.30 22.88 34.33
CA ALA A 102 -15.40 23.85 35.42
C ALA A 102 -16.48 24.88 35.12
N TYR A 103 -16.64 25.25 33.86
CA TYR A 103 -17.66 26.21 33.47
C TYR A 103 -19.05 25.62 33.69
N LEU A 104 -19.23 24.38 33.21
CA LEU A 104 -20.51 23.70 33.34
C LEU A 104 -20.89 23.42 34.79
N VAL A 105 -19.96 22.93 35.61
CA VAL A 105 -20.25 22.71 37.03
C VAL A 105 -20.65 24.00 37.70
N GLY A 106 -19.92 25.10 37.45
CA GLY A 106 -20.30 26.36 38.07
C GLY A 106 -21.68 26.81 37.65
N LEU A 107 -22.02 26.62 36.38
CA LEU A 107 -23.35 27.01 35.93
C LEU A 107 -24.42 26.11 36.54
N PHE A 108 -24.13 24.81 36.68
CA PHE A 108 -25.11 23.93 37.30
C PHE A 108 -25.27 24.22 38.79
N GLU A 109 -24.22 24.69 39.44
CA GLU A 109 -24.31 25.10 40.83
C GLU A 109 -25.22 26.31 40.97
N ASP A 110 -25.01 27.29 40.11
CA ASP A 110 -25.84 28.48 40.14
C ASP A 110 -27.27 28.13 39.77
N THR A 111 -27.42 27.27 38.76
CA THR A 111 -28.73 26.79 38.35
C THR A 111 -29.47 26.12 39.50
N ASN A 112 -28.77 25.28 40.27
CA ASN A 112 -29.44 24.62 41.40
C ASN A 112 -29.88 25.64 42.42
N LEU A 113 -29.05 26.66 42.67
CA LEU A 113 -29.46 27.69 43.62
C LEU A 113 -30.65 28.49 43.10
N CYS A 114 -30.70 28.73 41.78
CA CYS A 114 -31.84 29.44 41.21
C CYS A 114 -33.11 28.62 41.28
N ALA A 115 -33.00 27.31 41.03
CA ALA A 115 -34.15 26.43 41.12
C ALA A 115 -34.67 26.38 42.55
N ILE A 116 -33.75 26.19 43.49
CA ILE A 116 -34.08 26.13 44.91
C ILE A 116 -34.71 27.43 45.36
N HIS A 117 -34.22 28.55 44.81
CA HIS A 117 -34.78 29.86 45.11
C HIS A 117 -36.26 29.92 44.76
N ALA A 118 -36.65 29.33 43.65
CA ALA A 118 -38.05 29.27 43.22
C ALA A 118 -38.83 28.14 43.90
N LYS A 119 -38.33 27.61 45.00
CA LYS A 119 -38.98 26.52 45.73
C LYS A 119 -39.16 25.28 44.86
N ARG A 120 -38.23 25.05 43.94
CA ARG A 120 -38.24 23.86 43.10
C ARG A 120 -36.99 23.04 43.39
N VAL A 121 -37.03 21.78 42.95
CA VAL A 121 -35.89 20.89 43.00
C VAL A 121 -35.47 20.44 41.60
N THR A 122 -36.18 20.88 40.58
CA THR A 122 -35.93 20.51 39.19
C THR A 122 -35.34 21.72 38.50
N ILE A 123 -34.19 21.53 37.87
CA ILE A 123 -33.57 22.61 37.12
C ILE A 123 -34.23 22.70 35.76
N MET A 124 -34.41 23.93 35.28
CA MET A 124 -35.07 24.19 34.00
C MET A 124 -34.24 25.17 33.19
N PRO A 125 -34.47 25.23 31.87
CA PRO A 125 -33.73 26.20 31.04
C PRO A 125 -33.73 27.63 31.53
N LYS A 126 -34.85 28.10 32.08
CA LYS A 126 -34.91 29.46 32.59
C LYS A 126 -33.96 29.70 33.76
N ASP A 127 -33.63 28.66 34.53
CA ASP A 127 -32.65 28.82 35.60
C ASP A 127 -31.25 29.03 35.04
N ILE A 128 -30.91 28.26 34.01
CA ILE A 128 -29.62 28.41 33.35
C ILE A 128 -29.56 29.80 32.73
N GLN A 129 -30.67 30.21 32.12
CA GLN A 129 -30.73 31.50 31.46
C GLN A 129 -30.55 32.62 32.47
N LEU A 130 -31.10 32.46 33.67
CA LEU A 130 -30.94 33.48 34.69
C LEU A 130 -29.49 33.58 35.15
N ALA A 131 -28.88 32.44 35.47
CA ALA A 131 -27.50 32.45 35.93
C ALA A 131 -26.56 33.06 34.89
N ARG A 132 -26.73 32.66 33.63
CA ARG A 132 -25.87 33.16 32.55
C ARG A 132 -26.13 34.62 32.26
N ARG A 133 -27.38 35.05 32.38
CA ARG A 133 -27.72 36.45 32.20
C ARG A 133 -27.08 37.30 33.27
N ILE A 134 -27.09 36.83 34.52
CA ILE A 134 -26.50 37.65 35.56
C ILE A 134 -24.98 37.70 35.43
N ARG A 135 -24.33 36.60 35.02
CA ARG A 135 -22.88 36.74 34.79
C ARG A 135 -22.56 37.56 33.55
N GLY A 136 -23.52 37.76 32.66
CA GLY A 136 -23.28 38.47 31.42
C GLY A 136 -22.81 37.62 30.27
N GLU A 137 -22.98 36.30 30.33
CA GLU A 137 -22.61 35.41 29.24
C GLU A 137 -23.77 35.32 28.26
N ARG A 138 -24.02 36.46 27.61
CA ARG A 138 -25.27 36.67 26.88
C ARG A 138 -25.41 35.68 25.72
N ALA A 139 -24.53 35.78 24.73
CA ALA A 139 -24.60 34.96 23.51
C ALA A 139 -25.94 35.14 22.81
N LEU B 26 -23.27 8.51 12.13
CA LEU B 26 -23.00 9.56 13.11
C LEU B 26 -24.20 10.51 13.20
N ARG B 27 -24.12 11.46 14.13
CA ARG B 27 -25.25 12.30 14.53
C ARG B 27 -24.85 13.77 14.63
N ASP B 28 -24.05 14.25 13.67
CA ASP B 28 -23.52 15.62 13.61
C ASP B 28 -22.43 15.89 14.63
N ASN B 29 -22.07 14.90 15.47
CA ASN B 29 -20.93 14.84 16.38
C ASN B 29 -21.13 15.70 17.64
N ILE B 30 -22.10 16.62 17.64
CA ILE B 30 -22.40 17.38 18.86
C ILE B 30 -22.93 16.45 19.96
N GLN B 31 -23.52 15.32 19.56
CA GLN B 31 -24.06 14.25 20.38
C GLN B 31 -23.02 13.44 21.13
N GLY B 32 -21.73 13.59 20.83
CA GLY B 32 -20.80 12.85 21.66
C GLY B 32 -20.66 13.35 23.08
N ILE B 33 -21.18 14.53 23.39
CA ILE B 33 -21.25 15.00 24.78
C ILE B 33 -22.59 14.42 25.23
N THR B 34 -22.55 13.18 25.67
CA THR B 34 -23.75 12.39 25.89
C THR B 34 -24.52 12.82 27.13
N LYS B 35 -25.78 12.37 27.15
CA LYS B 35 -26.67 12.57 28.30
C LYS B 35 -26.08 12.10 29.62
N PRO B 36 -25.56 10.88 29.75
CA PRO B 36 -24.96 10.48 31.03
C PRO B 36 -23.77 11.33 31.42
N ALA B 37 -23.03 11.87 30.46
CA ALA B 37 -21.92 12.74 30.83
C ALA B 37 -22.44 14.05 31.42
N ILE B 38 -23.53 14.58 30.86
CA ILE B 38 -24.11 15.79 31.41
C ILE B 38 -24.69 15.51 32.79
N ARG B 39 -25.29 14.32 32.97
CA ARG B 39 -25.80 13.97 34.27
C ARG B 39 -24.67 13.88 35.29
N ARG B 40 -23.56 13.25 34.91
CA ARG B 40 -22.43 13.12 35.83
C ARG B 40 -21.91 14.50 36.24
N LEU B 41 -21.78 15.39 35.26
CA LEU B 41 -21.32 16.74 35.54
C LEU B 41 -22.30 17.47 36.46
N ALA B 42 -23.60 17.29 36.24
CA ALA B 42 -24.61 17.91 37.10
C ALA B 42 -24.52 17.33 38.51
N ARG B 43 -24.22 16.03 38.60
CA ARG B 43 -24.02 15.39 39.90
C ARG B 43 -22.85 16.05 40.61
N ARG B 44 -21.77 16.34 39.87
CA ARG B 44 -20.66 17.05 40.50
C ARG B 44 -21.09 18.42 40.97
N GLY B 45 -22.03 19.02 40.27
CA GLY B 45 -22.66 20.25 40.68
C GLY B 45 -23.63 20.10 41.82
N GLY B 46 -23.87 18.88 42.30
CA GLY B 46 -24.76 18.68 43.41
C GLY B 46 -26.20 18.56 42.98
N VAL B 47 -26.44 18.28 41.70
CA VAL B 47 -27.78 18.22 41.13
C VAL B 47 -28.38 16.84 41.34
N LYS B 48 -29.60 16.83 41.87
CA LYS B 48 -30.32 15.59 42.16
C LYS B 48 -31.27 15.16 41.05
N ARG B 49 -31.94 16.10 40.37
CA ARG B 49 -32.91 15.77 39.33
C ARG B 49 -32.72 16.72 38.15
N ILE B 50 -32.84 16.21 36.92
CA ILE B 50 -32.50 16.98 35.71
C ILE B 50 -33.59 16.82 34.65
N SER B 51 -34.13 17.93 34.16
CA SER B 51 -35.10 17.86 33.08
C SER B 51 -34.43 17.39 31.79
N GLY B 52 -35.20 16.69 30.97
CA GLY B 52 -34.71 16.19 29.70
C GLY B 52 -34.32 17.26 28.67
N LEU B 53 -34.91 18.45 28.76
CA LEU B 53 -34.59 19.51 27.81
C LEU B 53 -33.29 20.24 28.12
N ILE B 54 -32.74 20.02 29.31
CA ILE B 54 -31.50 20.69 29.71
C ILE B 54 -30.34 20.31 28.80
N TYR B 55 -30.29 19.05 28.38
CA TYR B 55 -29.11 18.53 27.69
C TYR B 55 -28.80 19.25 26.40
N GLU B 56 -29.80 19.42 25.53
CA GLU B 56 -29.52 20.14 24.28
C GLU B 56 -29.16 21.58 24.54
N GLU B 57 -29.83 22.21 25.52
CA GLU B 57 -29.50 23.59 25.82
C GLU B 57 -28.08 23.68 26.33
N THR B 58 -27.71 22.74 27.19
CA THR B 58 -26.37 22.75 27.75
C THR B 58 -25.34 22.59 26.64
N ARG B 59 -25.63 21.75 25.65
CA ARG B 59 -24.66 21.57 24.58
C ARG B 59 -24.47 22.87 23.83
N GLY B 60 -25.55 23.58 23.56
CA GLY B 60 -25.43 24.85 22.87
C GLY B 60 -24.66 25.86 23.70
N VAL B 61 -24.96 25.93 25.00
CA VAL B 61 -24.25 26.86 25.85
C VAL B 61 -22.78 26.48 25.87
N LEU B 62 -22.53 25.18 25.98
CA LEU B 62 -21.16 24.70 26.00
C LEU B 62 -20.49 25.02 24.68
N LYS B 63 -21.23 24.81 23.60
CA LYS B 63 -20.68 25.05 22.28
C LYS B 63 -20.27 26.51 22.13
N VAL B 64 -21.09 27.43 22.65
CA VAL B 64 -20.75 28.84 22.54
C VAL B 64 -19.47 29.13 23.30
N PHE B 65 -19.38 28.63 24.53
CA PHE B 65 -18.18 28.85 25.33
C PHE B 65 -16.98 28.33 24.58
N LEU B 66 -17.10 27.08 24.12
CA LEU B 66 -16.01 26.45 23.41
C LEU B 66 -15.70 27.23 22.15
N GLU B 67 -16.74 27.52 21.38
CA GLU B 67 -16.59 28.29 20.15
C GLU B 67 -15.81 29.56 20.38
N ASN B 68 -16.23 30.34 21.39
CA ASN B 68 -15.57 31.61 21.64
C ASN B 68 -14.12 31.41 22.04
N VAL B 69 -13.89 30.42 22.90
CA VAL B 69 -12.56 30.15 23.36
C VAL B 69 -11.71 29.68 22.21
N ILE B 70 -12.22 28.71 21.46
CA ILE B 70 -11.43 28.13 20.38
C ILE B 70 -11.11 29.20 19.34
N ARG B 71 -12.06 30.11 19.10
CA ARG B 71 -11.84 31.18 18.14
C ARG B 71 -10.59 31.96 18.48
N ASP B 72 -10.48 32.35 19.74
CA ASP B 72 -9.32 33.13 20.13
C ASP B 72 -8.07 32.28 20.11
N ALA B 73 -8.18 31.02 20.54
CA ALA B 73 -7.02 30.16 20.50
C ALA B 73 -6.49 30.05 19.08
N VAL B 74 -7.40 29.88 18.11
CA VAL B 74 -6.93 29.75 16.75
C VAL B 74 -6.37 31.07 16.27
N THR B 75 -6.93 32.18 16.76
CA THR B 75 -6.40 33.48 16.40
C THR B 75 -4.97 33.64 16.90
N TYR B 76 -4.70 33.14 18.11
CA TYR B 76 -3.34 33.20 18.63
C TYR B 76 -2.44 32.34 17.75
N THR B 77 -2.98 31.20 17.33
CA THR B 77 -2.25 30.27 16.48
C THR B 77 -1.84 30.97 15.19
N GLU B 78 -2.79 31.67 14.57
CA GLU B 78 -2.49 32.33 13.31
C GLU B 78 -1.40 33.38 13.45
N HIS B 79 -1.37 34.09 14.58
CA HIS B 79 -0.36 35.12 14.77
C HIS B 79 1.06 34.56 14.69
N ALA B 80 1.27 33.38 15.23
CA ALA B 80 2.59 32.75 15.27
C ALA B 80 2.96 32.07 13.97
N LYS B 81 2.05 32.08 12.97
CA LYS B 81 2.29 31.45 11.68
C LYS B 81 2.46 29.96 11.89
N ARG B 82 1.61 29.41 12.75
CA ARG B 82 1.64 28.01 13.13
C ARG B 82 0.34 27.38 12.66
N LYS B 83 0.41 26.09 12.35
CA LYS B 83 -0.73 25.28 11.97
C LYS B 83 -1.08 24.25 13.04
N THR B 84 -0.50 24.38 14.23
CA THR B 84 -0.75 23.49 15.35
C THR B 84 -1.19 24.32 16.55
N VAL B 85 -2.37 24.02 17.07
CA VAL B 85 -2.90 24.68 18.26
C VAL B 85 -2.20 24.11 19.48
N THR B 86 -1.55 24.97 20.26
CA THR B 86 -0.86 24.51 21.45
C THR B 86 -1.74 24.70 22.69
N ALA B 87 -1.34 24.04 23.78
CA ALA B 87 -2.01 24.23 25.06
C ALA B 87 -1.92 25.67 25.53
N MET B 88 -0.80 26.34 25.24
CA MET B 88 -0.63 27.72 25.67
C MET B 88 -1.63 28.62 24.96
N ASP B 89 -1.92 28.33 23.69
CA ASP B 89 -2.92 29.11 22.96
C ASP B 89 -4.26 29.04 23.65
N VAL B 90 -4.62 27.84 24.13
CA VAL B 90 -5.86 27.64 24.82
C VAL B 90 -5.86 28.40 26.14
N VAL B 91 -4.77 28.28 26.88
CA VAL B 91 -4.62 28.95 28.15
C VAL B 91 -4.81 30.46 28.00
N TYR B 92 -4.19 31.05 26.98
CA TYR B 92 -4.33 32.49 26.78
C TYR B 92 -5.76 32.85 26.41
N ALA B 93 -6.39 32.05 25.53
CA ALA B 93 -7.77 32.27 25.16
C ALA B 93 -8.68 32.23 26.38
N LEU B 94 -8.42 31.28 27.29
CA LEU B 94 -9.21 31.14 28.49
C LEU B 94 -8.98 32.31 29.42
N LYS B 95 -7.73 32.77 29.50
CA LYS B 95 -7.38 33.89 30.38
C LYS B 95 -8.13 35.15 29.97
N ARG B 96 -8.21 35.44 28.67
CA ARG B 96 -8.86 36.68 28.27
C ARG B 96 -10.36 36.67 28.54
N GLN B 97 -10.96 35.50 28.72
CA GLN B 97 -12.36 35.40 29.11
C GLN B 97 -12.53 35.35 30.63
N GLY B 98 -11.48 35.64 31.39
CA GLY B 98 -11.59 35.61 32.84
C GLY B 98 -11.75 34.24 33.44
N ARG B 99 -11.18 33.22 32.81
CA ARG B 99 -11.27 31.84 33.29
C ARG B 99 -9.87 31.22 33.35
N THR B 100 -8.95 31.92 34.02
CA THR B 100 -7.57 31.46 34.19
C THR B 100 -7.52 29.99 34.59
N LEU B 101 -6.71 29.22 33.87
CA LEU B 101 -6.55 27.79 34.13
C LEU B 101 -5.12 27.51 34.54
N TYR B 102 -4.97 26.78 35.66
CA TYR B 102 -3.69 26.37 36.20
C TYR B 102 -3.39 24.90 35.88
N GLY B 103 -2.10 24.58 35.71
CA GLY B 103 -1.66 23.21 35.55
C GLY B 103 -1.09 22.77 34.22
N PHE B 104 -1.07 23.61 33.20
CA PHE B 104 -0.60 23.20 31.87
C PHE B 104 0.59 24.03 31.40
N GLY B 105 1.29 24.68 32.32
CA GLY B 105 2.47 25.44 31.99
C GLY B 105 2.13 26.89 31.70
N GLY B 106 3.00 27.80 32.14
CA GLY B 106 2.79 29.21 31.90
C GLY B 106 1.59 29.79 32.61
N ALA C 14 17.01 71.91 1.19
CA ALA C 14 15.65 72.11 0.73
C ALA C 14 14.71 72.38 1.90
N ARG C 15 14.64 71.41 2.82
CA ARG C 15 13.73 71.45 3.95
C ARG C 15 12.29 71.59 3.45
N ALA C 16 11.84 70.53 2.79
CA ALA C 16 10.51 70.50 2.19
C ALA C 16 9.43 70.68 3.25
N LYS C 17 8.19 70.87 2.78
CA LYS C 17 7.11 71.25 3.67
C LYS C 17 6.75 70.13 4.64
N ALA C 18 6.68 70.48 5.92
CA ALA C 18 6.25 69.52 6.93
C ALA C 18 4.77 69.24 6.77
N LYS C 19 4.40 67.97 6.89
CA LYS C 19 3.03 67.50 6.72
C LYS C 19 2.81 66.40 7.74
N THR C 20 1.69 66.46 8.44
CA THR C 20 1.43 65.45 9.46
C THR C 20 1.07 64.11 8.84
N ARG C 21 1.30 63.07 9.63
CA ARG C 21 1.01 61.69 9.24
C ARG C 21 -0.48 61.38 9.11
N SER C 22 -1.33 62.02 9.91
CA SER C 22 -2.78 61.83 9.72
C SER C 22 -3.21 62.23 8.31
N SER C 23 -2.77 63.40 7.86
CA SER C 23 -3.08 63.86 6.50
C SER C 23 -2.48 62.94 5.46
N ARG C 24 -1.27 62.42 5.71
CA ARG C 24 -0.66 61.47 4.80
C ARG C 24 -1.50 60.21 4.70
N ALA C 25 -2.11 59.80 5.80
CA ALA C 25 -2.98 58.64 5.83
C ALA C 25 -4.42 58.98 5.44
N GLY C 26 -4.73 60.26 5.33
CA GLY C 26 -6.07 60.69 5.01
C GLY C 26 -6.96 60.52 6.22
N LEU C 27 -6.38 60.61 7.41
CA LEU C 27 -7.05 60.39 8.68
C LEU C 27 -7.13 61.69 9.47
N GLN C 28 -8.02 61.69 10.46
CA GLN C 28 -8.14 62.80 11.40
C GLN C 28 -7.41 62.60 12.73
N PHE C 29 -7.32 61.37 13.24
CA PHE C 29 -6.63 61.15 14.51
C PHE C 29 -5.11 61.33 14.41
N PRO C 30 -4.45 61.74 15.52
CA PRO C 30 -3.02 62.07 15.49
C PRO C 30 -2.14 60.85 15.59
N VAL C 31 -1.51 60.50 14.47
CA VAL C 31 -0.63 59.33 14.45
C VAL C 31 0.56 59.54 15.38
N GLY C 32 1.18 60.72 15.28
CA GLY C 32 2.34 61.05 16.10
C GLY C 32 2.10 60.95 17.59
N ARG C 33 0.99 61.50 18.07
CA ARG C 33 0.67 61.42 19.49
C ARG C 33 0.47 59.98 19.92
N VAL C 34 -0.23 59.20 19.11
CA VAL C 34 -0.44 57.80 19.44
C VAL C 34 0.91 57.07 19.53
N HIS C 35 1.83 57.38 18.62
CA HIS C 35 3.16 56.79 18.67
C HIS C 35 3.89 57.15 19.96
N ARG C 36 3.85 58.43 20.34
CA ARG C 36 4.48 58.85 21.60
C ARG C 36 3.84 58.13 22.78
N LEU C 37 2.51 58.00 22.77
CA LEU C 37 1.78 57.32 23.83
C LEU C 37 2.12 55.83 23.88
N LEU C 38 2.38 55.23 22.73
CA LEU C 38 2.81 53.84 22.73
C LEU C 38 4.20 53.72 23.34
N ARG C 39 5.11 54.62 22.98
CA ARG C 39 6.45 54.57 23.56
C ARG C 39 6.36 54.71 25.07
N LYS C 40 5.53 55.64 25.55
CA LYS C 40 5.39 55.91 26.97
C LYS C 40 4.23 55.08 27.52
N GLY C 41 4.55 54.11 28.35
CA GLY C 41 3.56 53.25 28.99
C GLY C 41 4.03 51.81 29.17
N ASN C 42 5.29 51.55 28.85
CA ASN C 42 5.93 50.25 28.98
C ASN C 42 5.16 49.11 28.32
N TYR C 43 4.81 49.29 27.04
CA TYR C 43 4.10 48.25 26.30
C TYR C 43 5.05 47.37 25.50
N SER C 44 6.07 47.95 24.88
CA SER C 44 7.07 47.18 24.15
C SER C 44 8.30 48.04 24.02
N GLU C 45 9.44 47.41 23.73
CA GLU C 45 10.65 48.20 23.56
C GLU C 45 10.61 49.07 22.30
N ARG C 46 10.02 48.53 21.23
CA ARG C 46 9.94 49.21 19.95
C ARG C 46 8.50 49.16 19.43
N VAL C 47 8.13 50.12 18.60
CA VAL C 47 6.79 50.25 18.05
C VAL C 47 6.90 50.43 16.54
N GLY C 48 6.24 49.56 15.79
CA GLY C 48 6.26 49.65 14.34
C GLY C 48 5.53 50.86 13.79
N ALA C 49 5.94 51.22 12.57
CA ALA C 49 5.40 52.39 11.87
C ALA C 49 3.92 52.24 11.56
N GLY C 50 3.46 51.04 11.25
CA GLY C 50 2.06 50.87 10.93
C GLY C 50 1.15 50.80 12.13
N ALA C 51 1.68 50.40 13.29
CA ALA C 51 0.84 50.26 14.48
C ALA C 51 0.07 51.52 14.85
N PRO C 52 0.69 52.69 15.00
CA PRO C 52 -0.11 53.87 15.37
C PRO C 52 -1.08 54.32 14.29
N VAL C 53 -0.79 54.05 13.02
CA VAL C 53 -1.73 54.40 11.96
C VAL C 53 -2.97 53.53 12.06
N TYR C 54 -2.74 52.22 12.17
CA TYR C 54 -3.82 51.26 12.25
C TYR C 54 -4.69 51.54 13.47
N LEU C 55 -4.03 51.73 14.62
CA LEU C 55 -4.76 52.03 15.85
C LEU C 55 -5.54 53.32 15.73
N ALA C 56 -4.92 54.38 15.19
CA ALA C 56 -5.64 55.64 15.05
C ALA C 56 -6.86 55.46 14.16
N ALA C 57 -6.73 54.69 13.09
CA ALA C 57 -7.85 54.47 12.19
C ALA C 57 -8.97 53.70 12.89
N VAL C 58 -8.62 52.69 13.68
CA VAL C 58 -9.63 51.90 14.38
C VAL C 58 -10.34 52.75 15.43
N LEU C 59 -9.56 53.51 16.20
CA LEU C 59 -10.12 54.36 17.24
C LEU C 59 -11.01 55.43 16.64
N GLU C 60 -10.62 55.95 15.48
CA GLU C 60 -11.41 56.95 14.79
C GLU C 60 -12.71 56.37 14.29
N TYR C 61 -12.67 55.17 13.69
CA TYR C 61 -13.89 54.56 13.18
C TYR C 61 -14.90 54.34 14.30
N LEU C 62 -14.47 53.75 15.41
CA LEU C 62 -15.44 53.51 16.49
C LEU C 62 -15.96 54.82 17.06
N THR C 63 -15.09 55.83 17.16
CA THR C 63 -15.55 57.14 17.59
C THR C 63 -16.62 57.68 16.66
N ALA C 64 -16.40 57.55 15.34
CA ALA C 64 -17.37 58.04 14.37
C ALA C 64 -18.69 57.28 14.49
N GLU C 65 -18.62 55.98 14.80
CA GLU C 65 -19.82 55.17 14.91
C GLU C 65 -20.65 55.57 16.13
N ILE C 66 -19.98 55.78 17.26
CA ILE C 66 -20.69 56.22 18.46
C ILE C 66 -21.28 57.60 18.25
N LEU C 67 -20.51 58.54 17.70
CA LEU C 67 -21.05 59.89 17.50
C LEU C 67 -22.23 59.86 16.54
N GLU C 68 -22.17 59.00 15.53
CA GLU C 68 -23.26 58.83 14.59
C GLU C 68 -24.53 58.40 15.30
N LEU C 69 -24.43 57.36 16.12
CA LEU C 69 -25.59 56.85 16.84
C LEU C 69 -26.10 57.88 17.85
N ALA C 70 -25.19 58.61 18.48
CA ALA C 70 -25.61 59.60 19.47
C ALA C 70 -26.32 60.77 18.81
N GLY C 71 -25.85 61.20 17.64
CA GLY C 71 -26.56 62.22 16.91
C GLY C 71 -27.90 61.74 16.42
N ASN C 72 -28.01 60.46 16.09
CA ASN C 72 -29.31 59.92 15.71
C ASN C 72 -30.30 59.99 16.87
N ALA C 73 -29.84 59.64 18.08
CA ALA C 73 -30.74 59.74 19.23
C ALA C 73 -31.10 61.19 19.51
N ALA C 74 -30.16 62.10 19.26
CA ALA C 74 -30.41 63.52 19.46
C ALA C 74 -31.52 63.99 18.53
N ARG C 75 -31.39 63.68 17.23
CA ARG C 75 -32.42 64.10 16.28
C ARG C 75 -33.76 63.48 16.67
N ASP C 76 -33.74 62.24 17.16
CA ASP C 76 -34.98 61.62 17.60
C ASP C 76 -35.65 62.44 18.69
N ASN C 77 -34.86 63.04 19.59
CA ASN C 77 -35.41 63.87 20.65
C ASN C 77 -35.47 65.35 20.27
N LYS C 78 -35.27 65.68 18.99
CA LYS C 78 -35.31 67.05 18.47
C LYS C 78 -34.27 67.95 19.13
N LYS C 79 -33.11 67.39 19.47
CA LYS C 79 -32.02 68.11 20.10
C LYS C 79 -30.88 68.17 19.11
N THR C 80 -30.24 69.33 19.01
CA THR C 80 -29.09 69.50 18.13
C THR C 80 -27.75 69.22 18.79
N ARG C 81 -27.68 69.10 20.12
CA ARG C 81 -26.41 68.85 20.81
C ARG C 81 -26.41 67.44 21.41
N ILE C 82 -25.33 66.70 21.15
CA ILE C 82 -25.14 65.38 21.74
C ILE C 82 -24.78 65.51 23.22
N ILE C 83 -25.49 64.77 24.06
CA ILE C 83 -25.22 64.72 25.50
C ILE C 83 -24.89 63.28 25.91
N PRO C 84 -24.36 63.06 27.12
CA PRO C 84 -24.04 61.69 27.57
C PRO C 84 -25.16 60.68 27.46
N ARG C 85 -26.39 61.13 27.68
CA ARG C 85 -27.58 60.30 27.55
C ARG C 85 -27.59 59.61 26.20
N HIS C 86 -27.34 60.37 25.13
CA HIS C 86 -27.28 59.81 23.79
C HIS C 86 -26.16 58.77 23.64
N LEU C 87 -25.03 58.99 24.31
CA LEU C 87 -23.96 57.98 24.23
C LEU C 87 -24.37 56.68 24.90
N GLN C 88 -25.11 56.78 26.00
CA GLN C 88 -25.56 55.57 26.67
C GLN C 88 -26.57 54.85 25.79
N LEU C 89 -27.50 55.61 25.22
CA LEU C 89 -28.50 55.03 24.31
C LEU C 89 -27.83 54.33 23.13
N ALA C 90 -26.84 54.99 22.55
CA ALA C 90 -26.08 54.45 21.42
C ALA C 90 -25.41 53.13 21.78
N ILE C 91 -24.71 53.10 22.91
CA ILE C 91 -23.98 51.90 23.30
C ILE C 91 -24.94 50.75 23.60
N ARG C 92 -25.95 50.98 24.43
CA ARG C 92 -26.83 49.89 24.84
C ARG C 92 -27.75 49.39 23.71
N ASN C 93 -28.02 50.21 22.69
CA ASN C 93 -28.85 49.72 21.59
C ASN C 93 -28.07 48.95 20.53
N ASP C 94 -26.74 48.87 20.61
CA ASP C 94 -25.93 48.12 19.65
C ASP C 94 -25.34 46.89 20.35
N GLU C 95 -25.73 45.71 19.88
CA GLU C 95 -25.33 44.45 20.50
C GLU C 95 -23.82 44.29 20.64
N GLU C 96 -23.05 44.63 19.60
CA GLU C 96 -21.61 44.44 19.68
C GLU C 96 -20.93 45.50 20.53
N LEU C 97 -21.38 46.74 20.45
CA LEU C 97 -20.83 47.77 21.30
C LEU C 97 -21.27 47.53 22.73
N ASN C 98 -22.49 47.03 22.91
CA ASN C 98 -22.99 46.69 24.23
C ASN C 98 -22.13 45.63 24.86
N LYS C 99 -21.70 44.65 24.05
CA LYS C 99 -20.79 43.64 24.55
C LYS C 99 -19.48 44.28 24.97
N LEU C 100 -18.90 45.11 24.10
CA LEU C 100 -17.65 45.77 24.47
C LEU C 100 -17.78 46.57 25.75
N LEU C 101 -18.89 47.30 25.91
CA LEU C 101 -19.08 48.12 27.10
C LEU C 101 -20.17 47.57 28.01
N GLY C 102 -20.30 46.24 28.08
CA GLY C 102 -21.36 45.66 28.90
C GLY C 102 -21.14 45.85 30.39
N ARG C 103 -19.89 45.91 30.83
CA ARG C 103 -19.52 46.08 32.22
C ARG C 103 -18.88 47.45 32.46
N VAL C 104 -19.30 48.45 31.71
CA VAL C 104 -18.72 49.79 31.76
C VAL C 104 -19.81 50.76 32.19
N THR C 105 -19.46 51.71 33.06
CA THR C 105 -20.38 52.73 33.53
C THR C 105 -20.11 54.08 32.87
N ILE C 106 -21.14 54.61 32.21
CA ILE C 106 -21.14 55.93 31.60
C ILE C 106 -21.72 56.94 32.58
N ALA C 107 -20.88 57.84 33.10
CA ALA C 107 -21.36 58.83 34.06
C ALA C 107 -22.50 59.63 33.44
N GLN C 108 -23.53 59.87 34.24
CA GLN C 108 -24.74 60.56 33.82
C GLN C 108 -25.40 59.85 32.63
N GLY C 109 -25.20 58.54 32.51
CA GLY C 109 -25.79 57.81 31.42
C GLY C 109 -27.17 57.27 31.71
N GLY C 110 -27.43 56.94 32.97
CA GLY C 110 -28.69 56.32 33.26
C GLY C 110 -28.77 54.90 32.70
N VAL C 111 -30.01 54.45 32.51
CA VAL C 111 -30.31 53.12 32.01
C VAL C 111 -31.33 53.25 30.89
N LEU C 112 -31.50 52.16 30.14
CA LEU C 112 -32.48 52.11 29.06
C LEU C 112 -33.90 52.00 29.60
N PRO C 113 -34.90 52.69 28.97
CA PRO C 113 -36.30 52.47 29.37
C PRO C 113 -36.78 51.05 29.15
N ASN C 114 -36.43 50.13 30.06
CA ASN C 114 -36.80 48.72 29.94
C ASN C 114 -37.58 48.29 31.18
N ILE C 115 -38.85 47.96 30.98
CA ILE C 115 -39.74 47.47 32.02
C ILE C 115 -40.08 46.03 31.63
N GLN C 116 -39.95 45.12 32.59
CA GLN C 116 -40.26 43.72 32.33
C GLN C 116 -41.75 43.52 32.06
N ALA C 117 -42.04 42.84 30.96
CA ALA C 117 -43.42 42.60 30.53
C ALA C 117 -44.35 42.16 31.68
N VAL C 118 -43.88 41.27 32.56
CA VAL C 118 -44.74 40.81 33.65
C VAL C 118 -45.09 41.81 34.76
N LEU C 119 -44.40 42.97 34.91
CA LEU C 119 -44.83 43.88 35.97
C LEU C 119 -45.90 44.89 35.53
N LEU C 120 -46.13 45.05 34.23
CA LEU C 120 -47.12 46.02 33.80
C LEU C 120 -48.54 45.50 34.03
N PRO C 121 -49.51 46.41 34.23
CA PRO C 121 -50.89 45.97 34.44
C PRO C 121 -51.48 45.26 33.24
N LYS C 122 -52.52 44.49 33.53
CA LYS C 122 -53.20 43.67 32.53
C LYS C 122 -53.95 44.56 31.55
N LYS C 123 -54.27 43.98 30.39
CA LYS C 123 -54.79 44.73 29.26
C LYS C 123 -56.31 44.63 29.19
N ARG D 33 1.72 83.19 37.35
CA ARG D 33 1.83 82.86 35.93
C ARG D 33 2.17 81.38 35.70
N LYS D 34 2.50 80.66 36.77
CA LYS D 34 2.63 79.21 36.69
C LYS D 34 1.35 78.60 36.15
N ARG D 35 1.50 77.56 35.33
CA ARG D 35 0.37 77.07 34.55
C ARG D 35 0.65 75.64 34.08
N SER D 36 -0.42 74.89 33.87
CA SER D 36 -0.40 73.48 33.47
C SER D 36 -0.90 73.34 32.03
N ARG D 37 -1.01 72.09 31.58
CA ARG D 37 -1.43 71.80 30.21
C ARG D 37 -2.01 70.39 30.18
N LYS D 38 -3.32 70.29 29.97
CA LYS D 38 -4.04 69.01 29.94
C LYS D 38 -4.42 68.63 28.52
N GLU D 39 -3.86 67.51 28.04
CA GLU D 39 -4.14 67.02 26.69
C GLU D 39 -5.40 66.17 26.64
N SER D 40 -6.07 66.21 25.49
CA SER D 40 -7.24 65.36 25.23
C SER D 40 -7.38 65.10 23.73
N TYR D 41 -8.26 64.18 23.40
CA TYR D 41 -8.60 63.83 22.02
C TYR D 41 -9.77 64.66 21.47
N SER D 42 -10.22 65.68 22.21
CA SER D 42 -11.37 66.50 21.86
C SER D 42 -11.40 67.00 20.41
N ILE D 43 -10.30 67.60 19.95
CA ILE D 43 -10.27 68.20 18.62
C ILE D 43 -10.48 67.17 17.51
N TYR D 44 -10.04 65.94 17.72
CA TYR D 44 -10.19 64.92 16.69
C TYR D 44 -11.62 64.41 16.66
N VAL D 45 -12.23 64.30 17.83
CA VAL D 45 -13.63 63.91 17.90
C VAL D 45 -14.45 64.97 17.20
N TYR D 46 -14.11 66.24 17.42
CA TYR D 46 -14.86 67.34 16.79
C TYR D 46 -14.68 67.38 15.28
N LYS D 47 -13.48 67.12 14.77
CA LYS D 47 -13.32 67.08 13.32
C LYS D 47 -14.12 65.95 12.70
N VAL D 48 -14.05 64.76 13.29
CA VAL D 48 -14.81 63.65 12.75
C VAL D 48 -16.32 63.90 12.87
N LEU D 49 -16.76 64.42 14.02
CA LEU D 49 -18.18 64.73 14.20
C LEU D 49 -18.69 65.70 13.13
N LYS D 50 -17.93 66.76 12.84
CA LYS D 50 -18.34 67.70 11.81
C LYS D 50 -18.27 67.09 10.41
N GLN D 51 -17.42 66.09 10.22
CA GLN D 51 -17.38 65.41 8.94
C GLN D 51 -18.61 64.54 8.74
N VAL D 52 -19.02 63.80 9.77
CA VAL D 52 -20.15 62.91 9.61
C VAL D 52 -21.48 63.65 9.75
N HIS D 53 -21.56 64.63 10.65
CA HIS D 53 -22.78 65.41 10.89
C HIS D 53 -22.39 66.87 11.10
N PRO D 54 -22.24 67.65 10.02
CA PRO D 54 -21.75 69.03 10.17
C PRO D 54 -22.53 69.92 11.12
N ASP D 55 -23.85 69.73 11.22
CA ASP D 55 -24.71 70.57 12.06
C ASP D 55 -25.06 69.86 13.36
N THR D 56 -24.10 69.82 14.27
CA THR D 56 -24.30 69.15 15.54
C THR D 56 -23.16 69.47 16.49
N GLY D 57 -23.49 69.72 17.75
CA GLY D 57 -22.50 69.95 18.78
C GLY D 57 -22.39 68.75 19.70
N ILE D 58 -21.71 68.98 20.82
CA ILE D 58 -21.53 67.93 21.82
C ILE D 58 -21.24 68.59 23.15
N SER D 59 -21.83 68.06 24.23
CA SER D 59 -21.58 68.65 25.54
C SER D 59 -20.18 68.28 26.03
N SER D 60 -19.72 69.03 27.03
CA SER D 60 -18.39 68.78 27.59
C SER D 60 -18.33 67.46 28.35
N LYS D 61 -19.40 67.12 29.08
CA LYS D 61 -19.45 65.84 29.77
C LYS D 61 -19.36 64.68 28.79
N ALA D 62 -20.10 64.79 27.68
CA ALA D 62 -20.05 63.75 26.66
C ALA D 62 -18.67 63.68 26.03
N MET D 63 -18.03 64.83 25.80
CA MET D 63 -16.69 64.82 25.23
C MET D 63 -15.72 64.12 26.19
N GLY D 64 -15.88 64.36 27.48
CA GLY D 64 -15.07 63.65 28.47
C GLY D 64 -15.29 62.16 28.40
N ILE D 65 -16.54 61.74 28.18
CA ILE D 65 -16.84 60.32 28.04
C ILE D 65 -16.17 59.75 26.80
N MET D 66 -16.17 60.51 25.71
CA MET D 66 -15.51 60.04 24.50
C MET D 66 -14.01 59.93 24.68
N ASN D 67 -13.42 60.87 25.43
CA ASN D 67 -11.99 60.82 25.69
C ASN D 67 -11.64 59.60 26.54
N SER D 68 -12.44 59.34 27.58
CA SER D 68 -12.28 58.13 28.40
C SER D 68 -12.39 56.87 27.56
N PHE D 69 -13.36 56.82 26.66
CA PHE D 69 -13.60 55.67 25.81
C PHE D 69 -12.37 55.37 24.96
N VAL D 70 -11.87 56.40 24.26
CA VAL D 70 -10.70 56.25 23.40
C VAL D 70 -9.52 55.74 24.22
N ASN D 71 -9.29 56.35 25.38
CA ASN D 71 -8.20 55.92 26.26
C ASN D 71 -8.35 54.45 26.67
N ASP D 72 -9.57 54.02 26.99
CA ASP D 72 -9.80 52.65 27.40
C ASP D 72 -9.48 51.65 26.28
N ILE D 73 -9.96 51.91 25.06
CA ILE D 73 -9.68 50.95 23.98
C ILE D 73 -8.20 50.96 23.65
N PHE D 74 -7.57 52.12 23.77
CA PHE D 74 -6.12 52.22 23.55
C PHE D 74 -5.40 51.31 24.51
N GLU D 75 -5.69 51.47 25.81
CA GLU D 75 -5.01 50.71 26.83
C GLU D 75 -5.23 49.19 26.67
N ARG D 76 -6.48 48.80 26.38
CA ARG D 76 -6.81 47.39 26.16
C ARG D 76 -6.02 46.78 25.01
N ILE D 77 -5.95 47.48 23.87
CA ILE D 77 -5.26 46.91 22.72
C ILE D 77 -3.77 46.84 22.97
N ALA D 78 -3.17 47.92 23.48
CA ALA D 78 -1.73 47.89 23.68
C ALA D 78 -1.34 46.79 24.67
N GLY D 79 -2.11 46.65 25.76
CA GLY D 79 -1.84 45.61 26.72
C GLY D 79 -1.96 44.20 26.15
N GLU D 80 -2.99 43.95 25.35
CA GLU D 80 -3.15 42.64 24.75
C GLU D 80 -2.03 42.35 23.77
N ALA D 81 -1.68 43.33 22.94
CA ALA D 81 -0.57 43.15 22.00
C ALA D 81 0.72 42.83 22.72
N SER D 82 0.95 43.50 23.85
CA SER D 82 2.13 43.23 24.66
C SER D 82 2.15 41.77 25.12
N ARG D 83 1.03 41.28 25.67
CA ARG D 83 1.00 39.89 26.09
C ARG D 83 1.24 38.93 24.91
N LEU D 84 0.60 39.15 23.77
CA LEU D 84 0.84 38.29 22.60
C LEU D 84 2.32 38.27 22.21
N ALA D 85 2.94 39.44 22.12
CA ALA D 85 4.35 39.51 21.77
C ALA D 85 5.20 38.74 22.76
N HIS D 86 4.92 38.89 24.06
CA HIS D 86 5.68 38.16 25.07
C HIS D 86 5.51 36.65 24.93
N TYR D 87 4.28 36.19 24.67
CA TYR D 87 4.05 34.74 24.54
C TYR D 87 4.82 34.13 23.38
N ASN D 88 5.04 34.88 22.30
CA ASN D 88 5.74 34.38 21.12
C ASN D 88 7.20 34.82 21.08
N LYS D 89 7.73 35.29 22.22
CA LYS D 89 9.12 35.71 22.35
C LYS D 89 9.51 36.71 21.25
N ARG D 90 8.62 37.67 21.01
CA ARG D 90 8.83 38.69 19.99
C ARG D 90 8.98 40.02 20.70
N SER D 91 10.01 40.78 20.32
CA SER D 91 10.25 42.08 20.89
C SER D 91 9.62 43.23 20.12
N THR D 92 8.99 42.97 18.97
CA THR D 92 8.39 44.02 18.15
C THR D 92 6.88 43.88 18.06
N ILE D 93 6.19 45.01 18.22
CA ILE D 93 4.75 45.11 17.96
C ILE D 93 4.58 45.71 16.57
N THR D 94 3.98 44.94 15.66
CA THR D 94 3.71 45.39 14.30
C THR D 94 2.21 45.55 14.09
N SER D 95 1.84 45.95 12.86
CA SER D 95 0.42 46.05 12.53
C SER D 95 -0.25 44.69 12.60
N ARG D 96 0.53 43.61 12.51
CA ARG D 96 0.02 42.26 12.61
C ARG D 96 -0.49 42.01 14.03
N GLU D 97 0.28 42.45 15.01
CA GLU D 97 -0.11 42.28 16.40
C GLU D 97 -1.35 43.11 16.72
N ILE D 98 -1.43 44.31 16.14
CA ILE D 98 -2.59 45.16 16.34
C ILE D 98 -3.81 44.47 15.77
N GLN D 99 -3.67 43.94 14.56
CA GLN D 99 -4.77 43.27 13.87
C GLN D 99 -5.27 42.09 14.69
N THR D 100 -4.34 41.26 15.16
CA THR D 100 -4.71 40.10 15.96
C THR D 100 -5.41 40.52 17.24
N ALA D 101 -4.86 41.52 17.93
CA ALA D 101 -5.49 42.02 19.15
C ALA D 101 -6.91 42.51 18.88
N VAL D 102 -7.10 43.22 17.77
CA VAL D 102 -8.42 43.72 17.40
C VAL D 102 -9.38 42.56 17.16
N ARG D 103 -8.91 41.54 16.43
CA ARG D 103 -9.77 40.40 16.16
C ARG D 103 -10.11 39.65 17.43
N LEU D 104 -9.21 39.63 18.40
CA LEU D 104 -9.52 38.96 19.66
C LEU D 104 -10.49 39.75 20.51
N LEU D 105 -10.35 41.07 20.57
CA LEU D 105 -11.17 41.81 21.52
C LEU D 105 -12.54 42.22 20.98
N LEU D 106 -12.63 42.59 19.69
CA LEU D 106 -13.89 43.09 19.14
C LEU D 106 -14.68 41.97 18.46
N PRO D 107 -16.01 41.99 18.50
CA PRO D 107 -16.79 40.97 17.79
C PRO D 107 -17.05 41.28 16.32
N GLY D 108 -17.31 40.20 15.59
CA GLY D 108 -17.68 40.15 14.18
C GLY D 108 -17.49 41.24 13.14
N GLU D 109 -18.61 41.85 12.73
CA GLU D 109 -18.55 42.83 11.65
C GLU D 109 -17.85 44.13 12.05
N LEU D 110 -17.88 44.49 13.34
CA LEU D 110 -17.18 45.71 13.73
C LEU D 110 -15.69 45.50 13.51
N ALA D 111 -15.22 44.30 13.86
CA ALA D 111 -13.82 43.94 13.69
C ALA D 111 -13.46 43.89 12.22
N LYS D 112 -14.32 43.29 11.39
CA LYS D 112 -14.02 43.22 9.96
C LYS D 112 -13.92 44.60 9.31
N HIS D 113 -14.82 45.52 9.65
CA HIS D 113 -14.74 46.83 9.03
C HIS D 113 -13.55 47.63 9.57
N ALA D 114 -13.30 47.52 10.88
CA ALA D 114 -12.14 48.19 11.44
C ALA D 114 -10.85 47.66 10.82
N VAL D 115 -10.76 46.35 10.65
CA VAL D 115 -9.59 45.71 10.06
C VAL D 115 -9.40 46.20 8.62
N SER D 116 -10.49 46.28 7.86
CA SER D 116 -10.42 46.76 6.49
C SER D 116 -9.94 48.20 6.44
N GLU D 117 -10.39 49.03 7.36
CA GLU D 117 -9.97 50.43 7.41
C GLU D 117 -8.50 50.53 7.76
N GLY D 118 -8.05 49.75 8.74
CA GLY D 118 -6.65 49.78 9.10
C GLY D 118 -5.76 49.34 7.97
N THR D 119 -6.14 48.26 7.28
CA THR D 119 -5.36 47.77 6.16
C THR D 119 -5.26 48.84 5.06
N LYS D 120 -6.41 49.42 4.70
CA LYS D 120 -6.41 50.48 3.69
C LYS D 120 -5.50 51.63 4.09
N ALA D 121 -5.54 52.00 5.37
CA ALA D 121 -4.73 53.12 5.83
C ALA D 121 -3.25 52.80 5.78
N VAL D 122 -2.84 51.61 6.23
CA VAL D 122 -1.42 51.28 6.20
C VAL D 122 -0.90 51.16 4.77
N THR D 123 -1.68 50.57 3.86
CA THR D 123 -1.22 50.45 2.48
C THR D 123 -1.15 51.81 1.81
N LYS D 124 -2.08 52.71 2.13
CA LYS D 124 -2.02 54.05 1.56
C LYS D 124 -0.82 54.80 2.12
N TYR D 125 -0.51 54.57 3.40
CA TYR D 125 0.63 55.22 4.03
C TYR D 125 1.95 54.82 3.38
N THR D 126 2.18 53.52 3.15
CA THR D 126 3.46 53.12 2.56
C THR D 126 3.68 53.69 1.16
N SER D 127 2.60 53.93 0.40
CA SER D 127 2.76 54.50 -0.94
C SER D 127 3.04 56.00 -0.93
N ALA D 128 2.48 56.75 0.03
CA ALA D 128 2.65 58.21 0.03
C ALA D 128 3.93 58.66 0.73
N LYS D 129 4.93 57.78 0.84
CA LYS D 129 6.21 58.16 1.44
C LYS D 129 6.93 59.15 0.55
N PRO E 42 -62.41 61.35 47.90
CA PRO E 42 -61.17 61.71 47.22
C PRO E 42 -60.75 60.71 46.14
N HIS E 43 -60.17 61.24 45.06
CA HIS E 43 -59.73 60.41 43.94
C HIS E 43 -58.55 59.57 44.41
N ARG E 44 -58.47 58.32 43.94
CA ARG E 44 -57.40 57.42 44.36
C ARG E 44 -56.91 56.47 43.29
N TYR E 45 -55.60 56.55 43.03
CA TYR E 45 -54.90 55.67 42.12
C TYR E 45 -54.65 54.34 42.83
N ARG E 46 -54.70 53.24 42.10
CA ARG E 46 -54.39 51.98 42.75
C ARG E 46 -52.89 51.88 43.01
N PRO E 47 -52.46 51.13 44.03
CA PRO E 47 -51.01 50.98 44.28
C PRO E 47 -50.31 50.38 43.06
N GLY E 48 -49.27 51.07 42.58
CA GLY E 48 -48.52 50.68 41.40
C GLY E 48 -48.63 51.67 40.25
N THR E 49 -49.77 52.33 40.12
CA THR E 49 -49.95 53.29 39.03
C THR E 49 -48.94 54.41 39.17
N VAL E 50 -48.80 54.93 40.40
CA VAL E 50 -47.85 56.00 40.66
C VAL E 50 -46.45 55.44 40.60
N ALA E 51 -46.27 54.21 41.09
CA ALA E 51 -44.98 53.54 40.98
C ALA E 51 -44.54 53.46 39.53
N LEU E 52 -45.45 53.06 38.64
CA LEU E 52 -45.15 53.01 37.21
C LEU E 52 -44.84 54.40 36.67
N ARG E 53 -45.55 55.42 37.15
CA ARG E 53 -45.26 56.79 36.72
C ARG E 53 -43.85 57.17 37.15
N GLU E 54 -43.46 56.70 38.33
CA GLU E 54 -42.13 56.97 38.86
C GLU E 54 -41.08 56.23 38.04
N ILE E 55 -41.41 55.01 37.61
CA ILE E 55 -40.48 54.27 36.76
C ILE E 55 -40.20 55.05 35.48
N ARG E 56 -41.26 55.45 34.77
CA ARG E 56 -41.04 56.20 33.53
C ARG E 56 -40.28 57.51 33.77
N ARG E 57 -40.62 58.21 34.85
CA ARG E 57 -39.95 59.48 35.14
C ARG E 57 -38.47 59.28 35.42
N TYR E 58 -38.13 58.35 36.31
CA TYR E 58 -36.74 58.21 36.67
C TYR E 58 -35.95 57.50 35.60
N GLN E 59 -36.60 56.70 34.75
CA GLN E 59 -35.90 56.08 33.65
C GLN E 59 -35.70 57.02 32.47
N LYS E 60 -36.43 58.15 32.44
CA LYS E 60 -36.22 59.10 31.36
C LYS E 60 -35.07 60.05 31.65
N SER E 61 -34.80 60.33 32.92
CA SER E 61 -33.81 61.31 33.34
C SER E 61 -32.55 60.62 33.85
N THR E 62 -31.51 61.43 34.08
CA THR E 62 -30.22 60.94 34.52
C THR E 62 -29.71 61.62 35.78
N GLU E 63 -30.44 62.59 36.33
CA GLU E 63 -29.97 63.30 37.51
C GLU E 63 -29.85 62.32 38.68
N LEU E 64 -28.89 62.61 39.56
CA LEU E 64 -28.69 61.77 40.74
C LEU E 64 -29.85 61.89 41.72
N LEU E 65 -30.26 60.75 42.24
CA LEU E 65 -31.42 60.61 43.11
C LEU E 65 -31.05 60.55 44.59
N ILE E 66 -29.77 60.35 44.93
CA ILE E 66 -29.32 60.36 46.31
C ILE E 66 -28.84 61.75 46.70
N ARG E 67 -29.16 62.13 47.94
CA ARG E 67 -28.76 63.43 48.48
C ARG E 67 -27.24 63.55 48.60
N LYS E 68 -26.72 64.70 48.18
CA LYS E 68 -25.28 64.91 48.11
C LYS E 68 -24.61 64.87 49.49
N LEU E 69 -25.13 65.66 50.43
CA LEU E 69 -24.50 65.84 51.74
C LEU E 69 -24.42 64.58 52.60
N PRO E 70 -25.48 63.82 52.82
CA PRO E 70 -25.32 62.55 53.57
C PRO E 70 -24.33 61.61 52.94
N PHE E 71 -24.22 61.62 51.61
CA PHE E 71 -23.25 60.76 50.96
C PHE E 71 -21.84 61.22 51.29
N GLN E 72 -21.61 62.54 51.24
CA GLN E 72 -20.30 63.07 51.61
C GLN E 72 -19.92 62.69 53.04
N ARG E 73 -20.87 62.83 53.97
CA ARG E 73 -20.59 62.49 55.36
C ARG E 73 -20.36 60.99 55.55
N LEU E 74 -21.07 60.12 54.83
CA LEU E 74 -20.83 58.69 54.95
C LEU E 74 -19.41 58.35 54.49
N VAL E 75 -19.03 58.91 53.34
CA VAL E 75 -17.70 58.65 52.78
C VAL E 75 -16.64 59.12 53.77
N ARG E 76 -16.82 60.32 54.30
CA ARG E 76 -15.82 60.87 55.22
C ARG E 76 -15.73 60.04 56.50
N GLU E 77 -16.86 59.54 57.00
CA GLU E 77 -16.84 58.70 58.21
C GLU E 77 -16.08 57.40 57.97
N ILE E 78 -16.38 56.72 56.87
CA ILE E 78 -15.72 55.45 56.59
C ILE E 78 -14.22 55.67 56.38
N ALA E 79 -13.87 56.67 55.56
CA ALA E 79 -12.45 56.93 55.33
C ALA E 79 -11.78 57.28 56.64
N GLN E 80 -12.46 58.03 57.50
CA GLN E 80 -11.92 58.35 58.82
C GLN E 80 -11.66 57.07 59.60
N ASP E 81 -12.50 56.06 59.39
CA ASP E 81 -12.26 54.80 60.08
C ASP E 81 -11.07 54.07 59.47
N PHE E 82 -10.65 54.44 58.26
CA PHE E 82 -9.42 53.90 57.67
C PHE E 82 -8.19 54.78 57.90
N LYS E 83 -8.30 56.07 57.58
CA LYS E 83 -7.23 57.03 57.79
C LYS E 83 -7.84 58.35 58.23
N THR E 84 -7.21 59.01 59.19
CA THR E 84 -7.74 60.24 59.78
C THR E 84 -7.46 61.50 58.96
N ASP E 85 -8.37 62.46 59.14
CA ASP E 85 -8.38 63.85 58.60
C ASP E 85 -8.17 63.92 57.09
N LEU E 86 -8.67 62.92 56.36
CA LEU E 86 -8.60 62.94 54.91
C LEU E 86 -9.59 63.94 54.32
N ARG E 87 -9.25 64.46 53.14
CA ARG E 87 -10.15 65.31 52.36
C ARG E 87 -10.57 64.57 51.09
N PHE E 88 -11.61 65.10 50.45
CA PHE E 88 -12.15 64.53 49.22
C PHE E 88 -12.45 65.64 48.23
N GLN E 89 -12.14 65.43 46.94
CA GLN E 89 -12.62 66.37 45.93
C GLN E 89 -14.10 66.17 45.69
N SER E 90 -14.81 67.28 45.42
CA SER E 90 -16.25 67.18 45.20
C SER E 90 -16.58 66.30 43.99
N SER E 91 -15.78 66.40 42.92
CA SER E 91 -16.05 65.56 41.75
C SER E 91 -15.70 64.11 42.03
N ALA E 92 -14.83 63.86 43.01
CA ALA E 92 -14.52 62.49 43.39
C ALA E 92 -15.73 61.87 44.07
N VAL E 93 -16.41 62.67 44.88
CA VAL E 93 -17.62 62.23 45.57
C VAL E 93 -18.72 61.98 44.56
N MET E 94 -18.83 62.86 43.56
CA MET E 94 -19.86 62.66 42.55
C MET E 94 -19.58 61.38 41.76
N ALA E 95 -18.31 61.12 41.46
CA ALA E 95 -17.91 59.89 40.77
C ALA E 95 -18.27 58.67 41.60
N LEU E 96 -18.02 58.74 42.92
CA LEU E 96 -18.36 57.64 43.81
C LEU E 96 -19.86 57.42 43.80
N GLN E 97 -20.62 58.50 43.69
CA GLN E 97 -22.06 58.40 43.67
C GLN E 97 -22.49 57.70 42.39
N GLU E 98 -21.85 58.06 41.27
CA GLU E 98 -22.17 57.42 40.00
C GLU E 98 -21.92 55.92 40.07
N ALA E 99 -20.79 55.53 40.67
CA ALA E 99 -20.46 54.13 40.83
C ALA E 99 -21.48 53.42 41.71
N CYS E 100 -21.87 54.06 42.81
CA CYS E 100 -22.82 53.46 43.73
C CYS E 100 -24.16 53.22 43.03
N GLU E 101 -24.65 54.21 42.30
CA GLU E 101 -25.95 54.04 41.68
C GLU E 101 -25.91 53.00 40.57
N ALA E 102 -24.82 52.97 39.78
CA ALA E 102 -24.74 51.93 38.75
C ALA E 102 -24.68 50.53 39.36
N TYR E 103 -24.02 50.40 40.51
CA TYR E 103 -23.92 49.10 41.17
C TYR E 103 -25.29 48.68 41.67
N LEU E 104 -25.98 49.59 42.35
CA LEU E 104 -27.29 49.29 42.89
C LEU E 104 -28.33 49.01 41.81
N VAL E 105 -28.37 49.80 40.73
CA VAL E 105 -29.32 49.50 39.66
C VAL E 105 -29.05 48.11 39.09
N GLY E 106 -27.79 47.76 38.83
CA GLY E 106 -27.53 46.43 38.31
C GLY E 106 -27.95 45.33 39.28
N LEU E 107 -27.70 45.54 40.58
CA LEU E 107 -28.12 44.53 41.55
C LEU E 107 -29.63 44.45 41.68
N PHE E 108 -30.32 45.59 41.61
CA PHE E 108 -31.78 45.55 41.70
C PHE E 108 -32.38 44.92 40.45
N GLU E 109 -31.74 45.08 39.29
CA GLU E 109 -32.20 44.41 38.09
C GLU E 109 -32.07 42.91 38.23
N ASP E 110 -30.92 42.46 38.73
CA ASP E 110 -30.73 41.03 38.91
C ASP E 110 -31.68 40.50 39.97
N THR E 111 -31.83 41.25 41.05
CA THR E 111 -32.77 40.91 42.10
C THR E 111 -34.18 40.78 41.56
N ASN E 112 -34.61 41.71 40.71
CA ASN E 112 -35.94 41.65 40.15
C ASN E 112 -36.12 40.41 39.29
N LEU E 113 -35.07 40.06 38.55
CA LEU E 113 -35.15 38.85 37.73
C LEU E 113 -35.21 37.60 38.60
N CYS E 114 -34.50 37.62 39.73
CA CYS E 114 -34.55 36.47 40.64
C CYS E 114 -35.92 36.34 41.29
N ALA E 115 -36.53 37.46 41.65
CA ALA E 115 -37.86 37.45 42.23
C ALA E 115 -38.86 36.92 41.21
N ILE E 116 -38.78 37.43 39.99
CA ILE E 116 -39.65 37.01 38.90
C ILE E 116 -39.46 35.53 38.64
N HIS E 117 -38.23 35.05 38.77
CA HIS E 117 -37.95 33.64 38.58
C HIS E 117 -38.74 32.79 39.56
N ALA E 118 -38.87 33.26 40.80
CA ALA E 118 -39.66 32.59 41.81
C ALA E 118 -41.15 32.91 41.72
N LYS E 119 -41.62 33.43 40.58
CA LYS E 119 -43.03 33.77 40.40
C LYS E 119 -43.49 34.81 41.43
N ARG E 120 -42.58 35.69 41.83
CA ARG E 120 -42.90 36.75 42.76
C ARG E 120 -42.69 38.11 42.08
N VAL E 121 -43.26 39.13 42.72
CA VAL E 121 -43.10 40.52 42.33
C VAL E 121 -42.46 41.34 43.44
N THR E 122 -42.17 40.72 44.59
CA THR E 122 -41.60 41.36 45.75
C THR E 122 -40.17 40.91 45.89
N ILE E 123 -39.25 41.86 45.96
CA ILE E 123 -37.85 41.52 46.15
C ILE E 123 -37.60 41.27 47.63
N MET E 124 -36.76 40.28 47.93
CA MET E 124 -36.46 39.88 49.28
C MET E 124 -34.96 39.74 49.45
N PRO E 125 -34.46 39.76 50.69
CA PRO E 125 -33.01 39.61 50.92
C PRO E 125 -32.31 38.44 50.26
N LYS E 126 -32.96 37.29 50.23
CA LYS E 126 -32.38 36.11 49.60
C LYS E 126 -32.14 36.29 48.11
N ASP E 127 -32.94 37.14 47.43
CA ASP E 127 -32.67 37.39 46.02
C ASP E 127 -31.39 38.18 45.81
N ILE E 128 -31.18 39.23 46.62
CA ILE E 128 -29.95 40.01 46.54
C ILE E 128 -28.78 39.11 46.88
N GLN E 129 -28.93 38.30 47.92
CA GLN E 129 -27.86 37.43 48.35
C GLN E 129 -27.51 36.43 47.26
N LEU E 130 -28.50 35.94 46.53
CA LEU E 130 -28.23 34.99 45.45
C LEU E 130 -27.48 35.65 44.31
N ALA E 131 -27.97 36.82 43.85
CA ALA E 131 -27.29 37.52 42.76
C ALA E 131 -25.84 37.87 43.11
N ARG E 132 -25.63 38.33 44.35
CA ARG E 132 -24.29 38.71 44.80
C ARG E 132 -23.41 37.48 44.94
N ARG E 133 -24.00 36.37 45.38
CA ARG E 133 -23.28 35.12 45.48
C ARG E 133 -22.83 34.68 44.10
N ILE E 134 -23.68 34.83 43.09
CA ILE E 134 -23.28 34.39 41.77
C ILE E 134 -22.18 35.27 41.18
N ARG E 135 -22.19 36.59 41.44
CA ARG E 135 -21.01 37.34 40.94
C ARG E 135 -19.76 37.01 41.74
N GLY E 136 -19.90 36.42 42.91
CA GLY E 136 -18.78 36.15 43.78
C GLY E 136 -18.48 37.29 44.73
N GLU E 137 -19.45 38.19 44.93
CA GLU E 137 -19.32 39.31 45.86
C GLU E 137 -19.73 38.83 47.25
N ARG E 138 -18.96 37.86 47.75
CA ARG E 138 -19.40 37.06 48.88
C ARG E 138 -19.58 37.90 50.14
N ALA E 139 -18.51 38.53 50.61
CA ALA E 139 -18.54 39.29 51.86
C ALA E 139 -18.89 38.39 53.03
N VAL F 25 -31.72 64.13 65.79
CA VAL F 25 -30.54 63.44 66.30
C VAL F 25 -29.94 62.55 65.22
N LEU F 26 -28.61 62.58 65.10
CA LEU F 26 -27.94 61.75 64.11
C LEU F 26 -28.07 60.28 64.49
N ARG F 27 -27.99 59.42 63.48
CA ARG F 27 -28.37 58.01 63.58
C ARG F 27 -27.27 57.11 63.05
N ASP F 28 -26.02 57.37 63.44
CA ASP F 28 -24.82 56.60 63.06
C ASP F 28 -24.45 56.75 61.58
N ASN F 29 -25.13 57.62 60.83
CA ASN F 29 -24.84 58.11 59.48
C ASN F 29 -25.13 57.10 58.37
N ILE F 30 -25.38 55.83 58.73
CA ILE F 30 -25.76 54.85 57.71
C ILE F 30 -27.12 55.22 57.14
N GLN F 31 -27.91 55.95 57.93
CA GLN F 31 -29.22 56.46 57.61
C GLN F 31 -29.20 57.58 56.57
N GLY F 32 -28.04 58.12 56.20
CA GLY F 32 -28.15 59.09 55.12
C GLY F 32 -28.48 58.52 53.77
N ILE F 33 -28.38 57.20 53.59
CA ILE F 33 -28.87 56.55 52.36
C ILE F 33 -30.32 56.22 52.70
N THR F 34 -31.19 57.19 52.50
CA THR F 34 -32.54 57.08 53.03
C THR F 34 -33.40 56.09 52.22
N LYS F 35 -34.49 55.69 52.87
CA LYS F 35 -35.50 54.84 52.25
C LYS F 35 -36.04 55.40 50.93
N PRO F 36 -36.49 56.65 50.83
CA PRO F 36 -36.97 57.15 49.54
C PRO F 36 -35.88 57.17 48.46
N ALA F 37 -34.63 57.36 48.83
CA ALA F 37 -33.56 57.32 47.83
C ALA F 37 -33.41 55.90 47.31
N ILE F 38 -33.53 54.91 48.20
CA ILE F 38 -33.44 53.53 47.78
C ILE F 38 -34.63 53.18 46.90
N ARG F 39 -35.81 53.69 47.25
CA ARG F 39 -36.98 53.47 46.41
C ARG F 39 -36.75 54.02 45.01
N ARG F 40 -36.19 55.24 44.93
CA ARG F 40 -35.92 55.83 43.62
C ARG F 40 -34.93 54.98 42.83
N LEU F 41 -33.88 54.52 43.49
CA LEU F 41 -32.89 53.66 42.85
C LEU F 41 -33.54 52.37 42.37
N ALA F 42 -34.44 51.81 43.18
CA ALA F 42 -35.16 50.59 42.80
C ALA F 42 -36.06 50.87 41.60
N ARG F 43 -36.63 52.07 41.54
CA ARG F 43 -37.42 52.45 40.38
C ARG F 43 -36.55 52.45 39.14
N ARG F 44 -35.32 52.98 39.24
CA ARG F 44 -34.42 52.89 38.09
C ARG F 44 -34.09 51.46 37.76
N GLY F 45 -34.03 50.60 38.77
CA GLY F 45 -33.89 49.18 38.56
C GLY F 45 -35.15 48.49 38.07
N GLY F 46 -36.25 49.23 37.93
CA GLY F 46 -37.49 48.65 37.45
C GLY F 46 -38.31 48.00 38.52
N VAL F 47 -38.04 48.30 39.79
CA VAL F 47 -38.72 47.69 40.91
C VAL F 47 -40.02 48.42 41.25
N LYS F 48 -41.11 47.68 41.35
CA LYS F 48 -42.42 48.23 41.66
C LYS F 48 -42.76 48.13 43.14
N ARG F 49 -42.36 47.06 43.82
CA ARG F 49 -42.71 46.83 45.21
C ARG F 49 -41.47 46.30 45.93
N ILE F 50 -41.24 46.78 47.16
CA ILE F 50 -40.02 46.52 47.92
C ILE F 50 -40.39 46.11 49.34
N SER F 51 -39.90 44.96 49.80
CA SER F 51 -40.16 44.60 51.19
C SER F 51 -39.52 45.61 52.13
N GLY F 52 -40.15 45.81 53.29
CA GLY F 52 -39.62 46.75 54.26
C GLY F 52 -38.27 46.39 54.84
N LEU F 53 -37.94 45.11 54.87
CA LEU F 53 -36.65 44.68 55.42
C LEU F 53 -35.50 44.84 54.43
N ILE F 54 -35.79 45.11 53.17
CA ILE F 54 -34.76 45.27 52.14
C ILE F 54 -33.82 46.44 52.44
N TYR F 55 -34.38 47.54 52.95
CA TYR F 55 -33.61 48.78 53.06
C TYR F 55 -32.37 48.67 53.93
N GLU F 56 -32.51 48.10 55.13
CA GLU F 56 -31.33 47.99 55.97
C GLU F 56 -30.32 47.03 55.38
N GLU F 57 -30.79 45.95 54.77
CA GLU F 57 -29.87 45.02 54.16
C GLU F 57 -29.12 45.70 53.03
N THR F 58 -29.85 46.47 52.23
CA THR F 58 -29.23 47.16 51.12
C THR F 58 -28.17 48.12 51.62
N ARG F 59 -28.45 48.77 52.74
CA ARG F 59 -27.47 49.71 53.29
C ARG F 59 -26.21 48.98 53.66
N GLY F 60 -26.37 47.80 54.27
CA GLY F 60 -25.23 46.98 54.65
C GLY F 60 -24.46 46.53 53.43
N VAL F 61 -25.18 46.14 52.39
CA VAL F 61 -24.56 45.69 51.16
C VAL F 61 -23.72 46.82 50.58
N LEU F 62 -24.25 48.05 50.63
CA LEU F 62 -23.51 49.17 50.07
C LEU F 62 -22.23 49.38 50.85
N LYS F 63 -22.29 49.23 52.18
CA LYS F 63 -21.08 49.40 52.97
C LYS F 63 -19.97 48.47 52.56
N VAL F 64 -20.29 47.21 52.28
CA VAL F 64 -19.22 46.31 51.87
C VAL F 64 -18.60 46.78 50.58
N PHE F 65 -19.46 47.09 49.60
CA PHE F 65 -18.97 47.57 48.31
C PHE F 65 -18.12 48.81 48.51
N LEU F 66 -18.68 49.77 49.25
CA LEU F 66 -17.99 51.02 49.49
C LEU F 66 -16.70 50.77 50.24
N GLU F 67 -16.79 49.97 51.31
CA GLU F 67 -15.63 49.64 52.12
C GLU F 67 -14.48 49.16 51.27
N ASN F 68 -14.73 48.21 50.37
CA ASN F 68 -13.63 47.71 49.57
C ASN F 68 -13.04 48.76 48.65
N VAL F 69 -13.92 49.53 47.98
CA VAL F 69 -13.46 50.50 47.00
C VAL F 69 -12.66 51.61 47.64
N ILE F 70 -13.20 52.21 48.68
CA ILE F 70 -12.51 53.35 49.28
C ILE F 70 -11.18 52.91 49.86
N ARG F 71 -11.11 51.70 50.43
CA ARG F 71 -9.84 51.23 50.97
C ARG F 71 -8.77 51.27 49.89
N ASP F 72 -9.11 50.76 48.72
CA ASP F 72 -8.12 50.75 47.66
C ASP F 72 -7.86 52.16 47.19
N ALA F 73 -8.93 52.97 47.08
CA ALA F 73 -8.74 54.35 46.70
C ALA F 73 -7.81 55.03 47.68
N VAL F 74 -8.04 54.79 48.97
CA VAL F 74 -7.21 55.41 49.98
C VAL F 74 -5.81 54.84 49.94
N THR F 75 -5.69 53.56 49.57
CA THR F 75 -4.38 52.96 49.43
C THR F 75 -3.59 53.66 48.34
N TYR F 76 -4.26 54.00 47.23
CA TYR F 76 -3.59 54.73 46.16
C TYR F 76 -3.18 56.09 46.67
N THR F 77 -4.04 56.69 47.49
CA THR F 77 -3.79 57.99 48.08
C THR F 77 -2.52 57.95 48.90
N GLU F 78 -2.39 56.93 49.74
CA GLU F 78 -1.22 56.85 50.61
C GLU F 78 0.06 56.76 49.80
N HIS F 79 0.05 56.02 48.69
CA HIS F 79 1.28 55.91 47.90
C HIS F 79 1.76 57.25 47.37
N ALA F 80 0.84 58.13 47.01
CA ALA F 80 1.23 59.43 46.48
C ALA F 80 1.64 60.42 47.57
N LYS F 81 1.50 60.05 48.84
CA LYS F 81 1.83 60.93 49.96
C LYS F 81 0.97 62.17 49.94
N ARG F 82 -0.31 61.99 49.62
CA ARG F 82 -1.27 63.06 49.53
C ARG F 82 -2.25 62.89 50.66
N LYS F 83 -2.82 64.00 51.11
CA LYS F 83 -3.86 63.99 52.14
C LYS F 83 -5.24 64.28 51.57
N THR F 84 -5.36 64.40 50.26
CA THR F 84 -6.60 64.74 49.58
C THR F 84 -6.91 63.61 48.62
N VAL F 85 -8.08 63.01 48.77
CA VAL F 85 -8.54 61.96 47.88
C VAL F 85 -9.01 62.59 46.57
N THR F 86 -8.40 62.18 45.46
CA THR F 86 -8.75 62.73 44.16
C THR F 86 -9.73 61.79 43.46
N ALA F 87 -10.38 62.33 42.42
CA ALA F 87 -11.24 61.54 41.56
C ALA F 87 -10.48 60.40 40.87
N MET F 88 -9.22 60.64 40.55
CA MET F 88 -8.40 59.64 39.88
C MET F 88 -8.19 58.42 40.75
N ASP F 89 -8.05 58.62 42.06
CA ASP F 89 -7.92 57.49 42.97
C ASP F 89 -9.15 56.60 42.88
N VAL F 90 -10.32 57.23 42.82
CA VAL F 90 -11.57 56.49 42.71
C VAL F 90 -11.62 55.73 41.39
N VAL F 91 -11.29 56.42 40.30
CA VAL F 91 -11.32 55.79 38.98
C VAL F 91 -10.41 54.56 38.94
N TYR F 92 -9.20 54.66 39.47
CA TYR F 92 -8.30 53.51 39.46
C TYR F 92 -8.81 52.38 40.35
N ALA F 93 -9.29 52.73 41.55
CA ALA F 93 -9.86 51.73 42.45
C ALA F 93 -11.02 50.99 41.80
N LEU F 94 -11.87 51.72 41.08
CA LEU F 94 -13.02 51.12 40.43
C LEU F 94 -12.60 50.24 39.27
N LYS F 95 -11.63 50.70 38.47
CA LYS F 95 -11.12 49.91 37.37
C LYS F 95 -10.59 48.57 37.86
N ARG F 96 -9.80 48.58 38.94
CA ARG F 96 -9.24 47.32 39.41
C ARG F 96 -10.31 46.38 39.97
N GLN F 97 -11.49 46.89 40.30
CA GLN F 97 -12.61 46.06 40.69
C GLN F 97 -13.47 45.66 39.50
N GLY F 98 -12.96 45.84 38.28
CA GLY F 98 -13.73 45.49 37.10
C GLY F 98 -14.98 46.29 36.92
N ARG F 99 -14.98 47.55 37.38
CA ARG F 99 -16.13 48.44 37.26
C ARG F 99 -15.70 49.78 36.68
N THR F 100 -15.02 49.72 35.52
CA THR F 100 -14.55 50.89 34.80
C THR F 100 -15.64 51.95 34.71
N LEU F 101 -15.28 53.19 35.07
CA LEU F 101 -16.20 54.32 35.05
C LEU F 101 -15.74 55.34 34.03
N TYR F 102 -16.65 55.78 33.17
CA TYR F 102 -16.40 56.80 32.18
C TYR F 102 -16.98 58.14 32.61
N GLY F 103 -16.29 59.22 32.24
CA GLY F 103 -16.77 60.58 32.46
C GLY F 103 -16.03 61.47 33.43
N PHE F 104 -15.02 60.98 34.16
CA PHE F 104 -14.36 61.78 35.19
C PHE F 104 -12.86 61.92 34.93
N GLY F 105 -12.42 61.71 33.70
CA GLY F 105 -11.02 61.88 33.37
C GLY F 105 -10.33 60.54 33.50
N GLY F 106 -9.97 59.95 32.37
CA GLY F 106 -9.44 58.60 32.37
C GLY F 106 -10.52 57.58 32.64
N LYS G 13 41.99 43.60 43.39
CA LYS G 13 40.59 43.17 43.45
C LYS G 13 40.46 41.97 44.39
N ALA G 14 39.80 42.20 45.53
CA ALA G 14 39.67 41.17 46.56
C ALA G 14 38.88 39.97 46.04
N ARG G 15 37.70 40.22 45.48
CA ARG G 15 36.82 39.18 44.93
C ARG G 15 36.47 38.15 46.01
N ALA G 16 35.70 38.63 46.99
CA ALA G 16 35.25 37.79 48.09
C ALA G 16 34.40 36.63 47.57
N LYS G 17 34.08 35.70 48.48
CA LYS G 17 33.39 34.48 48.11
C LYS G 17 31.99 34.78 47.58
N ALA G 18 31.50 33.87 46.74
CA ALA G 18 30.23 34.06 46.05
C ALA G 18 29.07 33.58 46.94
N LYS G 19 28.91 34.29 48.05
CA LYS G 19 27.65 34.35 48.78
C LYS G 19 26.54 34.75 47.81
N THR G 20 25.28 34.44 48.14
CA THR G 20 24.16 34.84 47.29
C THR G 20 23.21 35.75 48.07
N ARG G 21 22.44 36.51 47.28
CA ARG G 21 21.50 37.48 47.83
C ARG G 21 20.36 36.84 48.59
N SER G 22 19.94 35.64 48.18
CA SER G 22 18.89 34.94 48.92
C SER G 22 19.37 34.62 50.33
N SER G 23 20.63 34.21 50.44
CA SER G 23 21.22 33.92 51.74
C SER G 23 21.34 35.18 52.58
N ARG G 24 21.72 36.29 51.97
CA ARG G 24 21.82 37.54 52.71
C ARG G 24 20.46 37.99 53.22
N ALA G 25 19.43 37.89 52.39
CA ALA G 25 18.10 38.26 52.86
C ALA G 25 17.48 37.20 53.78
N GLY G 26 18.08 36.02 53.86
CA GLY G 26 17.55 34.95 54.69
C GLY G 26 16.32 34.29 54.12
N LEU G 27 16.17 34.26 52.80
CA LEU G 27 14.99 33.74 52.14
C LEU G 27 15.33 32.50 51.33
N GLN G 28 14.30 31.73 51.00
CA GLN G 28 14.42 30.58 50.11
C GLN G 28 14.02 30.85 48.66
N PHE G 29 13.04 31.73 48.39
CA PHE G 29 12.67 32.01 47.01
C PHE G 29 13.77 32.77 46.28
N PRO G 30 13.87 32.59 44.96
CA PRO G 30 15.00 33.14 44.21
C PRO G 30 14.87 34.62 43.88
N VAL G 31 15.65 35.43 44.58
CA VAL G 31 15.65 36.87 44.35
C VAL G 31 16.13 37.17 42.95
N GLY G 32 17.22 36.51 42.56
CA GLY G 32 17.82 36.71 41.25
C GLY G 32 16.88 36.48 40.08
N ARG G 33 16.13 35.39 40.10
CA ARG G 33 15.20 35.14 39.00
C ARG G 33 14.13 36.23 38.95
N VAL G 34 13.60 36.62 40.10
CA VAL G 34 12.58 37.67 40.11
C VAL G 34 13.15 38.95 39.53
N HIS G 35 14.40 39.28 39.88
CA HIS G 35 15.07 40.45 39.32
C HIS G 35 15.18 40.35 37.80
N ARG G 36 15.61 39.19 37.29
CA ARG G 36 15.74 39.01 35.85
C ARG G 36 14.38 39.13 35.15
N LEU G 37 13.35 38.53 35.74
CA LEU G 37 12.00 38.62 35.17
C LEU G 37 11.49 40.04 35.20
N LEU G 38 11.85 40.80 36.22
CA LEU G 38 11.46 42.20 36.27
C LEU G 38 12.16 42.98 35.18
N ARG G 39 13.47 42.76 35.00
CA ARG G 39 14.19 43.47 33.95
C ARG G 39 13.58 43.16 32.59
N LYS G 40 13.27 41.89 32.33
CA LYS G 40 12.73 41.44 31.06
C LYS G 40 11.21 41.35 31.11
N GLY G 41 10.52 42.22 30.38
CA GLY G 41 9.06 42.18 30.36
C GLY G 41 8.31 43.49 30.25
N ASN G 42 9.04 44.59 30.06
CA ASN G 42 8.44 45.92 29.93
C ASN G 42 7.50 46.27 31.07
N TYR G 43 7.98 46.12 32.30
CA TYR G 43 7.19 46.46 33.49
C TYR G 43 7.51 47.88 33.94
N SER G 44 8.79 48.23 33.92
CA SER G 44 9.22 49.58 34.28
C SER G 44 10.58 49.77 33.65
N GLU G 45 11.00 51.02 33.51
CA GLU G 45 12.35 51.23 32.98
C GLU G 45 13.42 50.78 33.95
N ARG G 46 13.19 51.03 35.23
CA ARG G 46 14.14 50.72 36.29
C ARG G 46 13.40 49.98 37.41
N VAL G 47 14.15 49.21 38.19
CA VAL G 47 13.59 48.43 39.29
C VAL G 47 14.44 48.60 40.55
N GLY G 48 13.80 49.00 41.66
CA GLY G 48 14.52 49.18 42.89
C GLY G 48 15.03 47.88 43.50
N ALA G 49 16.07 48.04 44.31
CA ALA G 49 16.72 46.92 44.97
C ALA G 49 15.83 46.19 45.97
N GLY G 50 14.96 46.92 46.68
CA GLY G 50 14.11 46.27 47.66
C GLY G 50 12.89 45.57 47.11
N ALA G 51 12.40 46.00 45.95
CA ALA G 51 11.19 45.39 45.38
C ALA G 51 11.30 43.88 45.23
N PRO G 52 12.33 43.32 44.57
CA PRO G 52 12.37 41.86 44.45
C PRO G 52 12.57 41.13 45.75
N VAL G 53 13.21 41.74 46.76
CA VAL G 53 13.37 41.06 48.04
C VAL G 53 12.01 40.94 48.73
N TYR G 54 11.29 42.07 48.79
CA TYR G 54 9.98 42.11 49.43
C TYR G 54 9.02 41.16 48.72
N LEU G 55 9.00 41.25 47.40
CA LEU G 55 8.12 40.40 46.61
C LEU G 55 8.48 38.93 46.82
N ALA G 56 9.77 38.60 46.81
CA ALA G 56 10.19 37.22 47.02
C ALA G 56 9.74 36.72 48.38
N ALA G 57 9.80 37.57 49.40
CA ALA G 57 9.37 37.17 50.73
C ALA G 57 7.87 36.90 50.74
N VAL G 58 7.11 37.72 50.02
CA VAL G 58 5.67 37.54 49.94
C VAL G 58 5.34 36.24 49.23
N LEU G 59 6.03 35.98 48.13
CA LEU G 59 5.81 34.75 47.37
C LEU G 59 6.14 33.52 48.20
N GLU G 60 7.19 33.60 49.03
CA GLU G 60 7.55 32.47 49.87
C GLU G 60 6.51 32.24 50.95
N TYR G 61 6.04 33.32 51.59
CA TYR G 61 5.02 33.20 52.62
C TYR G 61 3.76 32.55 52.05
N LEU G 62 3.31 33.03 50.88
CA LEU G 62 2.08 32.50 50.28
C LEU G 62 2.25 31.03 49.92
N THR G 63 3.44 30.66 49.42
CA THR G 63 3.70 29.26 49.10
C THR G 63 3.64 28.40 50.37
N ALA G 64 4.22 28.90 51.46
CA ALA G 64 4.22 28.15 52.70
C ALA G 64 2.80 27.94 53.21
N GLU G 65 1.95 28.97 53.11
CA GLU G 65 0.58 28.86 53.61
C GLU G 65 -0.19 27.79 52.84
N ILE G 66 -0.05 27.81 51.51
CA ILE G 66 -0.73 26.82 50.69
C ILE G 66 -0.24 25.42 51.04
N LEU G 67 1.08 25.22 51.05
CA LEU G 67 1.63 23.90 51.37
C LEU G 67 1.20 23.43 52.77
N GLU G 68 1.11 24.35 53.73
CA GLU G 68 0.65 24.02 55.08
C GLU G 68 -0.74 23.41 55.05
N LEU G 69 -1.66 24.09 54.37
CA LEU G 69 -3.02 23.56 54.30
C LEU G 69 -3.07 22.26 53.52
N ALA G 70 -2.31 22.17 52.42
CA ALA G 70 -2.32 20.93 51.67
C ALA G 70 -1.77 19.78 52.50
N GLY G 71 -0.75 20.03 53.33
CA GLY G 71 -0.24 18.99 54.19
C GLY G 71 -1.24 18.55 55.22
N ASN G 72 -2.05 19.49 55.70
CA ASN G 72 -3.10 19.13 56.67
C ASN G 72 -4.18 18.29 56.01
N ALA G 73 -4.59 18.67 54.81
CA ALA G 73 -5.60 17.89 54.09
C ALA G 73 -5.07 16.52 53.75
N ALA G 74 -3.79 16.42 53.41
CA ALA G 74 -3.17 15.14 53.11
C ALA G 74 -3.15 14.23 54.34
N ARG G 75 -2.81 14.78 55.51
CA ARG G 75 -2.80 13.95 56.70
C ARG G 75 -4.21 13.50 57.07
N ASP G 76 -5.20 14.38 56.91
CA ASP G 76 -6.57 13.98 57.20
C ASP G 76 -7.01 12.84 56.30
N ASN G 77 -6.53 12.81 55.05
CA ASN G 77 -6.86 11.76 54.11
C ASN G 77 -5.88 10.58 54.18
N LYS G 78 -4.99 10.59 55.17
CA LYS G 78 -3.98 9.56 55.34
C LYS G 78 -3.09 9.41 54.11
N LYS G 79 -2.79 10.52 53.44
CA LYS G 79 -1.94 10.51 52.25
C LYS G 79 -0.62 11.20 52.57
N THR G 80 0.47 10.58 52.13
CA THR G 80 1.81 11.13 52.30
C THR G 80 2.28 12.05 51.18
N ARG G 81 1.62 12.07 50.03
CA ARG G 81 1.97 12.94 48.92
C ARG G 81 0.93 14.03 48.68
N ILE G 82 1.40 15.27 48.51
CA ILE G 82 0.50 16.34 48.13
C ILE G 82 0.10 16.15 46.68
N ILE G 83 -1.21 16.17 46.43
CA ILE G 83 -1.76 16.06 45.08
C ILE G 83 -2.60 17.30 44.75
N PRO G 84 -2.97 17.53 43.48
CA PRO G 84 -3.80 18.69 43.13
C PRO G 84 -5.07 18.81 43.96
N ARG G 85 -5.63 17.66 44.33
CA ARG G 85 -6.83 17.60 45.14
C ARG G 85 -6.63 18.34 46.45
N HIS G 86 -5.47 18.16 47.07
CA HIS G 86 -5.19 18.81 48.34
C HIS G 86 -5.07 20.32 48.19
N LEU G 87 -4.57 20.80 47.05
CA LEU G 87 -4.52 22.25 46.85
C LEU G 87 -5.91 22.83 46.66
N GLN G 88 -6.75 22.14 45.90
CA GLN G 88 -8.11 22.63 45.71
C GLN G 88 -8.87 22.66 47.04
N LEU G 89 -8.81 21.55 47.79
CA LEU G 89 -9.49 21.47 49.08
C LEU G 89 -8.99 22.55 50.03
N ALA G 90 -7.67 22.76 50.08
CA ALA G 90 -7.09 23.79 50.93
C ALA G 90 -7.59 25.19 50.55
N ILE G 91 -7.56 25.50 49.26
CA ILE G 91 -7.92 26.84 48.79
C ILE G 91 -9.40 27.12 49.03
N ARG G 92 -10.28 26.19 48.65
CA ARG G 92 -11.70 26.44 48.81
C ARG G 92 -12.14 26.46 50.27
N ASN G 93 -11.40 25.81 51.16
CA ASN G 93 -11.74 25.85 52.58
C ASN G 93 -11.16 27.07 53.31
N ASP G 94 -10.39 27.91 52.64
CA ASP G 94 -9.83 29.14 53.21
C ASP G 94 -10.49 30.34 52.55
N GLU G 95 -11.21 31.13 53.35
CA GLU G 95 -11.98 32.27 52.84
C GLU G 95 -11.12 33.25 52.03
N GLU G 96 -9.93 33.58 52.51
CA GLU G 96 -9.12 34.56 51.80
C GLU G 96 -8.49 33.98 50.56
N LEU G 97 -8.02 32.74 50.63
CA LEU G 97 -7.46 32.12 49.44
C LEU G 97 -8.57 31.82 48.44
N ASN G 98 -9.76 31.47 48.93
CA ASN G 98 -10.88 31.21 48.05
C ASN G 98 -11.25 32.47 47.29
N LYS G 99 -11.24 33.61 47.97
CA LYS G 99 -11.49 34.88 47.30
C LYS G 99 -10.41 35.16 46.26
N LEU G 100 -9.13 35.05 46.65
CA LEU G 100 -8.06 35.31 45.69
C LEU G 100 -8.17 34.43 44.45
N LEU G 101 -8.51 33.17 44.62
CA LEU G 101 -8.62 32.24 43.49
C LEU G 101 -10.09 31.89 43.26
N GLY G 102 -10.97 32.86 43.48
CA GLY G 102 -12.40 32.62 43.35
C GLY G 102 -12.84 32.34 41.94
N ARG G 103 -12.10 32.84 40.96
CA ARG G 103 -12.42 32.67 39.55
C ARG G 103 -11.29 31.92 38.85
N VAL G 104 -10.62 31.03 39.58
CA VAL G 104 -9.49 30.26 39.07
C VAL G 104 -9.90 28.80 39.07
N THR G 105 -9.54 28.09 38.00
CA THR G 105 -9.78 26.65 37.90
C THR G 105 -8.50 25.85 38.06
N ILE G 106 -8.50 24.96 39.05
CA ILE G 106 -7.39 24.04 39.28
C ILE G 106 -7.70 22.74 38.57
N ALA G 107 -6.96 22.45 37.50
CA ALA G 107 -7.17 21.22 36.75
C ALA G 107 -7.06 20.01 37.67
N GLN G 108 -7.97 19.06 37.49
CA GLN G 108 -8.07 17.86 38.33
C GLN G 108 -8.32 18.22 39.78
N GLY G 109 -8.92 19.38 40.04
CA GLY G 109 -9.21 19.80 41.39
C GLY G 109 -10.57 19.34 41.90
N GLY G 110 -11.53 19.22 40.99
CA GLY G 110 -12.88 18.92 41.40
C GLY G 110 -13.50 20.09 42.14
N VAL G 111 -14.51 19.76 42.95
CA VAL G 111 -15.23 20.74 43.75
C VAL G 111 -15.32 20.24 45.20
N LEU G 112 -15.70 21.14 46.10
CA LEU G 112 -15.88 20.78 47.49
C LEU G 112 -17.16 19.97 47.70
N PRO G 113 -17.15 18.96 48.58
CA PRO G 113 -18.41 18.28 48.91
C PRO G 113 -19.48 19.15 49.56
N ASN G 114 -20.00 20.16 48.86
CA ASN G 114 -21.01 21.06 49.43
C ASN G 114 -22.35 20.72 48.77
N ILE G 115 -23.25 20.16 49.57
CA ILE G 115 -24.60 19.82 49.15
C ILE G 115 -25.59 20.69 49.90
N GLN G 116 -26.52 21.31 49.18
CA GLN G 116 -27.53 22.13 49.83
C GLN G 116 -28.46 21.30 50.71
N ALA G 117 -28.57 21.72 51.97
CA ALA G 117 -29.39 21.01 52.97
C ALA G 117 -30.78 20.63 52.48
N VAL G 118 -31.43 21.52 51.72
CA VAL G 118 -32.79 21.28 51.24
C VAL G 118 -32.93 20.05 50.35
N LEU G 119 -31.89 19.65 49.64
CA LEU G 119 -31.98 18.50 48.74
C LEU G 119 -31.80 17.16 49.46
N LEU G 120 -31.30 17.17 50.70
CA LEU G 120 -31.08 15.94 51.42
C LEU G 120 -32.42 15.37 51.89
N PRO G 121 -32.53 14.06 52.07
CA PRO G 121 -33.81 13.47 52.51
C PRO G 121 -34.18 13.86 53.93
N LYS G 122 -35.45 13.61 54.23
CA LYS G 122 -36.11 13.92 55.50
C LYS G 122 -35.31 13.49 56.72
N LYS G 123 -35.56 14.16 57.84
CA LYS G 123 -34.96 13.84 59.12
C LYS G 123 -36.04 13.57 60.17
N ARG H 33 22.40 16.25 19.28
CA ARG H 33 22.90 16.80 20.55
C ARG H 33 22.30 18.18 20.84
N LYS H 34 21.60 18.77 19.86
CA LYS H 34 20.84 19.97 20.10
C LYS H 34 19.84 19.75 21.25
N ARG H 35 19.66 20.77 22.08
CA ARG H 35 18.95 20.59 23.33
C ARG H 35 18.46 21.95 23.85
N SER H 36 17.39 21.89 24.63
CA SER H 36 16.71 23.05 25.20
C SER H 36 16.93 23.10 26.71
N ARG H 37 16.27 24.07 27.36
CA ARG H 37 16.41 24.26 28.80
C ARG H 37 15.17 24.99 29.30
N LYS H 38 14.34 24.30 30.08
CA LYS H 38 13.10 24.83 30.62
C LYS H 38 13.21 25.14 32.11
N GLU H 39 13.12 26.42 32.47
CA GLU H 39 13.21 26.86 33.85
C GLU H 39 11.87 26.74 34.59
N SER H 40 11.96 26.48 35.91
CA SER H 40 10.79 26.46 36.77
C SER H 40 11.19 26.82 38.19
N TYR H 41 10.18 27.04 39.04
CA TYR H 41 10.35 27.34 40.46
C TYR H 41 10.34 26.07 41.32
N SER H 42 10.34 24.88 40.70
CA SER H 42 10.24 23.59 41.38
C SER H 42 11.16 23.43 42.59
N ILE H 43 12.46 23.71 42.43
CA ILE H 43 13.42 23.49 43.51
C ILE H 43 13.12 24.33 44.73
N TYR H 44 12.56 25.52 44.55
CA TYR H 44 12.29 26.39 45.69
C TYR H 44 11.05 25.91 46.43
N VAL H 45 10.07 25.42 45.67
CA VAL H 45 8.88 24.85 46.28
C VAL H 45 9.30 23.63 47.10
N TYR H 46 10.21 22.82 46.55
CA TYR H 46 10.67 21.63 47.25
C TYR H 46 11.46 21.95 48.51
N LYS H 47 12.32 22.98 48.48
CA LYS H 47 13.02 23.34 49.70
C LYS H 47 12.07 23.82 50.77
N VAL H 48 11.13 24.68 50.41
CA VAL H 48 10.18 25.16 51.40
C VAL H 48 9.29 24.02 51.90
N LEU H 49 8.82 23.16 51.00
CA LEU H 49 8.00 22.02 51.41
C LEU H 49 8.74 21.13 52.42
N LYS H 50 10.01 20.83 52.18
CA LYS H 50 10.77 20.02 53.13
C LYS H 50 11.04 20.77 54.43
N GLN H 51 11.07 22.09 54.38
CA GLN H 51 11.24 22.84 55.61
C GLN H 51 9.97 22.80 56.47
N VAL H 52 8.80 22.95 55.85
CA VAL H 52 7.57 22.96 56.63
C VAL H 52 7.10 21.55 56.97
N HIS H 53 7.26 20.59 56.04
CA HIS H 53 6.84 19.21 56.24
C HIS H 53 7.90 18.28 55.65
N PRO H 54 8.96 17.96 56.41
CA PRO H 54 10.06 17.16 55.84
C PRO H 54 9.67 15.84 55.21
N ASP H 55 8.65 15.16 55.72
CA ASP H 55 8.24 13.85 55.22
C ASP H 55 7.01 13.96 54.33
N THR H 56 7.22 14.44 53.10
CA THR H 56 6.12 14.62 52.18
C THR H 56 6.66 14.93 50.80
N GLY H 57 6.05 14.32 49.77
CA GLY H 57 6.39 14.58 48.41
C GLY H 57 5.32 15.43 47.72
N ILE H 58 5.42 15.49 46.40
CA ILE H 58 4.47 16.24 45.61
C ILE H 58 4.49 15.69 44.19
N SER H 59 3.31 15.57 43.59
CA SER H 59 3.27 15.05 42.22
C SER H 59 3.74 16.12 41.23
N SER H 60 4.06 15.66 40.02
CA SER H 60 4.54 16.58 38.99
C SER H 60 3.45 17.51 38.50
N LYS H 61 2.22 17.00 38.37
CA LYS H 61 1.09 17.84 37.99
C LYS H 61 0.86 18.95 39.01
N ALA H 62 0.92 18.59 40.29
CA ALA H 62 0.77 19.59 41.34
C ALA H 62 1.90 20.59 41.31
N MET H 63 3.13 20.14 41.06
CA MET H 63 4.24 21.07 40.97
C MET H 63 4.04 22.05 39.82
N GLY H 64 3.51 21.55 38.70
CA GLY H 64 3.18 22.42 37.59
C GLY H 64 2.14 23.46 37.97
N ILE H 65 1.17 23.05 38.78
CA ILE H 65 0.15 23.99 39.27
C ILE H 65 0.78 25.04 40.17
N MET H 66 1.73 24.64 41.01
CA MET H 66 2.40 25.60 41.89
C MET H 66 3.23 26.58 41.08
N ASN H 67 3.88 26.08 40.01
CA ASN H 67 4.67 26.97 39.15
C ASN H 67 3.78 27.98 38.45
N SER H 68 2.64 27.52 37.93
CA SER H 68 1.66 28.41 37.32
C SER H 68 1.16 29.46 38.30
N PHE H 69 0.89 29.04 39.53
CA PHE H 69 0.38 29.94 40.58
C PHE H 69 1.39 31.06 40.84
N VAL H 70 2.65 30.68 41.08
CA VAL H 70 3.70 31.65 41.36
C VAL H 70 3.80 32.65 40.20
N ASN H 71 3.82 32.12 38.96
CA ASN H 71 3.89 32.98 37.79
C ASN H 71 2.71 33.96 37.72
N ASP H 72 1.51 33.48 38.05
CA ASP H 72 0.32 34.34 38.00
C ASP H 72 0.41 35.49 39.01
N ILE H 73 0.78 35.19 40.26
CA ILE H 73 0.84 36.27 41.24
C ILE H 73 1.97 37.23 40.89
N PHE H 74 3.05 36.72 40.33
CA PHE H 74 4.15 37.56 39.88
C PHE H 74 3.65 38.56 38.85
N GLU H 75 3.00 38.02 37.81
CA GLU H 75 2.53 38.87 36.72
C GLU H 75 1.53 39.92 37.21
N ARG H 76 0.58 39.51 38.08
CA ARG H 76 -0.40 40.43 38.64
C ARG H 76 0.24 41.58 39.40
N ILE H 77 1.20 41.26 40.28
CA ILE H 77 1.81 42.31 41.09
C ILE H 77 2.64 43.25 40.22
N ALA H 78 3.48 42.70 39.34
CA ALA H 78 4.31 43.59 38.54
C ALA H 78 3.46 44.50 37.66
N GLY H 79 2.40 43.96 37.07
CA GLY H 79 1.52 44.78 36.26
C GLY H 79 0.82 45.88 37.04
N GLU H 80 0.34 45.56 38.24
CA GLU H 80 -0.32 46.58 39.04
C GLU H 80 0.67 47.65 39.48
N ALA H 81 1.86 47.25 39.90
CA ALA H 81 2.89 48.21 40.28
C ALA H 81 3.22 49.14 39.13
N SER H 82 3.30 48.58 37.92
CA SER H 82 3.56 49.39 36.73
C SER H 82 2.48 50.45 36.54
N ARG H 83 1.20 50.05 36.63
CA ARG H 83 0.13 51.04 36.50
C ARG H 83 0.21 52.12 37.58
N LEU H 84 0.42 51.74 38.85
CA LEU H 84 0.56 52.74 39.91
C LEU H 84 1.68 53.73 39.61
N ALA H 85 2.86 53.22 39.23
CA ALA H 85 3.98 54.10 38.93
C ALA H 85 3.62 55.05 37.79
N HIS H 86 2.98 54.55 36.75
CA HIS H 86 2.59 55.41 35.64
C HIS H 86 1.61 56.49 36.08
N TYR H 87 0.62 56.13 36.91
CA TYR H 87 -0.36 57.13 37.37
C TYR H 87 0.27 58.27 38.16
N ASN H 88 1.34 57.99 38.89
CA ASN H 88 2.02 59.00 39.71
C ASN H 88 3.25 59.58 39.04
N LYS H 89 3.40 59.35 37.73
CA LYS H 89 4.52 59.87 36.95
C LYS H 89 5.86 59.51 37.58
N ARG H 90 5.98 58.26 38.04
CA ARG H 90 7.19 57.78 38.68
C ARG H 90 7.80 56.72 37.78
N SER H 91 9.11 56.83 37.55
CA SER H 91 9.83 55.89 36.72
C SER H 91 10.45 54.74 37.49
N THR H 92 10.38 54.74 38.83
CA THR H 92 10.98 53.69 39.65
C THR H 92 9.95 52.88 40.41
N ILE H 93 10.12 51.56 40.39
CA ILE H 93 9.35 50.65 41.22
C ILE H 93 10.21 50.31 42.44
N THR H 94 9.73 50.67 43.62
CA THR H 94 10.43 50.39 44.88
C THR H 94 9.63 49.38 45.70
N SER H 95 10.16 49.03 46.87
CA SER H 95 9.44 48.15 47.77
C SER H 95 8.12 48.76 48.22
N ARG H 96 8.02 50.09 48.13
CA ARG H 96 6.80 50.80 48.48
C ARG H 96 5.70 50.45 47.50
N GLU H 97 6.05 50.43 46.21
CA GLU H 97 5.09 50.09 45.17
C GLU H 97 4.64 48.64 45.30
N ILE H 98 5.59 47.76 45.65
CA ILE H 98 5.25 46.36 45.84
C ILE H 98 4.27 46.23 47.01
N GLN H 99 4.57 46.92 48.11
CA GLN H 99 3.73 46.87 49.29
C GLN H 99 2.32 47.34 48.97
N THR H 100 2.22 48.48 48.29
CA THR H 100 0.92 49.01 47.92
C THR H 100 0.16 48.05 47.02
N ALA H 101 0.84 47.50 46.01
CA ALA H 101 0.20 46.53 45.14
C ALA H 101 -0.32 45.33 45.91
N VAL H 102 0.48 44.83 46.85
CA VAL H 102 0.08 43.71 47.69
C VAL H 102 -1.16 44.05 48.49
N ARG H 103 -1.16 45.23 49.10
CA ARG H 103 -2.32 45.64 49.90
C ARG H 103 -3.56 45.80 49.05
N LEU H 104 -3.39 46.21 47.80
CA LEU H 104 -4.55 46.34 46.92
C LEU H 104 -5.08 44.99 46.46
N LEU H 105 -4.20 44.04 46.14
CA LEU H 105 -4.70 42.80 45.53
C LEU H 105 -5.11 41.74 46.55
N LEU H 106 -4.37 41.61 47.66
CA LEU H 106 -4.66 40.55 48.62
C LEU H 106 -5.57 41.03 49.75
N PRO H 107 -6.45 40.19 50.30
CA PRO H 107 -7.28 40.62 51.42
C PRO H 107 -6.63 40.45 52.78
N GLY H 108 -7.14 41.23 53.72
CA GLY H 108 -6.81 41.29 55.14
C GLY H 108 -5.56 40.73 55.80
N GLU H 109 -5.74 39.65 56.55
CA GLU H 109 -4.63 39.09 57.33
C GLU H 109 -3.54 38.46 56.46
N LEU H 110 -3.90 37.96 55.27
CA LEU H 110 -2.86 37.39 54.44
C LEU H 110 -1.91 38.50 54.00
N ALA H 111 -2.49 39.65 53.68
CA ALA H 111 -1.72 40.81 53.29
C ALA H 111 -0.88 41.31 54.45
N LYS H 112 -1.46 41.38 55.65
CA LYS H 112 -0.68 41.86 56.80
C LYS H 112 0.52 40.97 57.10
N HIS H 113 0.35 39.65 57.04
CA HIS H 113 1.49 38.78 57.35
C HIS H 113 2.51 38.81 56.23
N ALA H 114 2.06 38.84 54.99
CA ALA H 114 2.98 38.94 53.86
C ALA H 114 3.77 40.24 53.93
N VAL H 115 3.09 41.34 54.26
CA VAL H 115 3.73 42.64 54.38
C VAL H 115 4.77 42.62 55.49
N SER H 116 4.44 42.02 56.63
CA SER H 116 5.37 41.91 57.74
C SER H 116 6.60 41.10 57.34
N GLU H 117 6.41 40.04 56.58
CA GLU H 117 7.53 39.22 56.14
C GLU H 117 8.41 39.98 55.17
N GLY H 118 7.80 40.69 54.23
CA GLY H 118 8.59 41.47 53.29
C GLY H 118 9.38 42.56 53.97
N THR H 119 8.76 43.25 54.93
CA THR H 119 9.48 44.30 55.66
C THR H 119 10.66 43.72 56.43
N LYS H 120 10.43 42.62 57.15
CA LYS H 120 11.52 41.97 57.87
C LYS H 120 12.65 41.57 56.94
N ALA H 121 12.30 41.06 55.76
CA ALA H 121 13.32 40.62 54.82
C ALA H 121 14.12 41.78 54.26
N VAL H 122 13.47 42.87 53.89
CA VAL H 122 14.20 44.02 53.34
C VAL H 122 15.10 44.65 54.41
N THR H 123 14.60 44.78 55.65
CA THR H 123 15.43 45.38 56.69
C THR H 123 16.62 44.48 57.02
N LYS H 124 16.42 43.17 57.01
CA LYS H 124 17.53 42.27 57.28
C LYS H 124 18.54 42.34 56.13
N TYR H 125 18.05 42.49 54.90
CA TYR H 125 18.92 42.58 53.74
C TYR H 125 19.83 43.81 53.81
N THR H 126 19.27 44.99 54.12
CA THR H 126 20.12 46.20 54.15
C THR H 126 21.23 46.11 55.20
N SER H 127 20.99 45.40 56.30
CA SER H 127 22.03 45.27 57.33
C SER H 127 23.13 44.27 56.97
N ALA H 128 22.82 43.20 56.24
CA ALA H 128 23.83 42.19 55.94
C ALA H 128 24.64 42.51 54.69
N LYS H 129 24.70 43.78 54.29
CA LYS H 129 25.51 44.17 53.14
C LYS H 129 26.99 44.00 53.46
N MET K 24 20.11 -44.60 -6.29
CA MET K 24 19.81 -46.05 -6.11
C MET K 24 19.14 -46.61 -7.36
N SER K 25 18.49 -45.73 -8.15
CA SER K 25 18.05 -46.07 -9.49
C SER K 25 19.09 -45.58 -10.47
N TYR K 26 19.69 -46.52 -11.20
CA TYR K 26 20.63 -46.20 -12.26
C TYR K 26 20.08 -46.77 -13.56
N ASN K 27 19.98 -45.91 -14.56
CA ASN K 27 19.36 -46.22 -15.83
C ASN K 27 20.29 -45.85 -16.98
N TYR K 28 20.02 -46.47 -18.12
CA TYR K 28 20.80 -46.32 -19.34
C TYR K 28 19.85 -45.98 -20.46
N VAL K 29 20.14 -44.88 -21.17
CA VAL K 29 19.32 -44.37 -22.24
C VAL K 29 20.19 -44.29 -23.49
N VAL K 30 19.65 -44.79 -24.61
CA VAL K 30 20.42 -44.83 -25.84
C VAL K 30 19.46 -44.59 -27.00
N THR K 31 19.99 -43.99 -28.06
CA THR K 31 19.23 -43.76 -29.28
C THR K 31 19.14 -45.06 -30.08
N ALA K 32 17.93 -45.49 -30.44
CA ALA K 32 17.74 -46.62 -31.32
C ALA K 32 17.56 -46.21 -32.78
N GLN K 33 16.86 -45.11 -33.04
CA GLN K 33 16.73 -44.53 -34.37
C GLN K 33 16.87 -43.03 -34.20
N LYS K 34 17.87 -42.43 -34.85
CA LYS K 34 18.02 -40.99 -34.77
C LYS K 34 16.82 -40.24 -35.36
N PRO K 35 16.62 -38.99 -34.95
CA PRO K 35 15.53 -38.18 -35.52
C PRO K 35 15.65 -38.04 -37.03
N THR K 36 14.50 -38.10 -37.71
CA THR K 36 14.47 -38.07 -39.16
C THR K 36 13.85 -36.79 -39.71
N ALA K 37 13.07 -36.07 -38.91
CA ALA K 37 12.48 -34.82 -39.37
C ALA K 37 13.58 -33.79 -39.59
N VAL K 38 13.40 -32.94 -40.60
CA VAL K 38 14.33 -31.87 -40.93
C VAL K 38 13.77 -30.58 -40.35
N ASN K 39 14.57 -29.94 -39.49
CA ASN K 39 14.21 -28.67 -38.87
C ASN K 39 14.75 -27.46 -39.63
N GLY K 40 15.78 -27.64 -40.45
CA GLY K 40 16.35 -26.55 -41.20
C GLY K 40 17.26 -27.06 -42.30
N CYS K 41 17.42 -26.27 -43.36
CA CYS K 41 18.28 -26.66 -44.46
C CYS K 41 18.80 -25.41 -45.14
N VAL K 42 20.07 -25.42 -45.51
CA VAL K 42 20.67 -24.31 -46.23
C VAL K 42 21.58 -24.86 -47.31
N THR K 43 21.79 -24.03 -48.33
CA THR K 43 22.71 -24.32 -49.42
C THR K 43 23.79 -23.27 -49.44
N GLY K 44 24.95 -23.64 -49.99
CA GLY K 44 26.01 -22.66 -50.12
C GLY K 44 27.29 -23.31 -50.57
N HIS K 45 28.41 -22.66 -50.25
CA HIS K 45 29.72 -23.08 -50.72
C HIS K 45 30.58 -23.26 -49.47
N PHE K 46 30.35 -24.38 -48.79
CA PHE K 46 30.94 -24.65 -47.48
C PHE K 46 32.17 -25.55 -47.58
N THR K 47 32.09 -26.60 -48.40
CA THR K 47 33.19 -27.55 -48.51
C THR K 47 34.26 -27.07 -49.47
N SER K 48 33.89 -26.25 -50.45
CA SER K 48 34.84 -25.59 -51.34
C SER K 48 34.12 -24.46 -52.06
N ALA K 49 34.89 -23.53 -52.61
CA ALA K 49 34.27 -22.43 -53.35
C ALA K 49 33.55 -22.91 -54.60
N GLU K 50 33.97 -24.05 -55.17
CA GLU K 50 33.37 -24.56 -56.39
C GLU K 50 32.21 -25.49 -56.12
N ASP K 51 32.16 -26.10 -54.94
CA ASP K 51 31.10 -27.04 -54.61
C ASP K 51 29.83 -26.31 -54.22
N LEU K 52 28.70 -26.87 -54.62
CA LEU K 52 27.42 -26.53 -54.05
C LEU K 52 27.12 -27.56 -52.97
N ASN K 53 27.02 -27.11 -51.72
CA ASN K 53 26.73 -28.01 -50.61
C ASN K 53 25.27 -27.81 -50.20
N LEU K 54 24.70 -28.88 -49.67
CA LEU K 54 23.47 -28.85 -48.89
C LEU K 54 23.76 -29.28 -47.45
N LEU K 55 23.37 -28.44 -46.50
CA LEU K 55 23.45 -28.77 -45.09
C LEU K 55 22.05 -28.93 -44.55
N ILE K 56 21.81 -30.02 -43.80
CA ILE K 56 20.51 -30.39 -43.28
C ILE K 56 20.61 -30.60 -41.78
N ALA K 57 19.73 -29.95 -41.02
CA ALA K 57 19.65 -30.09 -39.57
C ALA K 57 18.46 -30.99 -39.22
N LYS K 58 18.73 -32.07 -38.51
CA LYS K 58 17.67 -32.92 -37.95
C LYS K 58 17.85 -32.94 -36.44
N ASN K 59 17.49 -31.82 -35.84
CA ASN K 59 17.53 -31.55 -34.41
C ASN K 59 18.97 -31.55 -33.92
N THR K 60 19.46 -32.72 -33.49
CA THR K 60 20.82 -32.85 -32.97
C THR K 60 21.82 -33.23 -34.05
N ARG K 61 21.36 -33.58 -35.25
CA ARG K 61 22.24 -34.06 -36.30
C ARG K 61 22.43 -33.02 -37.39
N LEU K 62 23.65 -32.95 -37.93
CA LEU K 62 23.97 -32.10 -39.06
C LEU K 62 24.54 -32.98 -40.16
N GLU K 63 23.90 -32.96 -41.32
CA GLU K 63 24.33 -33.71 -42.49
C GLU K 63 24.81 -32.75 -43.58
N ILE K 64 25.94 -33.06 -44.19
CA ILE K 64 26.53 -32.28 -45.27
C ILE K 64 26.56 -33.19 -46.48
N TYR K 65 26.00 -32.69 -47.58
CA TYR K 65 25.94 -33.36 -48.87
C TYR K 65 26.57 -32.42 -49.90
N VAL K 66 27.07 -33.01 -50.98
CA VAL K 66 27.36 -32.25 -52.19
C VAL K 66 26.24 -32.49 -53.19
N VAL K 67 25.77 -31.41 -53.77
CA VAL K 67 24.68 -31.43 -54.74
C VAL K 67 25.25 -31.71 -56.13
N THR K 68 24.72 -32.74 -56.79
CA THR K 68 25.15 -33.11 -58.14
C THR K 68 23.98 -32.96 -59.10
N ALA K 69 24.25 -33.24 -60.38
CA ALA K 69 23.22 -33.14 -61.41
C ALA K 69 22.09 -34.14 -61.19
N GLU K 70 22.39 -35.32 -60.64
CA GLU K 70 21.38 -36.34 -60.47
C GLU K 70 20.66 -36.30 -59.13
N GLY K 71 21.31 -35.81 -58.07
CA GLY K 71 20.66 -35.77 -56.78
C GLY K 71 21.55 -35.33 -55.63
N LEU K 72 21.76 -36.21 -54.65
CA LEU K 72 22.52 -35.90 -53.45
C LEU K 72 23.56 -36.97 -53.19
N ARG K 73 24.80 -36.54 -52.95
CA ARG K 73 25.89 -37.43 -52.54
C ARG K 73 26.20 -37.24 -51.06
N PRO K 74 26.02 -38.20 -50.16
CA PRO K 74 26.37 -37.95 -48.76
C PRO K 74 27.89 -37.82 -48.63
N VAL K 75 28.33 -36.80 -47.89
CA VAL K 75 29.74 -36.60 -47.61
C VAL K 75 30.06 -36.69 -46.12
N LYS K 76 29.18 -36.20 -45.25
CA LYS K 76 29.52 -36.25 -43.83
C LYS K 76 28.27 -36.08 -42.98
N GLU K 77 28.19 -36.87 -41.89
CA GLU K 77 27.13 -36.70 -40.90
C GLU K 77 27.76 -36.62 -39.52
N VAL K 78 27.43 -35.56 -38.78
CA VAL K 78 27.93 -35.33 -37.43
C VAL K 78 26.75 -35.15 -36.49
N GLY K 79 26.95 -35.49 -35.23
CA GLY K 79 26.02 -35.10 -34.17
C GLY K 79 26.55 -33.86 -33.47
N MET K 80 25.64 -33.00 -33.01
CA MET K 80 25.98 -31.92 -32.10
C MET K 80 25.33 -32.14 -30.75
N TYR K 81 26.00 -31.62 -29.72
CA TYR K 81 25.45 -31.60 -28.36
C TYR K 81 24.46 -30.44 -28.16
N GLY K 82 23.40 -30.44 -28.96
CA GLY K 82 22.43 -29.37 -28.88
C GLY K 82 21.37 -29.49 -29.95
N LYS K 83 20.22 -28.88 -29.67
CA LYS K 83 19.13 -28.76 -30.64
C LYS K 83 19.43 -27.58 -31.57
N ILE K 84 19.61 -27.86 -32.86
CA ILE K 84 19.95 -26.82 -33.81
C ILE K 84 18.75 -25.91 -34.02
N ALA K 85 18.92 -24.61 -33.72
CA ALA K 85 17.86 -23.63 -33.86
C ALA K 85 18.07 -22.66 -35.01
N VAL K 86 19.33 -22.37 -35.34
CA VAL K 86 19.67 -21.47 -36.44
C VAL K 86 20.86 -22.06 -37.20
N MET K 87 20.79 -22.02 -38.53
CA MET K 87 21.86 -22.53 -39.37
C MET K 87 21.90 -21.69 -40.64
N GLU K 88 22.94 -20.88 -40.79
CA GLU K 88 23.09 -19.99 -41.94
C GLU K 88 24.56 -19.92 -42.32
N LEU K 89 24.81 -19.97 -43.63
CA LEU K 89 26.16 -19.84 -44.17
C LEU K 89 26.50 -18.39 -44.46
N PHE K 90 27.78 -18.08 -44.31
CA PHE K 90 28.30 -16.73 -44.53
C PHE K 90 29.78 -16.84 -44.86
N ARG K 91 30.32 -15.78 -45.45
CA ARG K 91 31.70 -15.74 -45.91
C ARG K 91 32.31 -14.39 -45.53
N PRO K 92 33.07 -14.31 -44.43
CA PRO K 92 33.73 -13.04 -44.09
C PRO K 92 34.72 -12.62 -45.16
N LYS K 93 35.05 -11.34 -45.15
CA LYS K 93 36.08 -10.81 -46.04
C LYS K 93 37.40 -11.55 -45.88
N GLY K 94 38.01 -11.85 -47.02
CA GLY K 94 39.29 -12.52 -47.08
C GLY K 94 39.22 -14.04 -47.05
N GLU K 95 38.06 -14.60 -46.76
CA GLU K 95 37.82 -16.03 -46.79
C GLU K 95 37.36 -16.51 -48.16
N SER K 96 37.91 -17.65 -48.59
CA SER K 96 37.63 -18.29 -49.87
C SER K 96 36.37 -19.17 -49.90
N LYS K 97 35.76 -19.53 -48.77
CA LYS K 97 34.52 -20.29 -48.82
C LYS K 97 33.65 -19.98 -47.61
N ASP K 98 32.43 -20.52 -47.63
CA ASP K 98 31.47 -20.20 -46.58
C ASP K 98 31.89 -20.76 -45.23
N LEU K 99 31.55 -20.02 -44.18
CA LEU K 99 31.54 -20.49 -42.80
C LEU K 99 30.10 -20.82 -42.40
N LEU K 100 29.98 -21.52 -41.27
CA LEU K 100 28.70 -22.01 -40.77
C LEU K 100 28.47 -21.47 -39.37
N PHE K 101 27.32 -20.84 -39.14
CA PHE K 101 26.91 -20.43 -37.81
C PHE K 101 25.89 -21.43 -37.28
N ILE K 102 26.11 -21.94 -36.07
CA ILE K 102 25.13 -22.77 -35.38
C ILE K 102 24.83 -22.21 -34.00
N LEU K 103 23.55 -22.20 -33.65
CA LEU K 103 23.08 -21.91 -32.30
C LEU K 103 22.25 -23.07 -31.77
N THR K 104 22.51 -23.48 -30.52
CA THR K 104 21.74 -24.53 -29.87
C THR K 104 20.59 -23.96 -29.05
N ALA K 105 19.70 -24.86 -28.60
CA ALA K 105 18.57 -24.44 -27.78
C ALA K 105 19.01 -23.94 -26.41
N LYS K 106 20.13 -24.44 -25.90
CA LYS K 106 20.72 -23.94 -24.67
C LYS K 106 21.65 -22.75 -24.92
N TYR K 107 21.58 -22.16 -26.11
CA TYR K 107 22.23 -20.89 -26.43
C TYR K 107 23.73 -21.07 -26.65
N ASN K 108 24.22 -22.27 -26.95
CA ASN K 108 25.60 -22.41 -27.38
C ASN K 108 25.69 -21.95 -28.82
N ALA K 109 26.50 -20.93 -29.08
CA ALA K 109 26.78 -20.41 -30.40
C ALA K 109 28.16 -20.83 -30.84
N CYS K 110 28.30 -21.14 -32.13
CA CYS K 110 29.61 -21.47 -32.66
C CYS K 110 29.66 -21.12 -34.14
N ILE K 111 30.88 -20.80 -34.60
CA ILE K 111 31.19 -20.65 -36.01
C ILE K 111 32.16 -21.78 -36.39
N LEU K 112 31.78 -22.53 -37.42
CA LEU K 112 32.45 -23.74 -37.88
C LEU K 112 32.91 -23.58 -39.33
N GLU K 113 34.02 -24.24 -39.66
CA GLU K 113 34.57 -24.24 -41.01
C GLU K 113 34.87 -25.68 -41.39
N TYR K 114 34.56 -26.04 -42.64
CA TYR K 114 34.82 -27.38 -43.15
C TYR K 114 36.24 -27.50 -43.67
N LYS K 115 36.93 -28.56 -43.23
CA LYS K 115 38.31 -28.82 -43.61
C LYS K 115 38.38 -30.28 -44.04
N GLN K 116 38.83 -30.52 -45.27
CA GLN K 116 38.99 -31.86 -45.82
C GLN K 116 40.38 -32.07 -46.40
N SER K 117 40.95 -33.23 -46.13
CA SER K 117 42.23 -33.62 -46.70
C SER K 117 42.26 -35.14 -46.77
N GLY K 118 42.27 -35.68 -47.99
CA GLY K 118 42.18 -37.13 -48.14
C GLY K 118 40.80 -37.63 -47.80
N GLU K 119 40.76 -38.70 -47.02
CA GLU K 119 39.54 -39.31 -46.51
C GLU K 119 39.16 -38.75 -45.14
N SER K 120 39.95 -37.82 -44.61
CA SER K 120 39.69 -37.24 -43.29
C SER K 120 38.78 -36.03 -43.47
N ILE K 121 37.65 -36.05 -42.79
CA ILE K 121 36.70 -34.94 -42.78
C ILE K 121 36.65 -34.47 -41.33
N ASP K 122 36.91 -33.18 -41.13
CA ASP K 122 36.89 -32.60 -39.81
C ASP K 122 36.02 -31.36 -39.84
N ILE K 123 35.27 -31.17 -38.77
CA ILE K 123 34.52 -29.95 -38.53
C ILE K 123 35.38 -29.13 -37.59
N ILE K 124 35.90 -28.02 -38.06
CA ILE K 124 36.81 -27.21 -37.26
C ILE K 124 35.95 -26.18 -36.56
N THR K 125 36.27 -25.88 -35.30
CA THR K 125 35.58 -24.83 -34.57
C THR K 125 36.39 -23.54 -34.71
N ARG K 126 35.84 -22.57 -35.45
CA ARG K 126 36.52 -21.29 -35.60
C ARG K 126 36.20 -20.36 -34.43
N ALA K 127 35.04 -20.54 -33.82
CA ALA K 127 34.60 -19.65 -32.76
C ALA K 127 33.51 -20.33 -31.96
N HIS K 128 33.43 -20.02 -30.67
CA HIS K 128 32.39 -20.62 -29.86
C HIS K 128 32.21 -19.79 -28.59
N GLY K 129 30.98 -19.78 -28.11
CA GLY K 129 30.66 -19.09 -26.88
C GLY K 129 29.21 -19.28 -26.56
N ASN K 130 28.88 -19.07 -25.29
CA ASN K 130 27.53 -19.19 -24.79
C ASN K 130 26.89 -17.81 -24.72
N VAL K 131 25.71 -17.66 -25.32
CA VAL K 131 25.08 -16.36 -25.49
C VAL K 131 23.92 -16.18 -24.51
N GLN K 132 23.84 -17.01 -23.48
CA GLN K 132 22.80 -16.89 -22.48
C GLN K 132 22.91 -15.55 -21.77
N ASP K 133 21.76 -14.98 -21.45
CA ASP K 133 21.71 -13.83 -20.58
C ASP K 133 21.51 -14.36 -19.18
N ARG K 134 21.77 -13.53 -18.18
CA ARG K 134 21.58 -14.01 -16.82
C ARG K 134 20.11 -14.17 -16.50
N ILE K 135 19.28 -13.28 -17.05
CA ILE K 135 17.83 -13.34 -16.93
C ILE K 135 17.20 -13.05 -18.28
N GLY K 136 15.95 -13.44 -18.42
CA GLY K 136 15.21 -13.29 -19.66
C GLY K 136 14.22 -14.40 -19.91
N ARG K 137 13.11 -14.03 -20.56
CA ARG K 137 12.04 -14.95 -20.92
C ARG K 137 12.12 -15.30 -22.40
N PRO K 138 12.32 -16.57 -22.78
CA PRO K 138 12.34 -16.90 -24.21
C PRO K 138 11.06 -16.46 -24.92
N SER K 139 11.22 -15.97 -26.14
CA SER K 139 10.13 -15.35 -26.89
C SER K 139 9.17 -16.40 -27.43
N GLU K 140 7.98 -15.93 -27.80
CA GLU K 140 6.90 -16.81 -28.21
C GLU K 140 7.20 -17.49 -29.54
N THR K 141 7.58 -16.72 -30.56
CA THR K 141 7.99 -17.31 -31.83
C THR K 141 9.42 -17.87 -31.81
N GLY K 142 10.03 -17.98 -30.63
CA GLY K 142 11.27 -18.69 -30.44
C GLY K 142 12.48 -17.88 -30.86
N ILE K 143 13.63 -18.56 -30.81
CA ILE K 143 14.89 -17.96 -31.24
C ILE K 143 14.88 -17.75 -32.74
N ILE K 144 15.25 -16.55 -33.17
CA ILE K 144 15.50 -16.26 -34.59
C ILE K 144 16.93 -15.74 -34.69
N GLY K 145 17.68 -16.27 -35.65
CA GLY K 145 19.03 -15.78 -35.90
C GLY K 145 19.34 -15.53 -37.35
N ILE K 146 19.91 -14.35 -37.64
CA ILE K 146 20.15 -13.91 -39.01
C ILE K 146 21.52 -13.27 -39.07
N ILE K 147 22.14 -13.34 -40.24
CA ILE K 147 23.46 -12.78 -40.47
C ILE K 147 23.36 -11.83 -41.65
N ASP K 148 23.88 -10.63 -41.47
CA ASP K 148 23.86 -9.63 -42.53
C ASP K 148 24.62 -10.14 -43.75
N PRO K 149 24.14 -9.85 -44.97
CA PRO K 149 24.84 -10.34 -46.17
C PRO K 149 26.29 -9.89 -46.31
N GLU K 150 26.69 -8.76 -45.72
CA GLU K 150 28.08 -8.31 -45.77
C GLU K 150 28.89 -8.69 -44.53
N CYS K 151 28.34 -9.53 -43.66
CA CYS K 151 29.09 -10.09 -42.53
C CYS K 151 29.64 -9.03 -41.58
N ARG K 152 28.89 -7.94 -41.40
CA ARG K 152 29.28 -6.92 -40.43
C ARG K 152 28.89 -7.31 -39.00
N MET K 153 27.90 -8.19 -38.83
CA MET K 153 27.36 -8.52 -37.53
C MET K 153 26.44 -9.72 -37.69
N ILE K 154 26.23 -10.44 -36.59
CA ILE K 154 25.14 -11.40 -36.47
C ILE K 154 24.08 -10.78 -35.56
N GLY K 155 22.81 -10.96 -35.92
CA GLY K 155 21.70 -10.49 -35.10
C GLY K 155 20.86 -11.66 -34.63
N LEU K 156 20.51 -11.64 -33.35
CA LEU K 156 19.72 -12.69 -32.72
C LEU K 156 18.54 -12.08 -31.96
N ARG K 157 17.36 -12.61 -32.21
CA ARG K 157 16.15 -12.27 -31.47
C ARG K 157 15.94 -13.49 -30.58
N LEU K 158 16.42 -13.40 -29.34
CA LEU K 158 16.32 -14.47 -28.36
C LEU K 158 15.20 -14.25 -27.36
N TYR K 159 15.03 -13.02 -26.87
CA TYR K 159 14.09 -12.71 -25.80
C TYR K 159 13.26 -11.50 -26.22
N ASP K 160 12.02 -11.46 -25.74
CA ASP K 160 11.18 -10.30 -25.99
C ASP K 160 11.82 -9.06 -25.40
N GLY K 161 11.80 -7.97 -26.17
CA GLY K 161 12.27 -6.70 -25.69
C GLY K 161 13.75 -6.47 -25.84
N LEU K 162 14.48 -7.43 -26.42
CA LEU K 162 15.92 -7.36 -26.54
C LEU K 162 16.37 -7.86 -27.91
N PHE K 163 17.36 -7.17 -28.49
CA PHE K 163 18.02 -7.64 -29.71
C PHE K 163 19.49 -7.84 -29.41
N LYS K 164 19.98 -9.07 -29.55
CA LYS K 164 21.38 -9.35 -29.26
C LYS K 164 22.18 -9.21 -30.55
N VAL K 165 23.30 -8.53 -30.46
CA VAL K 165 24.18 -8.28 -31.59
C VAL K 165 25.54 -8.87 -31.27
N ILE K 166 26.04 -9.72 -32.16
CA ILE K 166 27.40 -10.26 -32.10
C ILE K 166 28.23 -9.58 -33.19
N PRO K 167 29.08 -8.61 -32.88
CA PRO K 167 29.87 -7.98 -33.95
C PRO K 167 30.83 -9.01 -34.52
N LEU K 168 30.98 -8.99 -35.84
CA LEU K 168 31.85 -9.95 -36.52
C LEU K 168 33.22 -9.32 -36.74
N ASP K 169 33.88 -9.09 -35.62
CA ASP K 169 35.28 -8.70 -35.60
C ASP K 169 36.13 -9.97 -35.63
N ARG K 170 37.27 -9.88 -36.30
CA ARG K 170 38.16 -11.04 -36.40
C ARG K 170 38.56 -11.56 -35.02
N ASP K 171 38.64 -10.67 -34.02
CA ASP K 171 39.06 -11.05 -32.67
C ASP K 171 37.93 -11.64 -31.83
N ASN K 172 36.70 -11.67 -32.31
CA ASN K 172 35.54 -12.03 -31.48
C ASN K 172 35.27 -13.53 -31.55
N LYS K 173 36.31 -14.30 -31.22
CA LYS K 173 36.22 -15.75 -31.29
C LYS K 173 35.35 -16.33 -30.19
N GLU K 174 35.09 -15.56 -29.12
CA GLU K 174 34.19 -15.96 -28.06
C GLU K 174 32.75 -15.53 -28.30
N LEU K 175 32.45 -14.89 -29.43
CA LEU K 175 31.10 -14.44 -29.77
C LEU K 175 30.49 -13.56 -28.68
N LYS K 176 31.29 -12.66 -28.13
CA LYS K 176 30.77 -11.65 -27.22
C LYS K 176 29.73 -10.79 -27.92
N ALA K 177 28.72 -10.38 -27.16
CA ALA K 177 27.55 -9.74 -27.72
C ALA K 177 27.16 -8.56 -26.84
N PHE K 178 26.33 -7.70 -27.39
CA PHE K 178 25.68 -6.63 -26.64
C PHE K 178 24.19 -6.61 -26.99
N ASN K 179 23.38 -6.09 -26.07
CA ASN K 179 21.96 -5.97 -26.31
C ASN K 179 21.60 -4.55 -26.69
N ILE K 180 20.65 -4.44 -27.62
CA ILE K 180 20.02 -3.18 -27.99
C ILE K 180 18.56 -3.31 -27.59
N ARG K 181 18.06 -2.30 -26.89
CA ARG K 181 16.64 -2.24 -26.58
C ARG K 181 15.81 -2.20 -27.85
N LEU K 182 14.72 -2.94 -27.84
CA LEU K 182 13.72 -2.90 -28.88
C LEU K 182 12.47 -2.31 -28.25
N GLU K 183 12.03 -1.18 -28.78
CA GLU K 183 10.75 -0.62 -28.34
C GLU K 183 9.64 -1.62 -28.64
N GLU K 184 9.78 -2.34 -29.74
CA GLU K 184 8.80 -3.32 -30.18
C GLU K 184 9.03 -4.61 -29.42
N LEU K 185 8.12 -4.93 -28.50
CA LEU K 185 8.33 -6.03 -27.56
C LEU K 185 7.97 -7.41 -28.12
N HIS K 186 7.16 -7.46 -29.18
CA HIS K 186 6.61 -8.72 -29.72
C HIS K 186 6.96 -8.76 -31.20
N VAL K 187 8.18 -9.19 -31.49
CA VAL K 187 8.67 -9.28 -32.86
C VAL K 187 8.26 -10.63 -33.46
N ILE K 188 7.74 -10.58 -34.68
CA ILE K 188 7.29 -11.77 -35.39
C ILE K 188 8.38 -12.31 -36.29
N ASP K 189 8.97 -11.42 -37.08
CA ASP K 189 10.10 -11.78 -37.93
C ASP K 189 10.94 -10.55 -38.18
N VAL K 190 12.19 -10.81 -38.56
CA VAL K 190 13.21 -9.78 -38.78
C VAL K 190 14.18 -10.32 -39.80
N LYS K 191 14.68 -9.44 -40.67
CA LYS K 191 15.72 -9.79 -41.61
C LYS K 191 16.71 -8.64 -41.72
N PHE K 192 17.94 -8.96 -42.11
CA PHE K 192 18.87 -7.93 -42.57
C PHE K 192 18.54 -7.60 -44.02
N LEU K 193 18.63 -6.33 -44.38
CA LEU K 193 18.35 -5.93 -45.75
C LEU K 193 19.63 -5.96 -46.57
N TYR K 194 19.44 -6.16 -47.87
CA TYR K 194 20.53 -6.09 -48.84
C TYR K 194 20.67 -4.67 -49.35
N GLY K 195 21.85 -4.34 -49.85
CA GLY K 195 22.01 -3.06 -50.49
C GLY K 195 22.03 -1.87 -49.54
N CYS K 196 22.45 -2.07 -48.29
CA CYS K 196 22.49 -1.00 -47.30
C CYS K 196 23.94 -0.65 -46.98
N GLN K 197 24.22 0.64 -46.94
CA GLN K 197 25.57 1.12 -46.65
C GLN K 197 25.94 0.95 -45.18
N ALA K 198 24.95 0.90 -44.29
CA ALA K 198 25.08 0.53 -42.88
C ALA K 198 24.22 -0.69 -42.62
N PRO K 199 24.62 -1.60 -41.73
CA PRO K 199 23.76 -2.75 -41.44
C PRO K 199 22.37 -2.30 -40.99
N THR K 200 21.35 -2.89 -41.59
CA THR K 200 19.98 -2.45 -41.37
C THR K 200 19.05 -3.64 -41.24
N ILE K 201 18.26 -3.67 -40.16
CA ILE K 201 17.24 -4.69 -39.98
C ILE K 201 15.88 -4.13 -40.33
N CYS K 202 15.02 -5.02 -40.83
CA CYS K 202 13.62 -4.76 -41.12
C CYS K 202 12.81 -5.86 -40.43
N PHE K 203 11.80 -5.47 -39.64
CA PHE K 203 11.05 -6.45 -38.87
C PHE K 203 9.59 -6.05 -38.78
N VAL K 204 8.74 -7.08 -38.61
CA VAL K 204 7.31 -6.91 -38.37
C VAL K 204 7.04 -7.11 -36.88
N TYR K 205 6.19 -6.23 -36.33
CA TYR K 205 5.80 -6.30 -34.92
C TYR K 205 4.32 -6.01 -34.74
N GLN K 206 3.85 -6.39 -33.55
CA GLN K 206 2.45 -6.31 -33.14
C GLN K 206 2.33 -5.42 -31.90
N ASP K 207 1.32 -4.55 -31.92
CA ASP K 207 0.98 -3.72 -30.77
C ASP K 207 -0.53 -3.57 -30.75
N PRO K 208 -1.13 -2.85 -29.80
CA PRO K 208 -2.60 -2.74 -29.77
C PRO K 208 -3.19 -2.09 -31.00
N GLN K 209 -2.40 -1.33 -31.76
CA GLN K 209 -2.89 -0.70 -32.97
C GLN K 209 -2.88 -1.61 -34.17
N GLY K 210 -2.24 -2.78 -34.08
CA GLY K 210 -2.19 -3.75 -35.15
C GLY K 210 -0.79 -4.23 -35.38
N ARG K 211 -0.54 -4.71 -36.59
CA ARG K 211 0.81 -5.09 -37.01
C ARG K 211 1.38 -4.05 -37.95
N HIS K 212 2.70 -3.88 -37.87
CA HIS K 212 3.43 -2.87 -38.61
C HIS K 212 4.78 -3.45 -39.00
N VAL K 213 5.39 -2.84 -40.03
CA VAL K 213 6.76 -3.15 -40.45
C VAL K 213 7.61 -1.91 -40.24
N LYS K 214 8.80 -2.10 -39.68
CA LYS K 214 9.68 -0.99 -39.35
C LYS K 214 11.12 -1.41 -39.60
N THR K 215 11.99 -0.41 -39.75
CA THR K 215 13.42 -0.62 -39.90
C THR K 215 14.24 0.19 -38.91
N TYR K 216 15.43 -0.34 -38.65
CA TYR K 216 16.45 0.39 -37.90
C TYR K 216 17.80 0.12 -38.56
N GLU K 217 18.64 1.15 -38.61
CA GLU K 217 20.05 0.91 -38.83
C GLU K 217 20.67 0.49 -37.52
N VAL K 218 21.71 -0.33 -37.60
CA VAL K 218 22.39 -0.81 -36.41
C VAL K 218 23.78 -0.21 -36.41
N SER K 219 24.07 0.68 -35.46
CA SER K 219 25.38 1.30 -35.40
C SER K 219 26.21 0.51 -34.40
N LEU K 220 27.24 -0.15 -34.92
CA LEU K 220 28.24 -0.80 -34.09
C LEU K 220 29.08 0.24 -33.39
N ARG K 221 29.30 1.35 -34.10
CA ARG K 221 30.10 2.44 -33.56
C ARG K 221 29.45 2.96 -32.29
N GLU K 222 28.13 3.12 -32.32
CA GLU K 222 27.35 3.71 -31.24
C GLU K 222 26.76 2.64 -30.32
N LYS K 223 26.82 1.36 -30.73
CA LYS K 223 26.19 0.25 -30.02
C LYS K 223 24.71 0.56 -29.79
N GLU K 224 24.05 1.08 -30.82
CA GLU K 224 22.66 1.48 -30.70
C GLU K 224 21.97 1.41 -32.05
N PHE K 225 20.65 1.43 -32.03
CA PHE K 225 19.91 1.65 -33.26
C PHE K 225 19.97 3.11 -33.67
N ASN K 226 19.90 3.34 -34.98
CA ASN K 226 19.63 4.64 -35.56
C ASN K 226 18.39 4.49 -36.44
N LYS K 227 17.77 5.63 -36.77
CA LYS K 227 16.58 5.63 -37.61
C LYS K 227 16.89 4.93 -38.93
N GLY K 228 15.98 4.08 -39.37
CA GLY K 228 16.22 3.33 -40.58
C GLY K 228 16.02 4.18 -41.81
N PRO K 229 16.46 3.64 -42.96
CA PRO K 229 16.44 4.46 -44.18
C PRO K 229 15.05 4.72 -44.72
N TRP K 230 14.05 3.96 -44.30
CA TRP K 230 12.69 4.17 -44.78
C TRP K 230 11.74 3.94 -43.63
N LYS K 231 10.66 4.71 -43.67
CA LYS K 231 9.71 4.89 -42.59
C LYS K 231 8.87 3.64 -42.35
N GLN K 232 8.35 3.57 -41.13
CA GLN K 232 7.50 2.45 -40.75
C GLN K 232 6.30 2.47 -41.67
N GLU K 233 5.76 1.30 -41.97
CA GLU K 233 4.55 1.20 -42.77
C GLU K 233 3.57 0.28 -42.06
N ASN K 234 2.29 0.57 -42.25
CA ASN K 234 1.24 -0.36 -41.83
C ASN K 234 1.15 -1.50 -42.83
N VAL K 235 0.90 -2.70 -42.30
CA VAL K 235 0.77 -3.91 -43.10
C VAL K 235 -0.53 -4.62 -42.74
N GLU K 236 -0.79 -5.69 -43.48
CA GLU K 236 -1.99 -6.50 -43.26
C GLU K 236 -2.03 -6.99 -41.82
N ALA K 237 -3.24 -7.15 -41.29
CA ALA K 237 -3.42 -7.55 -39.90
C ALA K 237 -2.71 -8.86 -39.55
N GLU K 238 -2.56 -9.77 -40.52
CA GLU K 238 -1.88 -11.04 -40.30
C GLU K 238 -0.58 -11.17 -41.10
N ALA K 239 0.06 -10.03 -41.39
CA ALA K 239 1.41 -10.06 -41.95
C ALA K 239 2.33 -10.83 -41.01
N SER K 240 3.05 -11.83 -41.56
CA SER K 240 3.75 -12.80 -40.73
C SER K 240 5.20 -13.11 -41.11
N MET K 241 5.65 -12.81 -42.32
CA MET K 241 7.03 -13.13 -42.70
C MET K 241 7.68 -12.00 -43.45
N VAL K 242 8.99 -11.84 -43.22
CA VAL K 242 9.83 -10.85 -43.92
C VAL K 242 10.84 -11.59 -44.79
N ILE K 243 10.92 -11.20 -46.06
CA ILE K 243 11.94 -11.64 -47.00
C ILE K 243 12.81 -10.45 -47.37
N ALA K 244 14.13 -10.62 -47.25
CA ALA K 244 15.08 -9.58 -47.65
C ALA K 244 15.48 -9.84 -49.09
N VAL K 245 15.13 -8.91 -49.98
CA VAL K 245 15.35 -9.07 -51.42
C VAL K 245 16.75 -8.61 -51.80
N PRO K 246 17.52 -9.36 -52.59
CA PRO K 246 18.87 -8.91 -52.95
C PRO K 246 18.84 -7.74 -53.93
N GLU K 247 20.03 -7.16 -54.12
CA GLU K 247 20.23 -6.19 -55.19
C GLU K 247 19.94 -6.86 -56.53
N PRO K 248 19.44 -6.12 -57.52
CA PRO K 248 19.31 -4.66 -57.66
C PRO K 248 18.04 -4.04 -57.06
N PHE K 249 17.08 -4.87 -56.63
CA PHE K 249 15.86 -4.34 -56.05
C PHE K 249 16.10 -3.71 -54.68
N GLY K 250 16.79 -4.43 -53.80
CA GLY K 250 16.75 -4.08 -52.39
C GLY K 250 15.32 -4.10 -51.85
N GLY K 251 15.19 -3.57 -50.63
CA GLY K 251 13.90 -3.50 -50.00
C GLY K 251 13.50 -4.83 -49.38
N ALA K 252 12.21 -4.94 -49.06
CA ALA K 252 11.70 -6.06 -48.30
C ALA K 252 10.34 -6.49 -48.85
N ILE K 253 10.09 -7.79 -48.83
CA ILE K 253 8.78 -8.37 -49.13
C ILE K 253 8.17 -8.83 -47.82
N ILE K 254 6.90 -8.48 -47.61
CA ILE K 254 6.14 -8.88 -46.44
C ILE K 254 5.05 -9.82 -46.89
N ILE K 255 5.06 -11.03 -46.33
CA ILE K 255 4.11 -12.08 -46.64
C ILE K 255 3.10 -12.15 -45.50
N GLY K 256 1.82 -12.09 -45.86
CA GLY K 256 0.72 -12.26 -44.92
C GLY K 256 -0.17 -13.41 -45.33
N GLN K 257 -1.33 -13.51 -44.69
CA GLN K 257 -2.26 -14.58 -44.99
C GLN K 257 -3.10 -14.31 -46.24
N GLU K 258 -3.34 -13.03 -46.55
CA GLU K 258 -4.19 -12.64 -47.68
C GLU K 258 -3.52 -11.72 -48.68
N SER K 259 -2.31 -11.26 -48.42
CA SER K 259 -1.69 -10.21 -49.21
C SER K 259 -0.20 -10.42 -49.26
N ILE K 260 0.43 -9.83 -50.28
CA ILE K 260 1.89 -9.80 -50.42
C ILE K 260 2.26 -8.37 -50.76
N THR K 261 3.17 -7.78 -49.99
CA THR K 261 3.56 -6.39 -50.21
C THR K 261 5.07 -6.27 -50.35
N TYR K 262 5.49 -5.29 -51.14
CA TYR K 262 6.89 -4.95 -51.36
C TYR K 262 7.11 -3.50 -50.95
N HIS K 263 8.18 -3.25 -50.21
CA HIS K 263 8.52 -1.93 -49.70
C HIS K 263 9.97 -1.65 -50.07
N ASN K 264 10.24 -0.45 -50.56
CA ASN K 264 11.62 -0.03 -50.78
C ASN K 264 11.63 1.48 -50.94
N GLY K 265 11.91 2.18 -49.84
CA GLY K 265 12.03 3.62 -49.93
C GLY K 265 10.66 4.21 -50.21
N ASP K 266 10.59 5.02 -51.25
CA ASP K 266 9.32 5.57 -51.71
C ASP K 266 8.48 4.57 -52.50
N LYS K 267 8.99 3.35 -52.74
CA LYS K 267 8.25 2.32 -53.45
C LYS K 267 7.37 1.50 -52.52
N TYR K 268 6.12 1.27 -52.96
CA TYR K 268 5.11 0.51 -52.22
C TYR K 268 4.28 -0.22 -53.26
N LEU K 269 4.19 -1.55 -53.13
CA LEU K 269 3.40 -2.37 -54.04
C LEU K 269 2.73 -3.53 -53.31
N ALA K 270 1.40 -3.64 -53.39
CA ALA K 270 0.69 -4.72 -52.70
C ALA K 270 -0.21 -5.45 -53.69
N ILE K 271 -0.30 -6.77 -53.52
CA ILE K 271 -1.25 -7.61 -54.23
C ILE K 271 -2.04 -8.45 -53.25
N ALA K 272 -3.26 -8.83 -53.65
CA ALA K 272 -4.14 -9.67 -52.84
C ALA K 272 -4.72 -10.79 -53.68
N PRO K 273 -3.92 -11.78 -54.09
CA PRO K 273 -4.44 -12.83 -54.96
C PRO K 273 -5.31 -13.79 -54.16
N PRO K 274 -6.59 -13.97 -54.52
CA PRO K 274 -7.45 -14.85 -53.68
C PRO K 274 -6.96 -16.29 -53.54
N ILE K 275 -6.23 -16.80 -54.54
CA ILE K 275 -5.83 -18.21 -54.55
C ILE K 275 -5.01 -18.59 -53.31
N ILE K 276 -4.19 -17.67 -52.80
CA ILE K 276 -3.30 -18.01 -51.70
C ILE K 276 -4.04 -17.98 -50.36
N LYS K 277 -5.25 -17.42 -50.33
CA LYS K 277 -5.94 -17.21 -49.07
C LYS K 277 -6.36 -18.54 -48.42
N GLN K 278 -6.47 -19.61 -49.20
CA GLN K 278 -6.99 -20.86 -48.65
C GLN K 278 -6.03 -21.44 -47.62
N SER K 279 -4.74 -21.14 -47.73
CA SER K 279 -3.73 -21.72 -46.86
C SER K 279 -2.56 -20.77 -46.69
N THR K 280 -2.13 -20.64 -45.43
CA THR K 280 -1.04 -19.72 -45.07
C THR K 280 0.29 -20.14 -45.67
N ILE K 281 0.97 -19.19 -46.33
CA ILE K 281 2.35 -19.42 -46.73
C ILE K 281 3.22 -19.34 -45.49
N VAL K 282 4.10 -20.34 -45.30
CA VAL K 282 4.87 -20.46 -44.06
C VAL K 282 6.38 -20.55 -44.28
N CYS K 283 6.82 -20.64 -45.53
CA CYS K 283 8.25 -20.65 -45.79
C CYS K 283 8.54 -20.08 -47.17
N HIS K 284 9.79 -19.65 -47.34
CA HIS K 284 10.24 -19.05 -48.59
C HIS K 284 11.71 -19.37 -48.83
N ASN K 285 12.11 -19.33 -50.09
CA ASN K 285 13.51 -19.51 -50.45
C ASN K 285 13.74 -18.85 -51.82
N ARG K 286 14.87 -18.16 -51.93
CA ARG K 286 15.21 -17.46 -53.16
C ARG K 286 15.68 -18.42 -54.25
N VAL K 287 15.09 -18.28 -55.44
CA VAL K 287 15.44 -19.12 -56.58
C VAL K 287 16.54 -18.49 -57.45
N ASP K 288 16.32 -17.25 -57.89
CA ASP K 288 17.23 -16.46 -58.74
C ASP K 288 18.14 -15.57 -57.89
N PRO K 289 19.46 -15.47 -58.17
CA PRO K 289 20.31 -14.59 -57.35
C PRO K 289 19.83 -13.14 -57.25
N ASN K 290 19.16 -12.64 -58.28
CA ASN K 290 18.66 -11.26 -58.29
C ASN K 290 17.28 -11.12 -57.68
N GLY K 291 16.71 -12.19 -57.12
CA GLY K 291 15.43 -12.09 -56.45
C GLY K 291 14.25 -12.19 -57.38
N SER K 292 14.47 -12.58 -58.64
CA SER K 292 13.39 -12.60 -59.62
C SER K 292 12.39 -13.71 -59.37
N ARG K 293 12.75 -14.74 -58.62
CA ARG K 293 11.81 -15.82 -58.34
C ARG K 293 12.05 -16.39 -56.95
N TYR K 294 10.96 -16.72 -56.28
CA TYR K 294 10.96 -17.35 -54.96
C TYR K 294 10.01 -18.54 -55.00
N LEU K 295 10.33 -19.59 -54.23
CA LEU K 295 9.35 -20.63 -53.93
C LEU K 295 8.64 -20.32 -52.63
N LEU K 296 7.35 -20.67 -52.57
CA LEU K 296 6.55 -20.55 -51.36
C LEU K 296 5.80 -21.84 -51.09
N GLY K 297 5.83 -22.28 -49.84
CA GLY K 297 5.13 -23.49 -49.42
C GLY K 297 4.12 -23.17 -48.33
N ASP K 298 2.96 -23.82 -48.39
CA ASP K 298 1.91 -23.60 -47.39
C ASP K 298 1.66 -24.83 -46.54
N MET K 299 0.80 -24.65 -45.54
CA MET K 299 0.52 -25.71 -44.56
C MET K 299 -0.20 -26.91 -45.16
N GLU K 300 -0.72 -26.80 -46.38
CA GLU K 300 -1.32 -27.93 -47.07
C GLU K 300 -0.38 -28.58 -48.08
N GLY K 301 0.88 -28.17 -48.10
CA GLY K 301 1.87 -28.69 -49.03
C GLY K 301 1.80 -28.12 -50.42
N ARG K 302 0.95 -27.13 -50.67
CA ARG K 302 0.94 -26.48 -51.97
C ARG K 302 2.22 -25.68 -52.13
N LEU K 303 2.72 -25.65 -53.37
CA LEU K 303 3.94 -24.95 -53.75
C LEU K 303 3.62 -23.94 -54.85
N PHE K 304 3.97 -22.68 -54.59
CA PHE K 304 3.77 -21.54 -55.48
C PHE K 304 5.13 -20.98 -55.91
N MET K 305 5.16 -20.35 -57.09
CA MET K 305 6.24 -19.45 -57.48
C MET K 305 5.80 -18.00 -57.34
N LEU K 306 6.67 -17.18 -56.75
CA LEU K 306 6.50 -15.73 -56.69
C LEU K 306 7.53 -15.11 -57.63
N LEU K 307 7.07 -14.37 -58.64
CA LEU K 307 7.91 -13.80 -59.68
C LEU K 307 7.95 -12.29 -59.65
N LEU K 308 9.15 -11.72 -59.69
CA LEU K 308 9.33 -10.27 -59.73
C LEU K 308 9.72 -9.86 -61.14
N GLU K 309 8.86 -9.07 -61.80
CA GLU K 309 9.11 -8.55 -63.14
C GLU K 309 9.82 -7.19 -62.99
N LYS K 310 10.90 -6.98 -63.72
CA LYS K 310 11.69 -5.75 -63.61
C LYS K 310 11.17 -4.59 -64.45
N GLU K 311 11.41 -3.36 -63.95
CA GLU K 311 11.28 -2.13 -64.71
C GLU K 311 12.58 -1.35 -64.68
N GLU K 312 13.08 -0.99 -65.86
CA GLU K 312 14.28 -0.19 -66.01
C GLU K 312 14.05 1.29 -65.68
N GLN K 313 15.15 1.98 -65.41
CA GLN K 313 15.22 3.42 -65.12
C GLN K 313 16.45 3.99 -65.82
N MET K 314 16.39 5.29 -66.11
CA MET K 314 17.47 5.95 -66.84
C MET K 314 18.80 5.86 -66.10
N ASP K 315 18.79 5.90 -64.77
CA ASP K 315 20.02 5.85 -63.99
C ASP K 315 20.62 4.45 -63.85
N GLY K 316 20.07 3.45 -64.53
CA GLY K 316 20.63 2.11 -64.50
C GLY K 316 20.19 1.24 -63.34
N THR K 317 19.47 1.80 -62.37
CA THR K 317 18.86 1.00 -61.32
C THR K 317 17.69 0.20 -61.90
N VAL K 318 17.26 -0.83 -61.15
CA VAL K 318 16.14 -1.68 -61.52
C VAL K 318 15.14 -1.62 -60.38
N THR K 319 13.87 -1.45 -60.71
CA THR K 319 12.78 -1.43 -59.74
C THR K 319 11.75 -2.51 -60.04
N LEU K 320 10.89 -2.75 -59.06
CA LEU K 320 9.87 -3.78 -59.17
C LEU K 320 8.69 -3.18 -59.91
N LYS K 321 8.28 -3.82 -61.01
CA LYS K 321 7.16 -3.34 -61.80
C LYS K 321 5.83 -3.92 -61.37
N ASP K 322 5.79 -5.18 -60.96
CA ASP K 322 4.56 -5.85 -60.59
C ASP K 322 4.92 -7.15 -59.90
N LEU K 323 3.93 -7.76 -59.26
CA LEU K 323 4.07 -9.03 -58.58
C LEU K 323 2.95 -9.96 -59.02
N ARG K 324 3.31 -11.22 -59.21
CA ARG K 324 2.35 -12.25 -59.55
C ARG K 324 2.67 -13.52 -58.77
N VAL K 325 1.63 -14.30 -58.47
CA VAL K 325 1.77 -15.60 -57.84
C VAL K 325 1.25 -16.64 -58.80
N GLU K 326 1.97 -17.75 -58.90
CA GLU K 326 1.62 -18.87 -59.76
C GLU K 326 1.68 -20.17 -58.96
N LEU K 327 0.60 -20.94 -59.03
CA LEU K 327 0.60 -22.25 -58.39
C LEU K 327 1.45 -23.20 -59.22
N LEU K 328 2.45 -23.81 -58.57
CA LEU K 328 3.32 -24.76 -59.25
C LEU K 328 2.84 -26.18 -59.09
N GLY K 329 2.30 -26.51 -57.92
CA GLY K 329 1.94 -27.91 -57.70
C GLY K 329 1.91 -28.23 -56.21
N GLU K 330 2.12 -29.50 -55.90
CA GLU K 330 1.99 -29.98 -54.53
C GLU K 330 3.27 -30.70 -54.13
N THR K 331 3.70 -30.45 -52.90
CA THR K 331 4.81 -31.15 -52.27
C THR K 331 4.33 -31.68 -50.92
N SER K 332 5.23 -32.34 -50.21
CA SER K 332 5.02 -32.53 -48.78
C SER K 332 4.88 -31.17 -48.10
N ILE K 333 4.13 -31.13 -46.99
CA ILE K 333 4.07 -29.90 -46.23
C ILE K 333 5.48 -29.55 -45.82
N ALA K 334 5.95 -28.40 -46.27
CA ALA K 334 7.35 -28.04 -46.15
C ALA K 334 7.63 -27.20 -44.93
N GLU K 335 8.59 -27.65 -44.13
CA GLU K 335 9.21 -26.76 -43.16
C GLU K 335 10.24 -25.90 -43.84
N CYS K 336 10.92 -26.43 -44.85
CA CYS K 336 11.92 -25.64 -45.56
C CYS K 336 12.09 -26.13 -46.99
N LEU K 337 12.55 -25.22 -47.85
CA LEU K 337 12.80 -25.48 -49.27
C LEU K 337 14.18 -24.95 -49.64
N THR K 338 14.88 -25.68 -50.49
CA THR K 338 16.11 -25.17 -51.09
C THR K 338 16.17 -25.57 -52.55
N TYR K 339 16.16 -24.58 -53.44
CA TYR K 339 16.45 -24.82 -54.84
C TYR K 339 17.90 -25.21 -55.05
N LEU K 340 18.13 -26.24 -55.86
CA LEU K 340 19.47 -26.75 -56.09
C LEU K 340 20.03 -26.23 -57.40
N ASP K 341 19.56 -26.79 -58.51
CA ASP K 341 19.96 -26.41 -59.85
C ASP K 341 19.03 -27.18 -60.78
N ASN K 342 18.98 -26.75 -62.04
CA ASN K 342 18.34 -27.53 -63.10
C ASN K 342 16.92 -27.91 -62.71
N GLY K 343 16.21 -26.98 -62.09
CA GLY K 343 14.84 -27.22 -61.73
C GLY K 343 14.65 -28.12 -60.53
N VAL K 344 15.72 -28.49 -59.82
CA VAL K 344 15.63 -29.44 -58.71
C VAL K 344 15.52 -28.69 -57.40
N VAL K 345 14.57 -29.12 -56.56
CA VAL K 345 14.32 -28.54 -55.24
C VAL K 345 14.39 -29.63 -54.18
N PHE K 346 15.08 -29.35 -53.07
CA PHE K 346 14.98 -30.19 -51.88
C PHE K 346 13.88 -29.64 -50.99
N VAL K 347 12.95 -30.52 -50.63
CA VAL K 347 11.81 -30.20 -49.78
C VAL K 347 12.04 -30.87 -48.44
N GLY K 348 12.45 -30.09 -47.43
CA GLY K 348 12.64 -30.63 -46.10
C GLY K 348 11.39 -30.55 -45.24
N SER K 349 10.90 -31.72 -44.82
CA SER K 349 9.65 -31.89 -44.11
C SER K 349 9.89 -32.42 -42.71
N ARG K 350 9.12 -31.91 -41.73
CA ARG K 350 9.06 -32.49 -40.39
C ARG K 350 7.78 -33.28 -40.13
N LEU K 351 6.71 -32.99 -40.87
CA LEU K 351 5.42 -33.66 -40.70
C LEU K 351 5.20 -34.77 -41.71
N GLY K 352 6.01 -34.86 -42.75
CA GLY K 352 5.88 -35.89 -43.76
C GLY K 352 7.21 -36.23 -44.38
N ASP K 353 7.19 -37.04 -45.44
CA ASP K 353 8.43 -37.41 -46.11
C ASP K 353 9.12 -36.18 -46.69
N SER K 354 10.44 -36.16 -46.62
CA SER K 354 11.23 -35.19 -47.37
C SER K 354 11.32 -35.62 -48.83
N GLN K 355 11.75 -34.70 -49.70
CA GLN K 355 11.77 -35.02 -51.11
C GLN K 355 12.89 -34.31 -51.85
N LEU K 356 13.30 -34.90 -52.97
CA LEU K 356 13.90 -34.20 -54.09
C LEU K 356 12.81 -34.17 -55.15
N VAL K 357 12.52 -32.99 -55.69
CA VAL K 357 11.53 -32.82 -56.75
C VAL K 357 12.14 -32.11 -57.94
N LYS K 358 11.54 -32.38 -59.11
CA LYS K 358 11.93 -31.75 -60.37
C LYS K 358 10.82 -30.79 -60.79
N LEU K 359 11.23 -29.59 -61.20
CA LEU K 359 10.32 -28.61 -61.78
C LEU K 359 10.52 -28.61 -63.29
N ASN K 360 9.43 -28.86 -64.03
CA ASN K 360 9.45 -28.84 -65.48
C ASN K 360 8.92 -27.51 -65.99
N VAL K 361 9.36 -27.14 -67.19
CA VAL K 361 8.92 -25.89 -67.79
C VAL K 361 7.45 -25.97 -68.21
N ASP K 362 6.98 -27.15 -68.59
CA ASP K 362 5.60 -27.37 -69.01
C ASP K 362 4.88 -28.23 -67.98
N SER K 363 3.58 -27.99 -67.86
CA SER K 363 2.76 -28.68 -66.90
C SER K 363 2.33 -30.03 -67.46
N ASN K 364 1.79 -30.88 -66.58
CA ASN K 364 1.30 -32.19 -66.96
C ASN K 364 -0.20 -32.09 -67.24
N GLU K 365 -0.86 -33.24 -67.40
CA GLU K 365 -2.28 -33.25 -67.76
C GLU K 365 -3.12 -32.54 -66.71
N GLN K 366 -2.76 -32.70 -65.44
CA GLN K 366 -3.51 -32.11 -64.34
C GLN K 366 -3.08 -30.68 -64.02
N GLY K 367 -2.12 -30.13 -64.77
CA GLY K 367 -1.70 -28.75 -64.60
C GLY K 367 -0.54 -28.50 -63.67
N SER K 368 0.19 -29.55 -63.24
CA SER K 368 1.30 -29.39 -62.31
C SER K 368 2.62 -29.37 -63.06
N TYR K 369 3.53 -28.49 -62.63
CA TYR K 369 4.89 -28.42 -63.16
C TYR K 369 5.90 -29.18 -62.31
N VAL K 370 5.46 -29.81 -61.22
CA VAL K 370 6.36 -30.44 -60.25
C VAL K 370 6.28 -31.95 -60.46
N VAL K 371 7.44 -32.59 -60.54
CA VAL K 371 7.54 -34.04 -60.61
C VAL K 371 8.51 -34.51 -59.54
N ALA K 372 8.06 -35.46 -58.72
CA ALA K 372 8.90 -36.00 -57.66
C ALA K 372 9.98 -36.90 -58.23
N MET K 373 11.20 -36.75 -57.72
CA MET K 373 12.33 -37.58 -58.13
C MET K 373 12.68 -38.60 -57.07
N GLU K 374 12.65 -38.20 -55.79
CA GLU K 374 13.05 -39.09 -54.71
C GLU K 374 12.33 -38.69 -53.44
N THR K 375 12.03 -39.67 -52.60
CA THR K 375 11.37 -39.45 -51.31
C THR K 375 12.26 -40.02 -50.22
N PHE K 376 12.36 -39.29 -49.12
CA PHE K 376 13.16 -39.68 -47.96
C PHE K 376 12.31 -39.81 -46.70
N THR K 377 12.43 -40.97 -46.07
CA THR K 377 11.62 -41.32 -44.90
C THR K 377 11.79 -40.32 -43.76
N ASN K 378 10.67 -39.89 -43.18
CA ASN K 378 10.64 -39.16 -41.92
C ASN K 378 9.60 -39.86 -41.06
N LEU K 379 10.03 -40.36 -39.90
CA LEU K 379 9.13 -41.05 -38.97
C LEU K 379 8.36 -40.13 -38.02
N GLY K 380 8.72 -38.86 -37.92
CA GLY K 380 8.18 -38.01 -36.89
C GLY K 380 6.94 -37.26 -37.36
N PRO K 381 6.09 -36.80 -36.43
CA PRO K 381 5.98 -37.12 -35.00
C PRO K 381 5.49 -38.53 -34.69
N ILE K 382 6.11 -39.18 -33.70
CA ILE K 382 5.59 -40.43 -33.16
C ILE K 382 4.59 -40.08 -32.07
N VAL K 383 3.30 -40.21 -32.35
CA VAL K 383 2.28 -39.81 -31.39
C VAL K 383 1.87 -40.98 -30.49
N ASP K 384 2.01 -42.21 -30.98
CA ASP K 384 1.76 -43.41 -30.18
C ASP K 384 2.50 -44.56 -30.84
N MET K 385 2.66 -45.65 -30.09
CA MET K 385 3.29 -46.83 -30.68
C MET K 385 3.07 -48.04 -29.77
N CYS K 386 3.23 -49.22 -30.37
CA CYS K 386 3.14 -50.48 -29.65
C CYS K 386 4.11 -51.48 -30.27
N VAL K 387 4.46 -52.51 -29.49
CA VAL K 387 5.33 -53.58 -29.98
C VAL K 387 4.49 -54.83 -30.15
N VAL K 388 4.60 -55.47 -31.32
CA VAL K 388 3.86 -56.68 -31.65
C VAL K 388 4.80 -57.61 -32.40
N ASP K 389 4.64 -58.91 -32.18
CA ASP K 389 5.40 -59.95 -32.91
C ASP K 389 4.64 -60.34 -34.19
N LEU K 390 4.76 -59.48 -35.19
CA LEU K 390 3.91 -59.59 -36.38
C LEU K 390 4.20 -60.86 -37.16
N GLU K 391 5.48 -61.17 -37.38
CA GLU K 391 5.88 -62.25 -38.27
C GLU K 391 6.33 -63.50 -37.52
N ARG K 392 7.24 -63.35 -36.55
CA ARG K 392 7.80 -64.48 -35.83
C ARG K 392 7.66 -64.27 -34.33
N GLN K 393 7.46 -65.38 -33.63
CA GLN K 393 7.48 -65.36 -32.17
C GLN K 393 8.84 -64.89 -31.68
N GLY K 394 8.84 -64.00 -30.70
CA GLY K 394 10.08 -63.51 -30.14
C GLY K 394 10.75 -62.41 -30.93
N GLN K 395 10.22 -62.09 -32.11
CA GLN K 395 10.74 -61.05 -32.99
C GLN K 395 9.82 -59.84 -32.90
N GLY K 396 10.10 -58.94 -31.98
CA GLY K 396 9.26 -57.77 -31.83
C GLY K 396 9.44 -56.83 -33.00
N GLN K 397 8.33 -56.19 -33.39
CA GLN K 397 8.33 -55.08 -34.34
C GLN K 397 7.60 -53.90 -33.74
N LEU K 398 8.09 -52.69 -34.03
CA LEU K 398 7.47 -51.47 -33.53
C LEU K 398 6.48 -50.96 -34.56
N VAL K 399 5.26 -50.63 -34.12
CA VAL K 399 4.26 -50.04 -35.00
C VAL K 399 3.93 -48.66 -34.42
N THR K 400 4.29 -47.61 -35.17
CA THR K 400 4.12 -46.22 -34.74
C THR K 400 2.98 -45.56 -35.51
N CYS K 401 2.36 -44.59 -34.85
CA CYS K 401 1.53 -43.56 -35.46
C CYS K 401 2.43 -42.39 -35.82
N SER K 402 2.57 -42.12 -37.11
CA SER K 402 3.49 -41.16 -37.66
C SER K 402 2.73 -40.13 -38.47
N GLY K 403 3.36 -38.98 -38.63
CA GLY K 403 2.82 -37.96 -39.49
C GLY K 403 1.68 -37.14 -38.93
N ALA K 404 1.20 -36.30 -39.84
CA ALA K 404 0.15 -35.31 -39.69
C ALA K 404 -0.55 -35.24 -41.04
N PHE K 405 -1.74 -34.61 -41.06
CA PHE K 405 -2.63 -34.41 -42.22
C PHE K 405 -2.30 -35.28 -43.43
N LYS K 406 -2.32 -34.80 -44.67
CA LYS K 406 -2.15 -35.72 -45.80
C LYS K 406 -0.85 -36.53 -45.76
N GLU K 407 0.13 -36.16 -44.95
CA GLU K 407 1.36 -36.93 -44.86
C GLU K 407 1.24 -38.05 -43.82
N GLY K 408 0.10 -38.11 -43.10
CA GLY K 408 -0.05 -39.04 -42.01
C GLY K 408 0.09 -40.49 -42.45
N SER K 409 0.66 -41.31 -41.57
CA SER K 409 0.96 -42.70 -41.91
C SER K 409 1.05 -43.53 -40.64
N LEU K 410 1.02 -44.85 -40.83
CA LEU K 410 1.61 -45.78 -39.89
C LEU K 410 2.98 -46.21 -40.39
N ARG K 411 3.89 -46.47 -39.44
CA ARG K 411 5.21 -46.98 -39.79
C ARG K 411 5.46 -48.28 -39.04
N ILE K 412 5.93 -49.30 -39.75
CA ILE K 412 6.26 -50.60 -39.16
C ILE K 412 7.77 -50.82 -39.27
N ILE K 413 8.45 -50.95 -38.13
CA ILE K 413 9.91 -50.99 -38.06
C ILE K 413 10.31 -52.34 -37.50
N ARG K 414 11.22 -53.02 -38.20
CA ARG K 414 11.78 -54.29 -37.74
C ARG K 414 13.23 -54.37 -38.16
N ASN K 415 14.03 -55.11 -37.40
CA ASN K 415 15.45 -55.20 -37.73
C ASN K 415 15.68 -56.12 -38.91
N GLY K 416 16.72 -55.81 -39.67
CA GLY K 416 17.23 -56.70 -40.70
C GLY K 416 16.57 -56.41 -42.03
N LYS K 732 20.28 -51.27 -41.76
CA LYS K 732 20.13 -51.75 -40.39
C LYS K 732 18.68 -52.05 -40.08
N LEU K 733 17.78 -51.16 -40.48
CA LEU K 733 16.36 -51.28 -40.19
C LEU K 733 15.54 -51.38 -41.46
N HIS K 734 14.52 -52.23 -41.42
CA HIS K 734 13.51 -52.32 -42.47
C HIS K 734 12.28 -51.55 -42.00
N ILE K 735 11.78 -50.67 -42.88
CA ILE K 735 10.62 -49.84 -42.58
C ILE K 735 9.59 -50.04 -43.66
N ARG K 736 8.40 -50.49 -43.27
CA ARG K 736 7.23 -50.50 -44.15
C ARG K 736 6.39 -49.28 -43.82
N THR K 737 5.95 -48.56 -44.86
CA THR K 737 5.13 -47.37 -44.71
C THR K 737 3.71 -47.65 -45.20
N VAL K 738 2.72 -47.32 -44.37
CA VAL K 738 1.31 -47.43 -44.73
C VAL K 738 0.71 -46.03 -44.74
N PRO K 739 0.59 -45.38 -45.91
CA PRO K 739 0.00 -44.03 -45.94
C PRO K 739 -1.47 -44.06 -45.59
N LEU K 740 -1.86 -43.11 -44.72
CA LEU K 740 -3.26 -42.92 -44.33
C LEU K 740 -3.87 -41.62 -44.87
N TYR K 741 -3.05 -40.62 -45.18
CA TYR K 741 -3.51 -39.32 -45.68
C TYR K 741 -4.35 -38.55 -44.65
N GLU K 742 -4.25 -38.90 -43.37
CA GLU K 742 -4.90 -38.14 -42.31
C GLU K 742 -4.11 -38.37 -41.03
N SER K 743 -4.44 -37.61 -39.99
CA SER K 743 -3.65 -37.62 -38.75
C SER K 743 -3.94 -38.78 -37.81
N PRO K 744 -3.02 -39.73 -37.59
CA PRO K 744 -3.21 -40.74 -36.53
C PRO K 744 -2.93 -40.17 -35.16
N ARG K 745 -3.60 -40.73 -34.14
CA ARG K 745 -3.53 -40.26 -32.77
C ARG K 745 -3.20 -41.35 -31.75
N LYS K 746 -3.78 -42.54 -31.90
CA LYS K 746 -3.55 -43.67 -31.00
C LYS K 746 -3.59 -44.97 -31.80
N ILE K 747 -2.92 -45.99 -31.28
CA ILE K 747 -2.89 -47.31 -31.90
C ILE K 747 -2.95 -48.36 -30.80
N CYS K 748 -3.71 -49.43 -31.05
CA CYS K 748 -3.68 -50.63 -30.23
C CYS K 748 -3.74 -51.85 -31.14
N TYR K 749 -3.31 -52.99 -30.60
CA TYR K 749 -3.39 -54.28 -31.28
C TYR K 749 -4.44 -55.17 -30.66
N GLN K 750 -5.23 -55.83 -31.51
CA GLN K 750 -6.30 -56.75 -31.08
C GLN K 750 -6.07 -58.12 -31.73
N GLU K 751 -5.35 -59.00 -31.03
CA GLU K 751 -4.94 -60.27 -31.63
C GLU K 751 -6.13 -61.12 -32.07
N VAL K 752 -7.20 -61.14 -31.28
CA VAL K 752 -8.32 -62.02 -31.57
C VAL K 752 -9.03 -61.65 -32.87
N SER K 753 -8.92 -60.40 -33.31
CA SER K 753 -9.50 -59.97 -34.58
C SER K 753 -8.47 -59.85 -35.69
N GLN K 754 -7.20 -60.10 -35.40
CA GLN K 754 -6.10 -59.96 -36.37
C GLN K 754 -6.13 -58.59 -37.05
N CYS K 755 -6.28 -57.54 -36.25
CA CYS K 755 -6.35 -56.19 -36.77
C CYS K 755 -5.80 -55.21 -35.75
N PHE K 756 -5.54 -53.99 -36.22
CA PHE K 756 -5.20 -52.85 -35.39
C PHE K 756 -6.39 -51.91 -35.31
N GLY K 757 -6.55 -51.26 -34.17
CA GLY K 757 -7.42 -50.09 -34.06
C GLY K 757 -6.57 -48.84 -33.99
N VAL K 758 -6.95 -47.83 -34.78
CA VAL K 758 -6.23 -46.56 -34.83
C VAL K 758 -7.21 -45.40 -34.79
N LEU K 759 -7.06 -44.50 -33.83
CA LEU K 759 -7.83 -43.26 -33.85
C LEU K 759 -7.15 -42.29 -34.80
N SER K 760 -7.94 -41.58 -35.59
CA SER K 760 -7.42 -40.63 -36.55
C SER K 760 -8.35 -39.42 -36.65
N SER K 761 -7.82 -38.33 -37.19
CA SER K 761 -8.61 -37.14 -37.45
C SER K 761 -8.26 -36.57 -38.82
N ARG K 762 -9.28 -35.98 -39.46
CA ARG K 762 -9.12 -35.29 -40.73
C ARG K 762 -9.77 -33.91 -40.66
N ILE K 763 -9.25 -32.99 -41.47
CA ILE K 763 -9.75 -31.63 -41.57
C ILE K 763 -10.78 -31.52 -42.68
N GLU K 764 -11.92 -30.89 -42.38
CA GLU K 764 -12.93 -30.55 -43.37
C GLU K 764 -13.22 -29.06 -43.28
N VAL K 765 -13.69 -28.50 -44.40
CA VAL K 765 -14.03 -27.10 -44.51
C VAL K 765 -15.50 -27.01 -44.95
N GLN K 766 -16.09 -25.82 -44.76
CA GLN K 766 -17.51 -25.68 -45.05
C GLN K 766 -17.83 -25.89 -46.53
N ASP K 767 -18.97 -26.53 -46.78
CA ASP K 767 -19.45 -26.79 -48.12
C ASP K 767 -20.32 -25.63 -48.61
N THR K 768 -20.95 -25.80 -49.79
CA THR K 768 -21.81 -24.77 -50.34
C THR K 768 -23.14 -24.66 -49.58
N SER K 769 -23.78 -25.81 -49.30
CA SER K 769 -25.07 -25.80 -48.59
C SER K 769 -25.23 -27.14 -47.85
N GLY K 770 -24.81 -27.16 -46.58
CA GLY K 770 -24.94 -28.35 -45.76
C GLY K 770 -24.01 -28.30 -44.56
N GLY K 771 -23.15 -29.32 -44.45
CA GLY K 771 -22.18 -29.38 -43.37
C GLY K 771 -20.78 -29.04 -43.86
N THR K 772 -19.86 -29.99 -43.74
CA THR K 772 -18.48 -29.81 -44.15
C THR K 772 -18.06 -30.92 -45.11
N THR K 773 -17.02 -30.61 -45.89
CA THR K 773 -16.48 -31.48 -46.92
C THR K 773 -14.98 -31.60 -46.73
N ALA K 774 -14.44 -32.79 -47.01
CA ALA K 774 -13.01 -33.03 -46.93
C ALA K 774 -12.28 -32.48 -48.15
N LEU K 775 -11.01 -32.14 -47.93
CA LEU K 775 -10.14 -31.62 -48.98
C LEU K 775 -9.51 -32.71 -49.83
N ARG K 776 -9.50 -33.96 -49.37
CA ARG K 776 -8.92 -35.06 -50.12
C ARG K 776 -9.42 -36.37 -49.51
N PRO K 777 -9.31 -37.48 -50.25
CA PRO K 777 -9.62 -38.78 -49.66
C PRO K 777 -8.58 -39.20 -48.64
N SER K 778 -9.04 -40.00 -47.67
CA SER K 778 -8.17 -40.49 -46.60
C SER K 778 -8.76 -41.80 -46.09
N ALA K 779 -8.05 -42.39 -45.12
CA ALA K 779 -8.39 -43.73 -44.63
C ALA K 779 -9.85 -43.80 -44.18
N SER K 780 -10.31 -42.78 -43.44
CA SER K 780 -11.65 -42.83 -42.87
C SER K 780 -12.75 -42.66 -43.91
N THR K 781 -12.42 -42.19 -45.11
CA THR K 781 -13.39 -42.02 -46.19
C THR K 781 -13.23 -43.07 -47.28
N GLN K 782 -12.29 -44.00 -47.15
CA GLN K 782 -12.02 -45.02 -48.17
C GLN K 782 -12.12 -46.43 -47.61
N ALA K 783 -12.83 -46.62 -46.50
CA ALA K 783 -12.99 -47.95 -45.93
C ALA K 783 -13.94 -48.77 -46.81
N LEU K 784 -13.82 -50.09 -46.71
CA LEU K 784 -14.74 -50.95 -47.43
C LEU K 784 -16.16 -50.70 -46.95
N SER K 785 -16.33 -50.57 -45.64
CA SER K 785 -17.59 -50.18 -45.02
C SER K 785 -17.29 -49.22 -43.88
N SER K 786 -18.33 -48.49 -43.47
CA SER K 786 -18.23 -47.45 -42.46
C SER K 786 -19.50 -47.49 -41.63
N SER K 787 -19.41 -47.05 -40.38
CA SER K 787 -20.58 -46.98 -39.51
C SER K 787 -20.54 -45.69 -38.70
N VAL K 788 -21.51 -44.81 -38.97
CA VAL K 788 -21.58 -43.53 -38.29
C VAL K 788 -21.99 -43.77 -36.84
N SER K 789 -21.61 -42.85 -35.95
CA SER K 789 -21.99 -42.96 -34.55
C SER K 789 -23.41 -42.42 -34.42
N SER K 790 -24.37 -43.34 -34.37
CA SER K 790 -25.76 -43.04 -34.10
C SER K 790 -26.09 -43.03 -32.61
N SER K 791 -25.09 -42.75 -31.77
CA SER K 791 -25.29 -42.75 -30.33
C SER K 791 -26.33 -41.71 -29.92
N LYS K 792 -27.22 -42.11 -29.02
CA LYS K 792 -28.22 -41.24 -28.42
C LYS K 792 -28.08 -41.27 -26.90
N LEU K 793 -26.83 -41.30 -26.43
CA LEU K 793 -26.57 -41.35 -24.99
C LEU K 793 -27.04 -40.07 -24.32
N PHE K 794 -26.79 -38.92 -24.95
CA PHE K 794 -27.19 -37.62 -24.42
C PHE K 794 -27.74 -36.72 -25.52
N SER K 795 -28.26 -37.31 -26.60
CA SER K 795 -28.91 -36.49 -27.63
C SER K 795 -30.09 -35.73 -27.07
N SER K 796 -30.80 -36.32 -26.12
CA SER K 796 -31.90 -35.65 -25.42
C SER K 796 -31.35 -34.92 -24.20
N SER K 797 -31.89 -33.72 -23.96
CA SER K 797 -31.50 -32.90 -22.81
C SER K 797 -30.02 -32.50 -22.90
N THR K 798 -29.62 -32.00 -24.06
CA THR K 798 -28.27 -31.48 -24.27
C THR K 798 -28.38 -30.30 -25.22
N ALA K 799 -28.24 -29.09 -24.67
CA ALA K 799 -28.36 -27.85 -25.42
C ALA K 799 -27.35 -27.82 -26.56
N PRO K 800 -27.76 -27.93 -27.83
CA PRO K 800 -26.77 -27.85 -28.91
C PRO K 800 -26.19 -26.46 -29.04
N HIS K 801 -24.91 -26.42 -29.38
CA HIS K 801 -24.16 -25.17 -29.53
C HIS K 801 -24.08 -24.83 -31.01
N GLU K 802 -24.40 -23.58 -31.35
CA GLU K 802 -24.45 -23.15 -32.75
C GLU K 802 -23.07 -23.23 -33.39
N THR K 803 -23.07 -23.06 -34.71
CA THR K 803 -21.87 -23.02 -35.52
C THR K 803 -21.94 -21.85 -36.49
N SER K 804 -20.86 -21.07 -36.54
CA SER K 804 -20.79 -19.91 -37.42
C SER K 804 -20.41 -20.33 -38.83
N PHE K 805 -21.12 -19.81 -39.82
CA PHE K 805 -20.83 -20.12 -41.21
C PHE K 805 -19.45 -19.61 -41.57
N GLY K 806 -18.55 -20.56 -41.87
CA GLY K 806 -17.13 -20.28 -42.06
C GLY K 806 -16.23 -21.11 -41.19
N GLU K 807 -16.77 -21.74 -40.13
CA GLU K 807 -15.95 -22.53 -39.21
C GLU K 807 -15.52 -23.83 -39.88
N GLU K 808 -14.22 -24.12 -39.84
CA GLU K 808 -13.73 -25.41 -40.27
C GLU K 808 -13.88 -26.43 -39.14
N VAL K 809 -13.94 -27.72 -39.49
CA VAL K 809 -14.20 -28.74 -38.49
C VAL K 809 -13.19 -29.87 -38.59
N GLU K 810 -12.88 -30.47 -37.45
CA GLU K 810 -12.09 -31.68 -37.35
C GLU K 810 -13.05 -32.85 -37.19
N VAL K 811 -12.88 -33.89 -38.00
CA VAL K 811 -13.70 -35.10 -37.90
C VAL K 811 -12.79 -36.23 -37.40
N HIS K 812 -13.17 -36.84 -36.28
CA HIS K 812 -12.40 -37.89 -35.66
C HIS K 812 -13.05 -39.24 -35.98
N ASN K 813 -12.21 -40.27 -36.07
CA ASN K 813 -12.64 -41.60 -36.48
C ASN K 813 -11.84 -42.65 -35.74
N LEU K 814 -12.46 -43.81 -35.52
CA LEU K 814 -11.75 -45.03 -35.16
C LEU K 814 -11.67 -45.94 -36.39
N LEU K 815 -10.46 -46.23 -36.84
CA LEU K 815 -10.25 -47.09 -37.99
C LEU K 815 -9.82 -48.47 -37.53
N ILE K 816 -10.35 -49.51 -38.18
CA ILE K 816 -9.91 -50.88 -37.96
C ILE K 816 -9.22 -51.32 -39.25
N ILE K 817 -7.95 -51.72 -39.10
CA ILE K 817 -7.01 -51.91 -40.20
C ILE K 817 -6.43 -53.32 -40.09
N ASP K 818 -6.49 -54.07 -41.18
CA ASP K 818 -6.04 -55.47 -41.13
C ASP K 818 -4.54 -55.57 -40.91
N GLN K 819 -4.13 -56.50 -40.04
CA GLN K 819 -2.71 -56.61 -39.69
C GLN K 819 -1.88 -57.24 -40.79
N HIS K 820 -2.51 -57.97 -41.71
CA HIS K 820 -1.80 -58.66 -42.78
C HIS K 820 -1.72 -57.81 -44.04
N THR K 821 -2.86 -57.27 -44.49
CA THR K 821 -2.91 -56.52 -45.74
C THR K 821 -2.79 -55.03 -45.52
N PHE K 822 -3.00 -54.55 -44.29
CA PHE K 822 -3.04 -53.13 -43.96
C PHE K 822 -4.13 -52.39 -44.73
N GLU K 823 -5.13 -53.12 -45.22
CA GLU K 823 -6.30 -52.51 -45.80
C GLU K 823 -7.15 -51.87 -44.70
N VAL K 824 -7.84 -50.80 -45.06
CA VAL K 824 -8.73 -50.14 -44.12
C VAL K 824 -10.04 -50.92 -44.16
N LEU K 825 -10.26 -51.76 -43.15
CA LEU K 825 -11.45 -52.59 -43.15
C LEU K 825 -12.68 -51.82 -42.68
N HIS K 826 -12.51 -50.90 -41.74
CA HIS K 826 -13.68 -50.18 -41.22
C HIS K 826 -13.27 -48.81 -40.69
N ALA K 827 -14.20 -47.86 -40.82
CA ALA K 827 -14.06 -46.54 -40.22
C ALA K 827 -15.35 -46.20 -39.50
N HIS K 828 -15.23 -45.84 -38.23
CA HIS K 828 -16.32 -45.42 -37.37
C HIS K 828 -16.16 -43.93 -37.09
N GLN K 829 -17.16 -43.14 -37.46
CA GLN K 829 -17.09 -41.70 -37.27
C GLN K 829 -17.70 -41.38 -35.91
N PHE K 830 -17.02 -40.53 -35.15
CA PHE K 830 -17.53 -40.15 -33.85
C PHE K 830 -18.56 -39.03 -34.00
N LEU K 831 -19.12 -38.60 -32.88
CA LEU K 831 -20.20 -37.62 -32.91
C LEU K 831 -19.65 -36.25 -33.29
N GLN K 832 -20.55 -35.36 -33.71
CA GLN K 832 -20.16 -34.00 -34.01
C GLN K 832 -19.60 -33.31 -32.77
N ASN K 833 -18.46 -32.64 -32.96
CA ASN K 833 -17.73 -31.90 -31.93
C ASN K 833 -17.08 -32.81 -30.90
N GLU K 834 -17.13 -34.13 -31.11
CA GLU K 834 -16.51 -35.10 -30.21
C GLU K 834 -15.13 -35.47 -30.73
N TYR K 835 -14.10 -35.26 -29.91
CA TYR K 835 -12.73 -35.60 -30.24
C TYR K 835 -12.38 -36.89 -29.52
N ALA K 836 -11.83 -37.86 -30.25
CA ALA K 836 -11.41 -39.13 -29.68
C ALA K 836 -9.95 -38.99 -29.28
N LEU K 837 -9.66 -39.25 -28.00
CA LEU K 837 -8.37 -38.95 -27.42
C LEU K 837 -7.55 -40.18 -27.07
N SER K 838 -8.20 -41.27 -26.67
CA SER K 838 -7.52 -42.45 -26.13
C SER K 838 -8.15 -43.71 -26.69
N LEU K 839 -7.34 -44.77 -26.80
CA LEU K 839 -7.79 -46.03 -27.39
C LEU K 839 -7.05 -47.17 -26.73
N VAL K 840 -7.78 -48.22 -26.35
CA VAL K 840 -7.19 -49.46 -25.90
C VAL K 840 -7.98 -50.65 -26.45
N SER K 841 -7.29 -51.79 -26.56
CA SER K 841 -7.90 -53.07 -26.89
C SER K 841 -7.62 -53.99 -25.71
N CYS K 842 -8.67 -54.54 -25.12
CA CYS K 842 -8.52 -55.37 -23.93
C CYS K 842 -9.81 -56.14 -23.67
N LYS K 843 -9.70 -57.15 -22.82
CA LYS K 843 -10.83 -57.82 -22.18
C LYS K 843 -11.11 -57.20 -20.82
N LEU K 844 -12.38 -57.28 -20.40
CA LEU K 844 -12.78 -56.77 -19.10
C LEU K 844 -13.61 -57.81 -18.35
N GLY K 845 -13.48 -57.75 -17.04
CA GLY K 845 -14.26 -58.57 -16.12
C GLY K 845 -14.17 -60.05 -16.43
N LYS K 846 -15.30 -60.72 -16.30
CA LYS K 846 -15.42 -62.15 -16.61
C LYS K 846 -15.98 -62.40 -18.01
N ASP K 847 -16.02 -61.38 -18.84
CA ASP K 847 -16.61 -61.48 -20.18
C ASP K 847 -15.52 -61.91 -21.17
N PRO K 848 -15.69 -63.02 -21.91
CA PRO K 848 -14.59 -63.46 -22.78
C PRO K 848 -14.42 -62.63 -24.04
N ASN K 849 -15.35 -61.74 -24.37
CA ASN K 849 -15.21 -60.94 -25.59
C ASN K 849 -14.13 -59.89 -25.38
N THR K 850 -13.48 -59.54 -26.48
CA THR K 850 -12.52 -58.43 -26.52
C THR K 850 -13.14 -57.21 -27.19
N TYR K 851 -12.97 -56.06 -26.56
CA TYR K 851 -13.61 -54.81 -26.96
C TYR K 851 -12.55 -53.77 -27.34
N PHE K 852 -12.95 -52.86 -28.23
CA PHE K 852 -12.25 -51.60 -28.42
C PHE K 852 -12.90 -50.53 -27.54
N ILE K 853 -12.10 -49.87 -26.70
CA ILE K 853 -12.60 -48.85 -25.78
C ILE K 853 -11.96 -47.52 -26.13
N VAL K 854 -12.80 -46.49 -26.26
CA VAL K 854 -12.38 -45.16 -26.69
C VAL K 854 -12.82 -44.14 -25.66
N GLY K 855 -11.92 -43.22 -25.32
CA GLY K 855 -12.23 -42.10 -24.44
C GLY K 855 -12.22 -40.83 -25.27
N THR K 856 -13.21 -39.97 -25.03
CA THR K 856 -13.44 -38.80 -25.87
C THR K 856 -13.60 -37.55 -25.01
N ALA K 857 -13.70 -36.42 -25.70
CA ALA K 857 -14.07 -35.14 -25.12
C ALA K 857 -15.00 -34.41 -26.07
N MET K 858 -16.01 -33.73 -25.54
CA MET K 858 -16.84 -32.86 -26.35
C MET K 858 -16.19 -31.48 -26.37
N VAL K 859 -15.90 -30.97 -27.56
CA VAL K 859 -15.09 -29.77 -27.72
C VAL K 859 -15.97 -28.67 -28.26
N TYR K 860 -16.07 -27.56 -27.51
CA TYR K 860 -16.78 -26.38 -27.91
C TYR K 860 -15.82 -25.19 -27.85
N PRO K 861 -15.90 -24.23 -28.78
CA PRO K 861 -14.81 -23.23 -28.85
C PRO K 861 -14.70 -22.34 -27.61
N GLU K 862 -15.80 -21.97 -26.95
CA GLU K 862 -15.77 -21.02 -25.84
C GLU K 862 -15.48 -21.64 -24.48
N GLU K 863 -15.33 -22.95 -24.37
CA GLU K 863 -15.14 -23.60 -23.08
C GLU K 863 -13.66 -23.72 -22.72
N ALA K 864 -13.32 -23.23 -21.52
CA ALA K 864 -11.95 -23.34 -21.02
C ALA K 864 -11.54 -24.79 -20.74
N GLU K 865 -12.48 -25.67 -20.42
CA GLU K 865 -12.16 -27.08 -20.24
C GLU K 865 -13.40 -27.87 -20.59
N PRO K 866 -13.27 -29.09 -21.13
CA PRO K 866 -14.48 -29.82 -21.54
C PRO K 866 -15.35 -30.19 -20.36
N LYS K 867 -16.66 -30.13 -20.58
CA LYS K 867 -17.66 -30.47 -19.58
C LYS K 867 -18.43 -31.74 -19.94
N GLN K 868 -18.07 -32.39 -21.05
CA GLN K 868 -18.84 -33.53 -21.56
C GLN K 868 -17.87 -34.45 -22.29
N GLY K 869 -18.07 -35.75 -22.12
CA GLY K 869 -17.25 -36.73 -22.80
C GLY K 869 -17.90 -38.09 -22.70
N ARG K 870 -17.27 -39.05 -23.37
CA ARG K 870 -17.77 -40.42 -23.36
C ARG K 870 -16.63 -41.42 -23.26
N ILE K 871 -16.91 -42.53 -22.58
CA ILE K 871 -16.17 -43.77 -22.75
C ILE K 871 -17.09 -44.66 -23.55
N VAL K 872 -16.63 -45.16 -24.69
CA VAL K 872 -17.46 -46.01 -25.54
C VAL K 872 -16.77 -47.36 -25.69
N VAL K 873 -17.52 -48.43 -25.41
CA VAL K 873 -17.06 -49.81 -25.55
C VAL K 873 -17.73 -50.37 -26.79
N PHE K 874 -16.91 -50.74 -27.77
CA PHE K 874 -17.30 -51.33 -29.04
C PHE K 874 -16.85 -52.78 -29.08
N GLN K 875 -17.61 -53.62 -29.79
CA GLN K 875 -17.17 -54.97 -30.17
C GLN K 875 -17.07 -55.07 -31.69
N TYR K 876 -15.95 -55.60 -32.17
CA TYR K 876 -15.73 -55.80 -33.59
C TYR K 876 -16.10 -57.24 -33.91
N SER K 877 -17.15 -57.39 -34.71
CA SER K 877 -17.59 -58.69 -35.18
C SER K 877 -18.35 -58.47 -36.48
N ASP K 878 -18.29 -59.47 -37.35
CA ASP K 878 -18.95 -59.43 -38.66
C ASP K 878 -18.58 -58.17 -39.44
N GLY K 879 -17.31 -57.77 -39.35
CA GLY K 879 -16.79 -56.71 -40.17
C GLY K 879 -17.20 -55.32 -39.75
N LYS K 880 -17.88 -55.17 -38.62
CA LYS K 880 -18.36 -53.88 -38.16
C LYS K 880 -18.21 -53.79 -36.65
N LEU K 881 -18.24 -52.55 -36.17
CA LEU K 881 -18.25 -52.28 -34.74
C LEU K 881 -19.70 -52.09 -34.32
N GLN K 882 -20.11 -52.81 -33.29
CA GLN K 882 -21.42 -52.65 -32.68
C GLN K 882 -21.14 -52.00 -31.33
N THR K 883 -21.93 -51.01 -30.97
CA THR K 883 -21.76 -50.39 -29.67
C THR K 883 -22.34 -51.29 -28.59
N VAL K 884 -21.48 -51.70 -27.67
CA VAL K 884 -21.85 -52.58 -26.57
C VAL K 884 -22.24 -51.76 -25.36
N ALA K 885 -21.51 -50.67 -25.10
CA ALA K 885 -21.81 -49.91 -23.89
C ALA K 885 -21.23 -48.51 -24.01
N GLU K 886 -21.81 -47.59 -23.26
CA GLU K 886 -21.31 -46.23 -23.18
C GLU K 886 -21.34 -45.78 -21.72
N LYS K 887 -20.50 -44.79 -21.42
CA LYS K 887 -20.50 -44.12 -20.12
C LYS K 887 -20.30 -42.65 -20.39
N GLU K 888 -21.26 -41.82 -20.00
CA GLU K 888 -21.12 -40.37 -20.16
C GLU K 888 -20.43 -39.81 -18.92
N VAL K 889 -19.45 -38.93 -19.14
CA VAL K 889 -18.74 -38.30 -18.04
C VAL K 889 -18.66 -36.81 -18.30
N LYS K 890 -18.39 -36.07 -17.24
CA LYS K 890 -18.32 -34.61 -17.30
C LYS K 890 -16.87 -34.13 -17.41
N GLY K 891 -16.20 -34.58 -18.46
CA GLY K 891 -14.83 -34.16 -18.70
C GLY K 891 -14.23 -34.92 -19.86
N ALA K 892 -12.99 -34.53 -20.18
CA ALA K 892 -12.23 -35.19 -21.23
C ALA K 892 -11.61 -36.48 -20.69
N VAL K 893 -11.74 -37.56 -21.44
CA VAL K 893 -11.20 -38.86 -21.02
C VAL K 893 -9.82 -38.96 -21.64
N TYR K 894 -8.83 -38.43 -20.92
CA TYR K 894 -7.50 -38.30 -21.51
C TYR K 894 -6.83 -39.66 -21.70
N SER K 895 -7.04 -40.58 -20.78
CA SER K 895 -6.28 -41.82 -20.72
C SER K 895 -7.13 -42.93 -20.11
N MET K 896 -6.93 -44.15 -20.62
CA MET K 896 -7.55 -45.33 -20.04
C MET K 896 -6.56 -46.49 -20.13
N VAL K 897 -6.62 -47.38 -19.15
CA VAL K 897 -5.74 -48.54 -19.08
C VAL K 897 -6.53 -49.69 -18.47
N GLU K 898 -6.33 -50.88 -19.03
CA GLU K 898 -6.86 -52.10 -18.41
C GLU K 898 -6.13 -52.40 -17.11
N PHE K 899 -6.92 -52.74 -16.10
CA PHE K 899 -6.44 -52.93 -14.73
C PHE K 899 -7.13 -54.13 -14.11
N ASN K 900 -6.47 -55.29 -14.16
CA ASN K 900 -6.95 -56.50 -13.49
C ASN K 900 -8.39 -56.81 -13.88
N GLY K 901 -8.70 -56.70 -15.16
CA GLY K 901 -10.05 -56.97 -15.63
C GLY K 901 -11.02 -55.85 -15.34
N LYS K 902 -10.56 -54.73 -14.81
CA LYS K 902 -11.34 -53.53 -14.56
C LYS K 902 -10.83 -52.41 -15.46
N LEU K 903 -11.55 -51.29 -15.47
CA LEU K 903 -11.19 -50.15 -16.32
C LEU K 903 -10.76 -48.96 -15.48
N LEU K 904 -9.50 -48.54 -15.64
CA LEU K 904 -8.98 -47.34 -14.99
C LEU K 904 -9.03 -46.24 -16.04
N ALA K 905 -9.55 -45.06 -15.66
CA ALA K 905 -9.68 -43.96 -16.59
C ALA K 905 -9.34 -42.65 -15.90
N SER K 906 -8.73 -41.74 -16.66
CA SER K 906 -8.48 -40.38 -16.18
C SER K 906 -9.41 -39.44 -16.93
N ILE K 907 -10.15 -38.63 -16.16
CA ILE K 907 -11.18 -37.74 -16.68
C ILE K 907 -10.91 -36.39 -16.03
N ASN K 908 -10.47 -35.42 -16.85
CA ASN K 908 -10.03 -34.11 -16.37
C ASN K 908 -9.24 -34.22 -15.07
N SER K 909 -9.79 -33.81 -13.92
CA SER K 909 -9.04 -33.78 -12.68
C SER K 909 -9.27 -34.99 -11.79
N THR K 910 -9.93 -36.03 -12.30
CA THR K 910 -10.28 -37.20 -11.51
C THR K 910 -9.62 -38.45 -12.11
N VAL K 911 -9.30 -39.41 -11.24
CA VAL K 911 -8.94 -40.76 -11.65
C VAL K 911 -10.00 -41.71 -11.11
N ARG K 912 -10.57 -42.52 -11.99
CA ARG K 912 -11.73 -43.34 -11.62
C ARG K 912 -11.54 -44.78 -12.07
N LEU K 913 -11.93 -45.70 -11.19
CA LEU K 913 -11.87 -47.13 -11.45
C LEU K 913 -13.30 -47.59 -11.59
N TYR K 914 -13.56 -48.24 -12.73
CA TYR K 914 -14.82 -48.80 -13.16
C TYR K 914 -14.74 -50.32 -13.18
N GLU K 915 -15.82 -50.97 -12.79
CA GLU K 915 -15.96 -52.41 -12.96
C GLU K 915 -16.83 -52.67 -14.18
N TRP K 916 -16.58 -53.80 -14.84
CA TRP K 916 -17.36 -54.19 -16.01
C TRP K 916 -18.38 -55.18 -15.46
N THR K 917 -19.66 -54.79 -15.51
CA THR K 917 -20.70 -55.56 -14.89
C THR K 917 -21.20 -56.69 -15.77
N THR K 918 -22.00 -57.55 -15.15
CA THR K 918 -22.64 -58.66 -15.85
C THR K 918 -23.57 -58.14 -16.95
N GLU K 919 -24.11 -56.93 -16.79
CA GLU K 919 -24.98 -56.33 -17.78
C GLU K 919 -24.24 -55.54 -18.84
N LYS K 920 -22.91 -55.65 -18.90
CA LYS K 920 -22.12 -55.01 -19.95
C LYS K 920 -22.32 -53.49 -19.88
N GLU K 921 -22.14 -52.95 -18.68
CA GLU K 921 -22.11 -51.52 -18.46
C GLU K 921 -20.91 -51.17 -17.59
N LEU K 922 -20.46 -49.93 -17.71
CA LEU K 922 -19.43 -49.40 -16.83
C LEU K 922 -20.11 -48.83 -15.59
N ARG K 923 -19.61 -49.22 -14.43
CA ARG K 923 -20.08 -48.77 -13.12
C ARG K 923 -18.89 -48.28 -12.33
N THR K 924 -19.02 -47.11 -11.71
CA THR K 924 -17.90 -46.57 -10.93
C THR K 924 -17.61 -47.44 -9.73
N GLU K 925 -16.34 -47.82 -9.56
CA GLU K 925 -15.89 -48.49 -8.34
C GLU K 925 -15.35 -47.47 -7.34
N CYS K 926 -14.43 -46.62 -7.76
CA CYS K 926 -13.84 -45.68 -6.81
C CYS K 926 -13.23 -44.51 -7.55
N ASN K 927 -13.04 -43.41 -6.81
CA ASN K 927 -12.50 -42.19 -7.41
C ASN K 927 -11.39 -41.63 -6.52
N HIS K 928 -10.43 -40.96 -7.17
CA HIS K 928 -9.40 -40.17 -6.52
C HIS K 928 -9.43 -38.78 -7.14
N TYR K 929 -9.37 -37.75 -6.28
CA TYR K 929 -9.60 -36.38 -6.73
C TYR K 929 -8.41 -35.44 -6.61
N ASN K 930 -7.33 -35.81 -5.91
CA ASN K 930 -6.34 -34.78 -5.58
C ASN K 930 -5.28 -34.66 -6.68
N ASN K 931 -5.76 -34.28 -7.88
CA ASN K 931 -4.94 -33.99 -9.06
C ASN K 931 -5.52 -32.76 -9.72
N ILE K 932 -4.71 -32.06 -10.52
CA ILE K 932 -5.22 -31.03 -11.44
C ILE K 932 -5.66 -31.62 -12.77
N MET K 933 -4.80 -32.37 -13.45
CA MET K 933 -5.18 -33.01 -14.72
C MET K 933 -4.30 -34.23 -14.95
N ALA K 934 -4.89 -35.40 -14.82
CA ALA K 934 -4.21 -36.70 -14.92
C ALA K 934 -4.13 -37.13 -16.37
N LEU K 935 -3.01 -36.81 -17.05
CA LEU K 935 -2.96 -37.03 -18.49
C LEU K 935 -2.45 -38.39 -18.90
N TYR K 936 -1.59 -39.02 -18.09
CA TYR K 936 -0.86 -40.21 -18.49
C TYR K 936 -0.99 -41.24 -17.38
N LEU K 937 -1.31 -42.47 -17.77
CA LEU K 937 -1.35 -43.61 -16.86
C LEU K 937 -0.56 -44.78 -17.42
N LYS K 938 0.12 -45.46 -16.51
CA LYS K 938 0.70 -46.76 -16.74
C LYS K 938 0.43 -47.54 -15.46
N THR K 939 0.43 -48.86 -15.53
CA THR K 939 0.15 -49.68 -14.36
C THR K 939 1.06 -50.89 -14.25
N LYS K 940 1.15 -51.37 -13.01
CA LYS K 940 1.83 -52.62 -12.69
C LYS K 940 1.17 -53.19 -11.45
N GLY K 941 0.63 -54.40 -11.58
CA GLY K 941 -0.08 -55.05 -10.49
C GLY K 941 -1.29 -54.25 -10.04
N ASP K 942 -1.42 -54.08 -8.72
CA ASP K 942 -2.49 -53.30 -8.12
C ASP K 942 -2.10 -51.84 -7.87
N PHE K 943 -0.93 -51.43 -8.32
CA PHE K 943 -0.41 -50.09 -8.10
C PHE K 943 -0.64 -49.23 -9.34
N ILE K 944 -0.84 -47.94 -9.13
CA ILE K 944 -1.17 -47.01 -10.20
C ILE K 944 -0.26 -45.80 -10.06
N LEU K 945 0.42 -45.47 -11.15
CA LEU K 945 1.24 -44.27 -11.25
C LEU K 945 0.48 -43.27 -12.09
N VAL K 946 0.21 -42.09 -11.53
CA VAL K 946 -0.56 -41.07 -12.23
C VAL K 946 0.41 -39.95 -12.54
N GLY K 947 0.47 -39.56 -13.81
CA GLY K 947 1.23 -38.41 -14.22
C GLY K 947 0.32 -37.25 -14.54
N ASP K 948 0.59 -36.12 -13.90
CA ASP K 948 -0.24 -34.95 -14.02
C ASP K 948 0.42 -34.03 -15.03
N LEU K 949 -0.41 -33.20 -15.65
CA LEU K 949 0.08 -32.11 -16.50
C LEU K 949 1.11 -31.25 -15.77
N MET K 950 0.82 -30.86 -14.50
CA MET K 950 1.62 -29.86 -13.79
C MET K 950 2.04 -30.20 -12.36
N ARG K 951 1.50 -31.26 -11.74
CA ARG K 951 1.79 -31.66 -10.36
C ARG K 951 2.66 -32.91 -10.31
N SER K 952 3.67 -32.95 -11.17
CA SER K 952 4.00 -33.96 -12.19
C SER K 952 3.48 -35.35 -11.83
N VAL K 953 4.09 -36.11 -10.92
CA VAL K 953 3.68 -37.49 -10.72
C VAL K 953 3.22 -37.75 -9.30
N LEU K 954 2.31 -38.71 -9.16
CA LEU K 954 1.80 -39.18 -7.90
C LEU K 954 1.74 -40.69 -7.96
N LEU K 955 2.00 -41.37 -6.83
CA LEU K 955 1.92 -42.82 -6.76
C LEU K 955 0.76 -43.18 -5.83
N LEU K 956 -0.21 -43.89 -6.39
CA LEU K 956 -1.34 -44.44 -5.67
C LEU K 956 -1.23 -45.96 -5.69
N ALA K 957 -1.84 -46.58 -4.70
CA ALA K 957 -2.00 -48.03 -4.70
C ALA K 957 -3.50 -48.22 -4.63
N TYR K 958 -4.03 -49.06 -5.50
CA TYR K 958 -5.36 -49.57 -5.29
C TYR K 958 -5.24 -50.65 -4.25
N LYS K 959 -6.16 -50.64 -3.30
CA LYS K 959 -6.10 -51.59 -2.19
C LYS K 959 -7.23 -52.58 -2.40
N PRO K 960 -6.96 -53.76 -2.96
CA PRO K 960 -8.05 -54.68 -3.32
C PRO K 960 -8.84 -55.14 -2.13
N MET K 961 -8.25 -55.11 -0.93
CA MET K 961 -8.96 -55.53 0.25
C MET K 961 -9.79 -54.40 0.86
N GLU K 962 -9.73 -53.18 0.30
CA GLU K 962 -10.57 -52.06 0.72
C GLU K 962 -11.48 -51.53 -0.39
N GLY K 963 -11.20 -51.85 -1.65
CA GLY K 963 -12.02 -51.39 -2.76
C GLY K 963 -11.97 -49.89 -3.01
N ASN K 964 -10.85 -49.25 -2.68
CA ASN K 964 -10.67 -47.81 -2.87
C ASN K 964 -9.20 -47.55 -3.16
N PHE K 965 -8.86 -46.29 -3.40
CA PHE K 965 -7.48 -45.90 -3.64
C PHE K 965 -6.86 -45.39 -2.34
N GLU K 966 -5.55 -45.58 -2.23
CA GLU K 966 -4.74 -44.96 -1.19
C GLU K 966 -3.64 -44.15 -1.85
N GLU K 967 -3.47 -42.91 -1.41
CA GLU K 967 -2.30 -42.14 -1.84
C GLU K 967 -1.06 -42.65 -1.11
N ILE K 968 -0.12 -43.17 -1.89
CA ILE K 968 1.13 -43.71 -1.39
C ILE K 968 2.19 -42.62 -1.25
N ALA K 969 2.41 -41.85 -2.30
CA ALA K 969 3.49 -40.86 -2.30
C ALA K 969 3.30 -39.92 -3.47
N ARG K 970 3.93 -38.75 -3.40
CA ARG K 970 3.89 -37.83 -4.53
C ARG K 970 5.26 -37.23 -4.75
N ASP K 971 5.53 -36.84 -6.00
CA ASP K 971 6.73 -36.07 -6.32
C ASP K 971 6.33 -34.62 -6.10
N PHE K 972 6.88 -33.99 -5.07
CA PHE K 972 6.44 -32.63 -4.80
C PHE K 972 7.20 -31.59 -5.60
N ASN K 973 8.19 -31.98 -6.43
CA ASN K 973 8.81 -31.05 -7.35
C ASN K 973 7.94 -30.84 -8.59
N PRO K 974 7.61 -29.61 -8.96
CA PRO K 974 6.84 -29.40 -10.21
C PRO K 974 7.61 -29.77 -11.47
N ASN K 975 6.93 -30.49 -12.37
CA ASN K 975 7.45 -30.78 -13.71
C ASN K 975 6.24 -30.84 -14.64
N TRP K 976 6.37 -30.23 -15.82
CA TRP K 976 5.31 -30.25 -16.84
C TRP K 976 5.41 -31.48 -17.73
N MET K 977 4.60 -32.50 -17.44
CA MET K 977 4.77 -33.81 -18.05
C MET K 977 4.26 -33.90 -19.47
N SER K 978 4.94 -34.74 -20.25
CA SER K 978 4.51 -35.18 -21.58
C SER K 978 4.33 -36.69 -21.67
N ALA K 979 4.91 -37.46 -20.78
CA ALA K 979 4.76 -38.92 -20.77
C ALA K 979 5.31 -39.45 -19.45
N VAL K 980 4.85 -40.66 -19.09
CA VAL K 980 5.27 -41.34 -17.87
C VAL K 980 5.42 -42.83 -18.11
N GLU K 981 6.21 -43.47 -17.24
CA GLU K 981 6.38 -44.92 -17.29
C GLU K 981 6.74 -45.47 -15.93
N ILE K 982 6.29 -46.71 -15.69
CA ILE K 982 6.66 -47.46 -14.50
C ILE K 982 7.83 -48.34 -14.85
N LEU K 983 8.98 -48.11 -14.21
CA LEU K 983 10.14 -48.96 -14.46
C LEU K 983 10.03 -50.25 -13.68
N ASP K 984 9.61 -50.14 -12.42
CA ASP K 984 9.31 -51.25 -11.52
C ASP K 984 8.51 -50.67 -10.37
N ASP K 985 8.16 -51.50 -9.39
CA ASP K 985 7.32 -51.09 -8.28
C ASP K 985 7.85 -49.86 -7.53
N ASP K 986 9.16 -49.60 -7.63
CA ASP K 986 9.84 -48.58 -6.85
C ASP K 986 10.43 -47.45 -7.67
N ASN K 987 10.32 -47.48 -9.01
CA ASN K 987 11.03 -46.53 -9.87
C ASN K 987 10.08 -46.00 -10.95
N PHE K 988 10.01 -44.67 -11.07
CA PHE K 988 9.06 -44.01 -11.96
C PHE K 988 9.78 -43.06 -12.90
N LEU K 989 9.62 -43.27 -14.21
CA LEU K 989 10.30 -42.47 -15.22
C LEU K 989 9.34 -41.41 -15.75
N GLY K 990 9.80 -40.17 -15.84
CA GLY K 990 9.03 -39.09 -16.43
C GLY K 990 9.81 -38.33 -17.49
N ALA K 991 9.06 -37.76 -18.45
CA ALA K 991 9.56 -36.84 -19.47
C ALA K 991 8.74 -35.55 -19.42
N GLU K 992 9.38 -34.39 -19.58
CA GLU K 992 8.66 -33.11 -19.51
C GLU K 992 8.95 -32.24 -20.73
N ASN K 993 8.13 -31.18 -20.84
CA ASN K 993 8.04 -30.39 -22.07
C ASN K 993 9.30 -29.62 -22.38
N ALA K 994 10.19 -29.44 -21.41
CA ALA K 994 11.44 -28.74 -21.64
C ALA K 994 12.55 -29.70 -22.05
N PHE K 995 12.18 -30.92 -22.47
CA PHE K 995 13.08 -31.88 -23.07
C PHE K 995 13.99 -32.56 -22.04
N ASN K 996 13.56 -32.62 -20.79
CA ASN K 996 14.28 -33.35 -19.75
C ASN K 996 13.52 -34.62 -19.38
N LEU K 997 14.27 -35.61 -18.92
CA LEU K 997 13.80 -36.80 -18.22
C LEU K 997 14.19 -36.74 -16.75
N PHE K 998 13.37 -37.39 -15.93
CA PHE K 998 13.71 -37.60 -14.52
C PHE K 998 13.23 -38.97 -14.06
N VAL K 999 13.86 -39.47 -12.99
CA VAL K 999 13.46 -40.71 -12.35
C VAL K 999 13.21 -40.46 -10.86
N CYS K 1000 12.06 -40.94 -10.38
CA CYS K 1000 11.67 -40.87 -8.99
C CYS K 1000 11.69 -42.22 -8.29
N GLN K 1001 12.02 -42.19 -6.99
CA GLN K 1001 11.96 -43.35 -6.11
C GLN K 1001 11.32 -42.96 -4.77
N LYS K 1002 10.76 -43.96 -4.10
CA LYS K 1002 10.38 -43.79 -2.71
C LYS K 1002 11.61 -43.46 -1.87
N ASP K 1003 11.38 -42.70 -0.81
CA ASP K 1003 12.48 -42.26 0.06
C ASP K 1003 12.82 -43.43 0.98
N SER K 1004 13.95 -44.08 0.73
CA SER K 1004 14.34 -45.23 1.55
C SER K 1004 14.69 -44.79 2.96
N ALA K 1005 15.19 -43.57 3.13
CA ALA K 1005 15.58 -43.04 4.43
C ALA K 1005 14.48 -42.21 5.06
N ALA K 1006 13.24 -42.64 4.90
CA ALA K 1006 12.06 -41.95 5.43
C ALA K 1006 11.64 -42.65 6.71
N THR K 1007 11.43 -41.87 7.78
CA THR K 1007 11.06 -42.41 9.08
C THR K 1007 9.64 -42.07 9.51
N THR K 1008 8.84 -41.42 8.66
CA THR K 1008 7.47 -41.08 8.98
C THR K 1008 6.59 -41.31 7.76
N ASP K 1009 5.30 -41.54 8.00
CA ASP K 1009 4.35 -41.66 6.89
C ASP K 1009 4.41 -40.42 6.01
N GLU K 1010 4.44 -39.23 6.62
CA GLU K 1010 4.51 -38.00 5.85
C GLU K 1010 5.77 -37.99 4.99
N GLU K 1011 6.89 -38.45 5.54
CA GLU K 1011 8.13 -38.43 4.76
C GLU K 1011 8.07 -39.51 3.69
N ARG K 1012 7.50 -40.66 4.04
CA ARG K 1012 7.29 -41.73 3.06
C ARG K 1012 6.41 -41.27 1.90
N GLN K 1013 5.62 -40.21 2.11
CA GLN K 1013 4.73 -39.72 1.08
C GLN K 1013 5.44 -38.81 0.09
N HIS K 1014 6.74 -38.58 0.26
CA HIS K 1014 7.52 -37.72 -0.62
C HIS K 1014 8.38 -38.60 -1.50
N LEU K 1015 8.08 -38.60 -2.78
CA LEU K 1015 8.98 -39.19 -3.75
C LEU K 1015 10.20 -38.29 -3.88
N GLN K 1016 11.34 -38.90 -4.13
CA GLN K 1016 12.59 -38.18 -4.33
C GLN K 1016 12.96 -38.32 -5.81
N GLU K 1017 13.33 -37.20 -6.41
CA GLU K 1017 13.80 -37.18 -7.80
C GLU K 1017 15.27 -37.59 -7.78
N VAL K 1018 15.51 -38.86 -8.06
CA VAL K 1018 16.85 -39.45 -7.99
C VAL K 1018 17.58 -39.49 -9.32
N GLY K 1019 16.91 -39.25 -10.43
CA GLY K 1019 17.55 -39.21 -11.74
C GLY K 1019 17.12 -38.00 -12.52
N LEU K 1020 18.08 -37.41 -13.24
CA LEU K 1020 17.84 -36.24 -14.07
C LEU K 1020 18.72 -36.30 -15.30
N PHE K 1021 18.16 -35.92 -16.45
CA PHE K 1021 18.88 -36.04 -17.72
C PHE K 1021 18.22 -35.16 -18.76
N HIS K 1022 19.00 -34.33 -19.44
CA HIS K 1022 18.47 -33.51 -20.53
C HIS K 1022 18.53 -34.36 -21.80
N LEU K 1023 17.39 -34.86 -22.24
CA LEU K 1023 17.34 -35.70 -23.42
C LEU K 1023 17.45 -34.86 -24.68
N GLY K 1024 16.80 -33.70 -24.72
CA GLY K 1024 16.79 -32.86 -25.89
C GLY K 1024 15.74 -33.23 -26.91
N GLU K 1025 14.79 -34.07 -26.53
CA GLU K 1025 13.64 -34.42 -27.35
C GLU K 1025 12.38 -34.33 -26.51
N PHE K 1026 11.26 -34.20 -27.21
CA PHE K 1026 9.97 -34.11 -26.56
C PHE K 1026 9.39 -35.50 -26.68
N VAL K 1027 9.32 -36.20 -25.57
CA VAL K 1027 8.89 -37.59 -25.54
C VAL K 1027 7.38 -37.59 -25.39
N ASN K 1028 6.68 -38.20 -26.34
CA ASN K 1028 5.24 -38.36 -26.20
C ASN K 1028 4.82 -39.70 -25.59
N VAL K 1029 5.63 -40.75 -25.72
CA VAL K 1029 5.16 -42.07 -25.31
C VAL K 1029 6.35 -42.96 -24.96
N PHE K 1030 6.20 -43.69 -23.85
CA PHE K 1030 6.97 -44.84 -23.43
C PHE K 1030 6.12 -46.11 -23.57
N CYS K 1031 6.78 -47.22 -23.91
CA CYS K 1031 6.12 -48.52 -23.94
C CYS K 1031 7.14 -49.63 -23.70
N HIS K 1032 6.72 -50.62 -22.90
CA HIS K 1032 7.58 -51.77 -22.63
C HIS K 1032 7.71 -52.65 -23.87
N GLY K 1033 8.93 -53.04 -24.18
CA GLY K 1033 9.17 -53.99 -25.26
C GLY K 1033 10.55 -53.76 -25.85
N SER K 1034 10.88 -54.60 -26.84
CA SER K 1034 12.20 -54.54 -27.45
C SER K 1034 12.11 -55.04 -28.88
N LEU K 1035 12.94 -54.46 -29.76
CA LEU K 1035 13.12 -54.91 -31.13
C LEU K 1035 14.32 -55.84 -31.35
N VAL K 1036 15.10 -56.11 -30.30
CA VAL K 1036 16.25 -56.98 -30.45
C VAL K 1036 15.84 -58.42 -30.18
N MET K 1037 16.45 -59.35 -30.93
CA MET K 1037 16.16 -60.76 -30.74
C MET K 1037 16.46 -61.11 -29.30
N GLN K 1038 15.55 -61.83 -28.68
CA GLN K 1038 15.68 -62.12 -27.27
C GLN K 1038 16.55 -63.35 -27.08
N ASN K 1039 17.53 -63.23 -26.20
CA ASN K 1039 18.48 -64.29 -25.93
C ASN K 1039 17.90 -65.05 -24.75
N LEU K 1040 17.02 -66.01 -25.05
CA LEU K 1040 16.27 -66.69 -24.00
C LEU K 1040 17.21 -67.40 -23.05
N GLY K 1041 17.35 -66.87 -21.84
CA GLY K 1041 18.36 -67.34 -20.91
C GLY K 1041 19.69 -66.62 -21.07
N GLU K 1042 19.67 -65.30 -20.91
CA GLU K 1042 20.87 -64.46 -21.07
C GLU K 1042 21.17 -63.72 -19.78
N THR K 1043 21.16 -64.44 -18.66
CA THR K 1043 21.62 -63.91 -17.39
C THR K 1043 23.04 -63.34 -17.53
N SER K 1044 23.41 -62.42 -16.64
CA SER K 1044 24.73 -61.79 -16.68
C SER K 1044 24.94 -60.95 -17.93
N THR K 1045 24.13 -59.91 -18.10
CA THR K 1045 24.35 -58.88 -19.10
C THR K 1045 24.37 -57.53 -18.37
N PRO K 1046 24.89 -56.46 -19.01
CA PRO K 1046 24.91 -55.16 -18.32
C PRO K 1046 23.57 -54.48 -18.07
N THR K 1047 22.52 -54.81 -18.82
CA THR K 1047 21.25 -54.10 -18.70
C THR K 1047 20.05 -55.03 -18.52
N GLN K 1048 19.00 -54.51 -17.86
CA GLN K 1048 17.78 -55.25 -17.57
C GLN K 1048 16.57 -54.42 -17.96
N GLY K 1049 15.66 -55.02 -18.74
CA GLY K 1049 14.47 -54.36 -19.20
C GLY K 1049 14.68 -53.55 -20.46
N SER K 1050 13.58 -53.24 -21.14
CA SER K 1050 13.65 -52.46 -22.38
C SER K 1050 12.34 -51.71 -22.58
N VAL K 1051 12.42 -50.39 -22.49
CA VAL K 1051 11.29 -49.49 -22.75
C VAL K 1051 11.65 -48.57 -23.91
N LEU K 1052 10.90 -48.65 -25.01
CA LEU K 1052 11.12 -47.72 -26.12
C LEU K 1052 10.26 -46.49 -25.99
N PHE K 1053 10.73 -45.38 -26.59
CA PHE K 1053 9.97 -44.15 -26.62
C PHE K 1053 10.09 -43.45 -27.97
N GLY K 1054 9.01 -42.76 -28.33
CA GLY K 1054 8.91 -42.05 -29.59
C GLY K 1054 8.73 -40.54 -29.46
N THR K 1055 9.29 -39.80 -30.43
CA THR K 1055 9.39 -38.34 -30.36
C THR K 1055 8.83 -37.66 -31.60
N VAL K 1056 8.63 -36.33 -31.46
CA VAL K 1056 8.15 -35.47 -32.55
C VAL K 1056 9.07 -35.55 -33.74
N ASN K 1057 10.37 -35.59 -33.50
CA ASN K 1057 11.35 -35.58 -34.58
C ASN K 1057 11.51 -36.93 -35.25
N GLY K 1058 10.78 -37.95 -34.80
CA GLY K 1058 10.95 -39.27 -35.36
C GLY K 1058 12.08 -40.05 -34.74
N MET K 1059 12.76 -39.49 -33.75
CA MET K 1059 13.70 -40.26 -32.95
C MET K 1059 12.98 -41.34 -32.16
N ILE K 1060 13.61 -42.51 -32.09
CA ILE K 1060 13.20 -43.60 -31.21
C ILE K 1060 14.36 -43.85 -30.25
N GLY K 1061 14.05 -43.94 -28.96
CA GLY K 1061 15.07 -44.24 -27.97
C GLY K 1061 14.69 -45.45 -27.13
N LEU K 1062 15.66 -45.91 -26.35
CA LEU K 1062 15.51 -47.04 -25.44
C LEU K 1062 16.03 -46.67 -24.06
N VAL K 1063 15.25 -47.04 -23.04
CA VAL K 1063 15.63 -46.96 -21.63
C VAL K 1063 15.69 -48.38 -21.06
N THR K 1064 16.78 -48.66 -20.34
CA THR K 1064 16.97 -49.94 -19.65
C THR K 1064 17.60 -49.65 -18.30
N SER K 1065 17.59 -50.66 -17.42
CA SER K 1065 18.10 -50.51 -16.05
C SER K 1065 19.50 -51.06 -15.91
N LEU K 1066 20.27 -50.48 -14.98
CA LEU K 1066 21.65 -50.86 -14.69
C LEU K 1066 21.85 -51.16 -13.21
N SER K 1067 22.82 -52.04 -12.93
CA SER K 1067 23.29 -52.20 -11.56
C SER K 1067 24.21 -51.02 -11.21
N GLU K 1068 24.48 -50.87 -9.91
CA GLU K 1068 25.36 -49.79 -9.45
C GLU K 1068 26.77 -49.88 -10.04
N SER K 1069 27.34 -51.08 -10.11
CA SER K 1069 28.71 -51.22 -10.59
C SER K 1069 28.82 -50.89 -12.08
N TRP K 1070 27.81 -51.27 -12.85
CA TRP K 1070 27.79 -50.91 -14.26
C TRP K 1070 27.64 -49.41 -14.42
N TYR K 1071 26.75 -48.80 -13.63
CA TYR K 1071 26.62 -47.34 -13.65
C TYR K 1071 27.96 -46.67 -13.41
N ASN K 1072 28.69 -47.11 -12.38
CA ASN K 1072 29.96 -46.46 -12.06
C ASN K 1072 30.97 -46.64 -13.18
N LEU K 1073 31.02 -47.82 -13.79
CA LEU K 1073 31.94 -48.07 -14.89
C LEU K 1073 31.60 -47.20 -16.09
N LEU K 1074 30.31 -47.14 -16.43
CA LEU K 1074 29.91 -46.36 -17.59
C LEU K 1074 30.08 -44.87 -17.35
N LEU K 1075 29.90 -44.41 -16.12
CA LEU K 1075 30.11 -42.99 -15.83
C LEU K 1075 31.57 -42.63 -15.96
N ASP K 1076 32.46 -43.50 -15.46
CA ASP K 1076 33.89 -43.29 -15.67
C ASP K 1076 34.19 -43.21 -17.16
N MET K 1077 33.61 -44.14 -17.93
CA MET K 1077 33.78 -44.13 -19.37
C MET K 1077 33.28 -42.82 -19.97
N GLN K 1078 32.14 -42.31 -19.50
CA GLN K 1078 31.63 -41.03 -19.99
C GLN K 1078 32.63 -39.92 -19.76
N ASN K 1079 33.18 -39.82 -18.55
CA ASN K 1079 34.12 -38.74 -18.26
C ASN K 1079 35.35 -38.84 -19.16
N ARG K 1080 35.82 -40.07 -19.39
CA ARG K 1080 36.99 -40.25 -20.23
C ARG K 1080 36.68 -39.93 -21.68
N LEU K 1081 35.50 -40.34 -22.16
CA LEU K 1081 35.08 -40.01 -23.51
C LEU K 1081 34.99 -38.49 -23.65
N ASN K 1082 34.45 -37.82 -22.64
CA ASN K 1082 34.28 -36.38 -22.69
C ASN K 1082 35.63 -35.67 -22.73
N LYS K 1083 36.70 -36.32 -22.24
CA LYS K 1083 38.02 -35.72 -22.36
C LYS K 1083 38.66 -35.87 -23.74
N VAL K 1084 38.18 -36.80 -24.56
CA VAL K 1084 38.84 -37.15 -25.82
C VAL K 1084 38.02 -36.69 -27.03
N ILE K 1085 36.69 -36.74 -26.93
CA ILE K 1085 35.84 -36.44 -28.08
C ILE K 1085 35.87 -34.95 -28.34
N LYS K 1086 35.99 -34.61 -29.62
CA LYS K 1086 35.94 -33.22 -30.05
C LYS K 1086 34.47 -32.86 -30.21
N SER K 1087 34.03 -31.89 -29.42
CA SER K 1087 32.65 -31.45 -29.44
C SER K 1087 32.47 -30.38 -30.49
N VAL K 1088 31.48 -30.56 -31.35
CA VAL K 1088 31.22 -29.57 -32.38
C VAL K 1088 30.70 -28.34 -31.65
N GLY K 1089 31.40 -27.22 -31.82
CA GLY K 1089 31.08 -26.03 -31.08
C GLY K 1089 31.64 -26.02 -29.67
N LYS K 1090 32.42 -27.05 -29.30
CA LYS K 1090 33.13 -27.07 -28.02
C LYS K 1090 32.17 -27.00 -26.84
N ILE K 1091 31.02 -27.67 -26.99
CA ILE K 1091 30.03 -27.80 -25.93
C ILE K 1091 30.40 -28.97 -25.02
N GLU K 1092 30.36 -28.73 -23.72
CA GLU K 1092 30.62 -29.78 -22.74
C GLU K 1092 29.41 -30.69 -22.65
N HIS K 1093 29.66 -32.00 -22.66
CA HIS K 1093 28.58 -32.98 -22.51
C HIS K 1093 27.78 -32.75 -21.23
N SER K 1094 28.46 -32.46 -20.12
CA SER K 1094 27.74 -32.23 -18.86
C SER K 1094 26.78 -31.06 -18.97
N PHE K 1095 27.16 -30.01 -19.69
CA PHE K 1095 26.26 -28.88 -19.88
C PHE K 1095 25.06 -29.29 -20.72
N TRP K 1096 25.34 -30.01 -21.82
CA TRP K 1096 24.28 -30.43 -22.71
C TRP K 1096 23.24 -31.27 -21.97
N ARG K 1097 23.71 -32.24 -21.19
CA ARG K 1097 22.79 -33.18 -20.55
C ARG K 1097 22.21 -32.63 -19.25
N SER K 1098 22.67 -31.47 -18.77
CA SER K 1098 22.15 -30.89 -17.54
C SER K 1098 20.66 -30.59 -17.64
N PHE K 1099 19.90 -31.03 -16.64
CA PHE K 1099 18.50 -30.67 -16.52
C PHE K 1099 18.32 -29.16 -16.58
N HIS K 1100 17.39 -28.70 -17.42
CA HIS K 1100 17.22 -27.28 -17.64
C HIS K 1100 15.76 -26.93 -17.92
N THR K 1101 15.19 -26.12 -17.04
CA THR K 1101 13.91 -25.46 -17.24
C THR K 1101 14.11 -24.00 -16.88
N GLU K 1102 13.08 -23.19 -17.12
CA GLU K 1102 13.13 -21.78 -16.73
C GLU K 1102 13.19 -21.58 -15.22
N ARG K 1103 12.91 -22.61 -14.43
CA ARG K 1103 13.01 -22.53 -12.98
C ARG K 1103 14.35 -22.93 -12.39
N LYS K 1104 15.03 -23.91 -12.97
CA LYS K 1104 16.23 -24.47 -12.35
C LYS K 1104 17.11 -25.13 -13.39
N THR K 1105 18.42 -25.12 -13.12
CA THR K 1105 19.41 -25.81 -13.93
C THR K 1105 20.29 -26.65 -13.01
N GLU K 1106 20.40 -27.96 -13.31
CA GLU K 1106 21.15 -28.88 -12.48
C GLU K 1106 21.88 -29.91 -13.34
N PRO K 1107 23.06 -30.38 -12.91
CA PRO K 1107 23.73 -31.46 -13.66
C PRO K 1107 22.91 -32.74 -13.73
N ALA K 1108 23.07 -33.47 -14.82
CA ALA K 1108 22.44 -34.77 -14.97
C ALA K 1108 22.90 -35.72 -13.87
N THR K 1109 22.01 -36.63 -13.49
CA THR K 1109 22.32 -37.69 -12.54
C THR K 1109 21.51 -38.93 -12.86
N GLY K 1110 22.08 -40.09 -12.56
CA GLY K 1110 21.36 -41.34 -12.71
C GLY K 1110 21.12 -41.83 -14.12
N PHE K 1111 21.72 -41.19 -15.13
CA PHE K 1111 21.50 -41.57 -16.53
C PHE K 1111 22.83 -41.66 -17.26
N ILE K 1112 23.04 -42.77 -17.95
CA ILE K 1112 24.15 -42.98 -18.86
C ILE K 1112 23.71 -42.69 -20.29
N ASP K 1113 24.57 -41.96 -21.00
CA ASP K 1113 24.36 -41.55 -22.39
C ASP K 1113 24.88 -42.68 -23.28
N GLY K 1114 23.98 -43.59 -23.66
CA GLY K 1114 24.36 -44.70 -24.51
C GLY K 1114 25.02 -44.26 -25.81
N ASP K 1115 24.55 -43.15 -26.39
CA ASP K 1115 25.17 -42.62 -27.60
C ASP K 1115 26.63 -42.31 -27.36
N LEU K 1116 26.95 -41.73 -26.19
CA LEU K 1116 28.33 -41.44 -25.83
C LEU K 1116 29.14 -42.73 -25.73
N ILE K 1117 28.60 -43.74 -25.05
CA ILE K 1117 29.30 -45.01 -24.91
C ILE K 1117 29.58 -45.60 -26.30
N GLU K 1118 28.55 -45.63 -27.16
CA GLU K 1118 28.72 -46.21 -28.48
C GLU K 1118 29.72 -45.43 -29.32
N SER K 1119 29.86 -44.13 -29.06
CA SER K 1119 30.81 -43.34 -29.85
C SER K 1119 32.25 -43.76 -29.63
N PHE K 1120 32.51 -44.56 -28.59
CA PHE K 1120 33.83 -45.17 -28.42
C PHE K 1120 34.20 -45.97 -29.67
N LEU K 1121 33.23 -46.64 -30.29
CA LEU K 1121 33.50 -47.55 -31.39
C LEU K 1121 33.89 -46.87 -32.71
N ASP K 1122 33.74 -45.55 -32.88
CA ASP K 1122 34.04 -44.93 -34.17
C ASP K 1122 35.33 -44.12 -34.16
N ILE K 1123 35.99 -44.04 -33.02
CA ILE K 1123 37.28 -43.39 -32.91
C ILE K 1123 38.38 -44.41 -33.23
N SER K 1124 39.58 -43.89 -33.51
CA SER K 1124 40.69 -44.73 -33.90
C SER K 1124 41.17 -45.58 -32.72
N ARG K 1125 41.91 -46.64 -33.05
CA ARG K 1125 42.45 -47.52 -32.00
C ARG K 1125 43.36 -46.77 -31.03
N PRO K 1126 44.28 -45.91 -31.46
CA PRO K 1126 45.09 -45.17 -30.47
C PRO K 1126 44.25 -44.30 -29.56
N LYS K 1127 43.19 -43.68 -30.07
CA LYS K 1127 42.33 -42.87 -29.22
C LYS K 1127 41.59 -43.77 -28.22
N MET K 1128 41.17 -44.96 -28.66
CA MET K 1128 40.61 -45.95 -27.74
C MET K 1128 41.59 -46.27 -26.63
N GLN K 1129 42.86 -46.48 -26.99
CA GLN K 1129 43.87 -46.81 -26.00
C GLN K 1129 44.07 -45.67 -25.02
N GLU K 1130 43.99 -44.43 -25.51
CA GLU K 1130 44.02 -43.27 -24.63
C GLU K 1130 42.85 -43.29 -23.66
N VAL K 1131 41.66 -43.65 -24.15
CA VAL K 1131 40.45 -43.61 -23.35
C VAL K 1131 40.53 -44.54 -22.14
N VAL K 1132 41.13 -45.71 -22.32
CA VAL K 1132 41.14 -46.75 -21.29
C VAL K 1132 42.44 -46.80 -20.50
N ALA K 1133 43.32 -45.81 -20.67
CA ALA K 1133 44.56 -45.79 -19.91
C ALA K 1133 44.26 -45.57 -18.44
N ASN K 1134 44.89 -46.37 -17.57
CA ASN K 1134 44.73 -46.27 -16.12
C ASN K 1134 43.25 -46.35 -15.73
N LEU K 1135 42.56 -47.35 -16.28
CA LEU K 1135 41.14 -47.60 -15.99
C LEU K 1135 41.00 -48.98 -15.35
N GLN K 1136 40.39 -49.00 -14.16
CA GLN K 1136 40.15 -50.24 -13.43
C GLN K 1136 38.83 -50.85 -13.88
N TYR K 1137 38.86 -52.13 -14.23
CA TYR K 1137 37.75 -52.82 -14.88
C TYR K 1137 37.67 -54.23 -14.30
N ASP K 1138 36.45 -54.70 -14.04
CA ASP K 1138 36.22 -56.03 -13.49
C ASP K 1138 35.69 -56.89 -14.64
N ASP K 1139 36.57 -57.74 -15.19
CA ASP K 1139 36.21 -58.62 -16.29
C ASP K 1139 35.51 -59.88 -15.75
N GLY K 1140 34.30 -60.12 -16.25
CA GLY K 1140 33.51 -61.25 -15.79
C GLY K 1140 33.28 -61.16 -14.28
N SER K 1141 33.65 -62.25 -13.59
CA SER K 1141 33.54 -62.34 -12.14
C SER K 1141 34.97 -62.49 -11.60
N GLY K 1142 35.40 -61.53 -10.80
CA GLY K 1142 36.74 -61.61 -10.24
C GLY K 1142 37.18 -60.29 -9.65
N MET K 1143 38.49 -60.07 -9.67
CA MET K 1143 39.12 -58.87 -9.13
C MET K 1143 39.34 -57.86 -10.24
N LYS K 1144 39.40 -56.59 -9.87
CA LYS K 1144 39.57 -55.51 -10.84
C LYS K 1144 41.01 -55.46 -11.34
N ARG K 1145 41.16 -55.04 -12.60
CA ARG K 1145 42.47 -54.95 -13.23
C ARG K 1145 42.42 -53.85 -14.29
N GLU K 1146 43.60 -53.58 -14.90
CA GLU K 1146 43.67 -52.56 -15.93
C GLU K 1146 42.95 -52.98 -17.21
N ALA K 1147 42.13 -52.08 -17.72
CA ALA K 1147 41.40 -52.31 -18.96
C ALA K 1147 42.22 -51.96 -20.19
N THR K 1148 42.14 -52.81 -21.19
CA THR K 1148 42.70 -52.58 -22.52
C THR K 1148 41.56 -52.12 -23.41
N ALA K 1149 41.92 -51.56 -24.56
CA ALA K 1149 40.90 -51.15 -25.53
C ALA K 1149 40.00 -52.30 -25.93
N ASP K 1150 40.54 -53.51 -26.10
CA ASP K 1150 39.71 -54.64 -26.49
C ASP K 1150 38.63 -54.99 -25.46
N ASP K 1151 38.94 -54.85 -24.17
CA ASP K 1151 37.91 -55.08 -23.15
C ASP K 1151 36.71 -54.15 -23.34
N LEU K 1152 36.97 -52.86 -23.54
CA LEU K 1152 35.85 -51.93 -23.65
C LEU K 1152 35.20 -52.01 -25.02
N ILE K 1153 35.97 -52.38 -26.05
CA ILE K 1153 35.38 -52.68 -27.35
C ILE K 1153 34.34 -53.79 -27.19
N LYS K 1154 34.71 -54.84 -26.46
CA LYS K 1154 33.78 -55.95 -26.25
C LYS K 1154 32.54 -55.48 -25.49
N VAL K 1155 32.75 -54.72 -24.41
CA VAL K 1155 31.63 -54.20 -23.62
C VAL K 1155 30.70 -53.39 -24.51
N VAL K 1156 31.25 -52.45 -25.28
CA VAL K 1156 30.41 -51.55 -26.05
C VAL K 1156 29.72 -52.31 -27.18
N GLU K 1157 30.44 -53.24 -27.82
CA GLU K 1157 29.82 -54.08 -28.85
C GLU K 1157 28.65 -54.87 -28.29
N GLU K 1158 28.80 -55.42 -27.08
CA GLU K 1158 27.70 -56.11 -26.44
C GLU K 1158 26.55 -55.14 -26.20
N LEU K 1159 26.89 -53.91 -25.80
CA LEU K 1159 25.88 -52.89 -25.57
C LEU K 1159 25.15 -52.50 -26.85
N THR K 1160 25.82 -52.54 -28.00
CA THR K 1160 25.12 -52.16 -29.23
C THR K 1160 23.98 -53.11 -29.55
N ARG K 1161 23.98 -54.32 -29.02
CA ARG K 1161 22.96 -55.30 -29.39
C ARG K 1161 21.69 -55.20 -28.55
N ILE K 1162 21.63 -54.27 -27.59
CA ILE K 1162 20.42 -54.11 -26.77
C ILE K 1162 19.35 -53.30 -27.49
N HIS K 1163 19.66 -52.74 -28.66
CA HIS K 1163 18.71 -51.98 -29.46
C HIS K 1163 18.87 -52.25 -30.94
N GLN L 84 -19.49 -10.77 -13.34
CA GLN L 84 -18.09 -10.41 -13.50
C GLN L 84 -17.53 -10.99 -14.79
N ILE L 85 -16.22 -10.85 -15.01
CA ILE L 85 -15.70 -10.95 -16.37
C ILE L 85 -15.38 -12.41 -16.75
N LEU L 86 -14.23 -12.94 -16.26
CA LEU L 86 -13.79 -14.35 -16.30
C LEU L 86 -14.33 -15.14 -17.50
N PRO L 87 -13.98 -14.81 -18.73
CA PRO L 87 -14.72 -15.35 -19.90
C PRO L 87 -14.20 -16.68 -20.43
N PRO L 88 -13.03 -17.20 -19.98
CA PRO L 88 -12.10 -17.88 -20.92
C PRO L 88 -12.68 -18.89 -21.92
N CYS L 89 -11.87 -19.08 -22.97
CA CYS L 89 -12.17 -19.72 -24.25
C CYS L 89 -10.87 -20.39 -24.63
N ARG L 90 -10.88 -21.44 -25.47
CA ARG L 90 -9.79 -21.81 -26.39
C ARG L 90 -10.02 -23.24 -26.89
N SER L 91 -9.12 -23.72 -27.78
CA SER L 91 -9.11 -25.09 -28.27
C SER L 91 -8.11 -25.97 -27.51
N ILE L 92 -8.33 -26.17 -26.21
CA ILE L 92 -7.33 -26.61 -25.23
C ILE L 92 -6.59 -27.86 -25.63
N VAL L 93 -7.29 -29.00 -25.71
CA VAL L 93 -6.64 -30.29 -25.93
C VAL L 93 -5.89 -30.28 -27.24
N ARG L 94 -6.43 -29.58 -28.24
CA ARG L 94 -5.79 -29.41 -29.53
C ARG L 94 -4.35 -28.96 -29.35
N THR L 95 -4.16 -27.88 -28.58
CA THR L 95 -2.82 -27.33 -28.36
C THR L 95 -1.90 -28.38 -27.75
N LEU L 96 -2.42 -29.16 -26.80
CA LEU L 96 -1.61 -30.21 -26.20
C LEU L 96 -1.15 -31.18 -27.27
N HIS L 97 -2.08 -31.61 -28.14
CA HIS L 97 -1.67 -32.46 -29.23
C HIS L 97 -0.77 -31.70 -30.19
N GLN L 98 -1.03 -30.40 -30.39
CA GLN L 98 -0.11 -29.62 -31.21
C GLN L 98 1.28 -29.62 -30.58
N HIS L 99 1.34 -29.58 -29.25
CA HIS L 99 2.62 -29.69 -28.57
C HIS L 99 3.22 -31.08 -28.78
N LYS L 100 2.35 -32.09 -28.86
CA LYS L 100 2.80 -33.44 -29.18
C LYS L 100 3.25 -33.57 -30.62
N LEU L 101 2.91 -32.61 -31.49
CA LEU L 101 3.36 -32.63 -32.88
C LEU L 101 4.54 -31.70 -33.14
N GLY L 102 4.83 -30.77 -32.23
CA GLY L 102 5.88 -29.80 -32.42
C GLY L 102 5.47 -28.53 -33.12
N ARG L 103 4.21 -28.43 -33.55
CA ARG L 103 3.77 -27.25 -34.28
C ARG L 103 3.78 -26.00 -33.41
N ALA L 104 3.03 -26.04 -32.31
CA ALA L 104 2.88 -24.87 -31.45
C ALA L 104 4.04 -24.80 -30.46
N SER L 105 4.49 -23.58 -30.18
CA SER L 105 5.60 -23.35 -29.29
C SER L 105 5.15 -23.45 -27.83
N TRP L 106 6.13 -23.69 -26.96
CA TRP L 106 5.84 -23.89 -25.54
C TRP L 106 5.20 -22.68 -24.87
N PRO L 107 5.65 -21.44 -25.10
CA PRO L 107 5.00 -20.31 -24.41
C PRO L 107 3.51 -20.20 -24.71
N SER L 108 3.07 -20.63 -25.89
CA SER L 108 1.63 -20.61 -26.16
C SER L 108 0.95 -21.66 -25.30
N VAL L 109 1.63 -22.79 -25.06
CA VAL L 109 1.13 -23.82 -24.18
C VAL L 109 1.01 -23.27 -22.76
N GLN L 110 2.08 -22.60 -22.31
CA GLN L 110 2.08 -22.00 -20.98
C GLN L 110 0.93 -21.01 -20.83
N GLN L 111 0.63 -20.26 -21.88
CA GLN L 111 -0.49 -19.33 -21.84
C GLN L 111 -1.83 -20.07 -21.73
N GLY L 112 -2.02 -21.11 -22.52
CA GLY L 112 -3.28 -21.85 -22.47
C GLY L 112 -3.51 -22.49 -21.11
N LEU L 113 -2.45 -23.06 -20.54
CA LEU L 113 -2.60 -23.72 -19.25
C LEU L 113 -2.65 -22.71 -18.11
N GLN L 114 -2.08 -21.52 -18.31
CA GLN L 114 -2.33 -20.41 -17.40
C GLN L 114 -3.82 -20.08 -17.38
N GLN L 115 -4.46 -20.04 -18.54
CA GLN L 115 -5.89 -19.81 -18.60
C GLN L 115 -6.66 -20.93 -17.91
N SER L 116 -6.23 -22.17 -18.13
CA SER L 116 -6.86 -23.30 -17.43
C SER L 116 -6.73 -23.17 -15.93
N PHE L 117 -5.55 -22.74 -15.46
CA PHE L 117 -5.32 -22.54 -14.04
C PHE L 117 -6.26 -21.48 -13.49
N LEU L 118 -6.47 -20.39 -14.24
CA LEU L 118 -7.44 -19.40 -13.82
C LEU L 118 -8.84 -19.99 -13.74
N HIS L 119 -9.20 -20.81 -14.72
CA HIS L 119 -10.54 -21.38 -14.74
C HIS L 119 -10.77 -22.25 -13.50
N THR L 120 -9.79 -23.05 -13.13
CA THR L 120 -9.96 -23.87 -11.93
C THR L 120 -9.81 -23.05 -10.66
N LEU L 121 -9.10 -21.92 -10.71
CA LEU L 121 -9.03 -21.02 -9.57
C LEU L 121 -10.37 -20.34 -9.30
N ASP L 122 -11.22 -20.25 -10.32
CA ASP L 122 -12.61 -19.85 -10.14
C ASP L 122 -13.40 -20.79 -9.23
N SER L 123 -12.87 -21.97 -8.90
CA SER L 123 -13.52 -22.88 -7.96
C SER L 123 -12.87 -22.89 -6.58
N TYR L 124 -11.87 -22.03 -6.34
CA TYR L 124 -11.35 -21.83 -4.99
C TYR L 124 -12.27 -20.99 -4.11
N ARG L 125 -13.43 -20.54 -4.64
CA ARG L 125 -14.30 -19.62 -3.91
C ARG L 125 -14.70 -20.16 -2.55
N ILE L 126 -14.77 -21.47 -2.39
CA ILE L 126 -15.17 -22.08 -1.13
C ILE L 126 -13.93 -22.10 -0.23
N LEU L 127 -13.92 -21.22 0.76
CA LEU L 127 -12.78 -21.10 1.67
C LEU L 127 -12.66 -22.36 2.49
N GLN L 128 -11.48 -23.01 2.42
CA GLN L 128 -11.32 -24.29 3.08
C GLN L 128 -11.17 -24.14 4.59
N LYS L 129 -10.13 -23.43 5.04
CA LYS L 129 -9.79 -23.43 6.46
C LYS L 129 -9.51 -22.01 6.97
N ALA L 130 -9.74 -21.86 8.27
CA ALA L 130 -9.47 -20.64 9.03
C ALA L 130 -8.67 -21.00 10.28
N ALA L 131 -7.82 -20.08 10.71
CA ALA L 131 -7.02 -20.30 11.92
C ALA L 131 -6.73 -18.98 12.64
N PRO L 132 -7.20 -18.80 13.93
CA PRO L 132 -6.80 -17.62 14.70
C PRO L 132 -5.65 -17.86 15.69
N PHE L 133 -5.11 -16.76 16.21
CA PHE L 133 -4.32 -16.77 17.45
C PHE L 133 -4.28 -15.34 17.99
N ASP L 134 -3.31 -15.07 18.87
CA ASP L 134 -3.11 -13.78 19.51
C ASP L 134 -2.48 -12.80 18.51
N ARG L 135 -1.77 -11.77 19.01
CA ARG L 135 -1.40 -10.52 18.34
C ARG L 135 -1.13 -10.59 16.83
N ARG L 136 -1.40 -9.47 16.14
CA ARG L 136 -1.54 -9.37 14.69
C ARG L 136 -0.47 -10.10 13.88
N ALA L 137 -0.85 -10.50 12.68
CA ALA L 137 0.06 -11.20 11.78
C ALA L 137 0.95 -10.20 11.05
N THR L 138 2.24 -10.53 10.94
CA THR L 138 3.22 -9.65 10.34
C THR L 138 4.02 -10.27 9.21
N SER L 139 4.25 -11.58 9.22
CA SER L 139 5.08 -12.20 8.20
C SER L 139 4.60 -13.62 7.93
N LEU L 140 4.88 -14.08 6.71
CA LEU L 140 4.35 -15.34 6.22
C LEU L 140 5.44 -16.06 5.41
N ALA L 141 5.38 -17.39 5.41
CA ALA L 141 6.36 -18.15 4.65
C ALA L 141 5.82 -19.56 4.39
N TRP L 142 6.27 -20.13 3.28
CA TRP L 142 5.85 -21.44 2.81
C TRP L 142 6.94 -22.47 3.05
N HIS L 143 6.55 -23.63 3.51
CA HIS L 143 7.41 -24.81 3.49
C HIS L 143 7.75 -25.10 2.02
N PRO L 144 9.03 -25.05 1.61
CA PRO L 144 9.30 -25.13 0.16
C PRO L 144 8.94 -26.46 -0.47
N THR L 145 9.21 -27.56 0.24
CA THR L 145 9.01 -28.88 -0.34
C THR L 145 7.58 -29.38 -0.20
N HIS L 146 6.87 -28.93 0.86
CA HIS L 146 5.58 -29.50 1.24
C HIS L 146 4.45 -28.52 0.93
N PRO L 147 3.30 -28.98 0.37
CA PRO L 147 2.27 -28.01 -0.01
C PRO L 147 1.48 -27.49 1.17
N SER L 148 1.12 -28.38 2.07
CA SER L 148 0.14 -28.10 3.10
C SER L 148 0.73 -27.50 4.37
N THR L 149 2.05 -27.35 4.42
CA THR L 149 2.71 -26.81 5.60
C THR L 149 2.99 -25.32 5.37
N VAL L 150 2.88 -24.53 6.44
CA VAL L 150 3.09 -23.09 6.34
C VAL L 150 3.53 -22.58 7.71
N ALA L 151 4.31 -21.48 7.69
CA ALA L 151 4.80 -20.84 8.89
C ALA L 151 4.39 -19.37 8.87
N VAL L 152 4.14 -18.83 10.06
CA VAL L 152 3.62 -17.48 10.18
C VAL L 152 4.17 -16.83 11.44
N GLY L 153 4.34 -15.52 11.38
CA GLY L 153 4.92 -14.77 12.47
C GLY L 153 4.13 -13.50 12.75
N SER L 154 4.02 -13.17 14.03
CA SER L 154 3.04 -12.24 14.55
C SER L 154 3.63 -10.85 14.78
N LYS L 155 2.82 -9.96 15.36
CA LYS L 155 3.25 -8.65 15.80
C LYS L 155 3.93 -8.68 17.17
N GLY L 156 3.78 -9.77 17.92
CA GLY L 156 4.35 -9.90 19.23
C GLY L 156 5.35 -11.04 19.31
N GLY L 157 6.05 -11.28 18.21
CA GLY L 157 7.04 -12.34 18.17
C GLY L 157 6.50 -13.73 18.38
N ASP L 158 5.21 -13.95 18.12
CA ASP L 158 4.57 -15.25 18.27
C ASP L 158 4.62 -15.98 16.95
N ILE L 159 5.32 -17.10 16.90
CA ILE L 159 5.49 -17.89 15.68
C ILE L 159 4.60 -19.11 15.76
N MET L 160 4.03 -19.47 14.60
CA MET L 160 3.22 -20.67 14.49
C MET L 160 3.59 -21.46 13.24
N LEU L 161 3.55 -22.77 13.38
CA LEU L 161 3.78 -23.70 12.29
C LEU L 161 2.58 -24.63 12.18
N TRP L 162 2.02 -24.72 10.97
CA TRP L 162 0.73 -25.37 10.77
C TRP L 162 0.73 -26.18 9.49
N ASN L 163 0.27 -27.42 9.61
CA ASN L 163 0.15 -28.38 8.53
C ASN L 163 -1.30 -28.85 8.43
N PHE L 164 -1.72 -29.18 7.22
CA PHE L 164 -3.12 -29.50 6.91
C PHE L 164 -3.23 -31.01 6.74
N GLY L 165 -4.42 -31.55 7.02
CA GLY L 165 -4.60 -32.98 6.97
C GLY L 165 -3.79 -33.74 7.99
N ILE L 166 -3.37 -33.09 9.07
CA ILE L 166 -2.55 -33.69 10.11
C ILE L 166 -3.30 -33.77 11.43
N LYS L 167 -4.02 -32.71 11.79
CA LYS L 167 -4.87 -32.67 13.00
C LYS L 167 -4.07 -32.82 14.27
N ASP L 168 -2.75 -32.62 14.24
CA ASP L 168 -1.90 -32.77 15.42
C ASP L 168 -1.71 -31.47 16.18
N LYS L 169 -2.72 -30.58 16.16
CA LYS L 169 -2.78 -29.43 17.04
C LYS L 169 -1.53 -28.56 16.94
N PRO L 170 -1.44 -27.67 15.95
CA PRO L 170 -0.14 -27.25 15.40
C PRO L 170 0.79 -26.61 16.42
N THR L 171 2.03 -26.41 15.99
CA THR L 171 3.09 -26.01 16.90
C THR L 171 3.15 -24.49 17.07
N PHE L 172 3.51 -24.09 18.28
CA PHE L 172 3.43 -22.72 18.76
C PHE L 172 4.72 -22.34 19.46
N ILE L 173 5.08 -21.07 19.38
CA ILE L 173 6.08 -20.51 20.30
C ILE L 173 5.74 -19.04 20.52
N LYS L 174 5.78 -18.63 21.78
CA LYS L 174 5.45 -17.28 22.20
C LYS L 174 6.71 -16.43 22.35
N GLY L 175 6.50 -15.12 22.46
CA GLY L 175 7.56 -14.18 22.69
C GLY L 175 7.19 -13.14 23.73
N ILE L 176 7.85 -11.97 23.69
CA ILE L 176 7.59 -10.93 24.67
C ILE L 176 6.15 -10.43 24.56
N GLY L 177 5.65 -10.31 23.34
CA GLY L 177 4.25 -9.98 23.09
C GLY L 177 3.95 -8.51 22.92
N ALA L 178 4.90 -7.62 23.23
CA ALA L 178 4.66 -6.18 23.16
C ALA L 178 5.50 -5.49 22.08
N GLY L 179 6.82 -5.60 22.14
CA GLY L 179 7.70 -4.86 21.23
C GLY L 179 8.70 -5.74 20.50
N GLY L 180 8.38 -7.02 20.34
CA GLY L 180 9.23 -7.98 19.67
C GLY L 180 8.64 -8.49 18.38
N SER L 181 8.09 -7.58 17.60
CA SER L 181 7.40 -7.95 16.36
C SER L 181 8.36 -8.62 15.41
N ILE L 182 8.13 -9.90 15.12
CA ILE L 182 8.78 -10.51 13.98
C ILE L 182 8.26 -9.83 12.72
N THR L 183 9.18 -9.54 11.81
CA THR L 183 8.89 -8.76 10.62
C THR L 183 9.50 -9.33 9.35
N GLY L 184 10.40 -10.32 9.45
CA GLY L 184 10.91 -11.01 8.30
C GLY L 184 11.02 -12.49 8.62
N LEU L 185 10.65 -13.34 7.67
CA LEU L 185 10.49 -14.76 7.97
C LEU L 185 10.65 -15.56 6.67
N LYS L 186 11.75 -16.30 6.59
CA LYS L 186 12.00 -17.24 5.50
C LYS L 186 12.43 -18.57 6.09
N PHE L 187 12.00 -19.66 5.45
CA PHE L 187 12.41 -20.98 5.87
C PHE L 187 13.91 -21.16 5.68
N ASN L 188 14.45 -22.16 6.35
CA ASN L 188 15.84 -22.57 6.11
C ASN L 188 15.87 -23.56 4.96
N PRO L 189 16.63 -23.32 3.89
CA PRO L 189 16.69 -24.32 2.81
C PRO L 189 17.32 -25.64 3.22
N LEU L 190 18.05 -25.68 4.33
CA LEU L 190 18.78 -26.88 4.74
C LEU L 190 17.96 -27.74 5.70
N ASN L 191 17.63 -27.21 6.87
CA ASN L 191 16.91 -27.93 7.92
C ASN L 191 15.51 -27.32 8.01
N THR L 192 14.54 -28.06 7.50
CA THR L 192 13.18 -27.53 7.46
C THR L 192 12.59 -27.32 8.84
N ASN L 193 13.10 -28.01 9.86
CA ASN L 193 12.67 -27.76 11.23
C ASN L 193 13.40 -26.59 11.88
N GLN L 194 14.15 -25.82 11.10
CA GLN L 194 14.72 -24.54 11.54
C GLN L 194 14.00 -23.41 10.81
N PHE L 195 14.31 -22.18 11.20
CA PHE L 195 13.82 -21.03 10.46
C PHE L 195 14.61 -19.79 10.83
N TYR L 196 14.81 -18.92 9.85
CA TYR L 196 15.33 -17.59 10.05
C TYR L 196 14.23 -16.65 10.51
N ALA L 197 14.64 -15.55 11.15
CA ALA L 197 13.67 -14.58 11.62
C ALA L 197 14.34 -13.23 11.84
N SER L 198 13.57 -12.18 11.62
CA SER L 198 13.96 -10.81 11.91
C SER L 198 12.91 -10.19 12.81
N SER L 199 13.36 -9.54 13.89
CA SER L 199 12.49 -9.15 14.98
C SER L 199 12.67 -7.69 15.34
N MET L 200 11.63 -7.13 15.94
CA MET L 200 11.72 -5.79 16.51
C MET L 200 12.60 -5.76 17.73
N GLU L 201 12.87 -6.92 18.35
CA GLU L 201 13.81 -6.98 19.47
C GLU L 201 15.20 -6.55 19.07
N GLY L 202 15.53 -6.58 17.78
CA GLY L 202 16.88 -6.32 17.32
C GLY L 202 17.72 -7.57 17.18
N THR L 203 17.14 -8.65 16.65
CA THR L 203 17.80 -9.96 16.74
C THR L 203 17.42 -10.70 15.46
N THR L 204 18.30 -10.67 14.45
CA THR L 204 18.15 -11.55 13.31
C THR L 204 18.66 -12.93 13.71
N ARG L 205 17.75 -13.86 13.93
CA ARG L 205 18.08 -15.13 14.57
C ARG L 205 17.75 -16.30 13.67
N LEU L 206 18.31 -17.45 14.05
CA LEU L 206 18.06 -18.74 13.45
C LEU L 206 17.65 -19.67 14.57
N GLN L 207 16.40 -20.14 14.53
CA GLN L 207 15.75 -20.74 15.68
C GLN L 207 14.87 -21.88 15.23
N ASP L 208 14.65 -22.83 16.12
CA ASP L 208 13.79 -23.98 15.89
C ASP L 208 12.36 -23.70 16.34
N PHE L 209 11.42 -24.45 15.75
CA PHE L 209 10.03 -24.35 16.14
C PHE L 209 9.76 -24.95 17.52
N LYS L 210 10.75 -25.60 18.13
CA LYS L 210 10.66 -26.10 19.49
C LYS L 210 11.14 -25.09 20.53
N GLY L 211 11.71 -23.97 20.10
CA GLY L 211 12.04 -22.86 20.98
C GLY L 211 13.54 -22.57 21.07
N ASN L 212 14.37 -23.58 20.82
CA ASN L 212 15.80 -23.42 20.96
C ASN L 212 16.32 -22.41 19.94
N ILE L 213 16.95 -21.35 20.41
CA ILE L 213 17.67 -20.44 19.53
C ILE L 213 18.97 -21.12 19.13
N LEU L 214 19.12 -21.37 17.83
CA LEU L 214 20.36 -21.98 17.36
C LEU L 214 21.48 -20.96 17.27
N ARG L 215 21.24 -19.85 16.56
CA ARG L 215 22.31 -18.86 16.44
C ARG L 215 21.74 -17.51 16.03
N VAL L 216 22.20 -16.47 16.71
CA VAL L 216 21.94 -15.09 16.28
C VAL L 216 22.93 -14.74 15.17
N PHE L 217 22.45 -13.97 14.19
CA PHE L 217 23.26 -13.56 13.04
C PHE L 217 23.74 -12.12 13.13
N ALA L 218 22.97 -11.23 13.73
CA ALA L 218 23.34 -9.83 13.87
C ALA L 218 22.67 -9.27 15.12
N SER L 219 22.89 -7.98 15.36
CA SER L 219 22.33 -7.37 16.56
C SER L 219 22.46 -5.87 16.46
N SER L 220 21.47 -5.17 17.01
CA SER L 220 21.56 -3.72 17.10
C SER L 220 22.55 -3.30 18.18
N ASP L 221 22.54 -4.00 19.31
CA ASP L 221 23.30 -3.65 20.51
C ASP L 221 22.86 -2.32 21.10
N THR L 222 21.69 -1.83 20.71
CA THR L 222 21.12 -0.59 21.25
C THR L 222 19.64 -0.59 20.88
N ILE L 223 18.78 -0.51 21.89
CA ILE L 223 17.35 -0.61 21.66
C ILE L 223 16.92 0.66 20.94
N ASN L 224 15.70 0.65 20.40
CA ASN L 224 15.08 1.69 19.57
C ASN L 224 15.71 1.77 18.18
N ILE L 225 16.53 0.79 17.83
CA ILE L 225 17.12 0.63 16.51
C ILE L 225 16.97 -0.85 16.18
N TRP L 226 16.13 -1.18 15.21
CA TRP L 226 15.75 -2.56 14.96
C TRP L 226 15.70 -2.82 13.46
N PHE L 227 15.51 -4.10 13.13
CA PHE L 227 15.51 -4.58 11.75
C PHE L 227 14.07 -4.66 11.23
N CYS L 228 13.95 -4.66 9.91
CA CYS L 228 12.63 -4.76 9.29
C CYS L 228 12.57 -5.79 8.17
N SER L 229 13.68 -6.05 7.49
CA SER L 229 13.68 -6.87 6.29
C SER L 229 14.63 -8.03 6.43
N LEU L 230 14.36 -9.09 5.64
CA LEU L 230 15.19 -10.28 5.65
C LEU L 230 14.90 -11.09 4.39
N ASP L 231 15.95 -11.72 3.85
CA ASP L 231 15.78 -12.72 2.81
C ASP L 231 17.03 -13.59 2.79
N VAL L 232 16.94 -14.69 2.03
CA VAL L 232 17.92 -15.76 2.05
C VAL L 232 18.06 -16.34 0.65
N SER L 233 19.23 -16.92 0.38
CA SER L 233 19.48 -17.63 -0.87
C SER L 233 20.26 -18.90 -0.59
N ALA L 234 19.83 -19.99 -1.21
CA ALA L 234 20.43 -21.31 -1.03
C ALA L 234 21.54 -21.60 -2.03
N SER L 235 21.33 -21.21 -3.30
CA SER L 235 22.36 -21.45 -4.31
C SER L 235 23.64 -20.70 -3.97
N SER L 236 23.51 -19.52 -3.35
CA SER L 236 24.64 -18.74 -2.89
C SER L 236 24.96 -18.96 -1.42
N ARG L 237 24.02 -19.49 -0.65
CA ARG L 237 24.18 -19.67 0.79
C ARG L 237 24.46 -18.32 1.45
N MET L 238 23.50 -17.41 1.32
CA MET L 238 23.65 -16.05 1.84
C MET L 238 22.39 -15.63 2.57
N VAL L 239 22.57 -14.70 3.50
CA VAL L 239 21.50 -14.09 4.27
C VAL L 239 21.64 -12.58 4.13
N VAL L 240 20.52 -11.88 4.08
CA VAL L 240 20.53 -10.43 3.93
C VAL L 240 19.40 -9.87 4.78
N THR L 241 19.62 -8.71 5.39
CA THR L 241 18.62 -8.13 6.28
C THR L 241 18.73 -6.61 6.26
N GLY L 242 17.59 -5.97 6.48
CA GLY L 242 17.48 -4.52 6.38
C GLY L 242 16.92 -3.86 7.63
N ASP L 243 17.35 -2.61 7.86
CA ASP L 243 17.20 -1.87 9.10
C ASP L 243 16.07 -0.84 8.98
N ASN L 244 15.86 -0.09 10.06
CA ASN L 244 14.89 0.99 10.11
C ASN L 244 15.50 2.36 9.79
N VAL L 245 16.79 2.41 9.43
CA VAL L 245 17.50 3.68 9.26
C VAL L 245 18.04 3.84 7.85
N GLY L 246 18.36 2.73 7.19
CA GLY L 246 18.83 2.76 5.82
C GLY L 246 20.11 2.01 5.50
N ASN L 247 20.55 1.12 6.40
CA ASN L 247 21.74 0.31 6.17
C ASN L 247 21.37 -1.16 6.17
N VAL L 248 22.00 -1.90 5.26
CA VAL L 248 21.69 -3.31 5.04
C VAL L 248 22.89 -4.13 5.49
N ILE L 249 22.61 -5.35 5.94
CA ILE L 249 23.63 -6.28 6.44
C ILE L 249 23.52 -7.56 5.61
N LEU L 250 24.67 -8.17 5.34
CA LEU L 250 24.77 -9.34 4.49
C LEU L 250 25.75 -10.33 5.12
N LEU L 251 25.27 -11.52 5.45
CA LEU L 251 26.05 -12.54 6.12
C LEU L 251 26.03 -13.85 5.33
N ASN L 252 26.98 -14.72 5.67
CA ASN L 252 26.98 -16.10 5.22
C ASN L 252 26.17 -16.95 6.20
N MET L 253 25.93 -18.21 5.80
CA MET L 253 25.26 -19.16 6.68
C MET L 253 26.07 -19.50 7.92
N ASP L 254 27.37 -19.18 7.95
CA ASP L 254 28.25 -19.45 9.08
C ASP L 254 28.87 -18.17 9.64
N GLY L 255 28.20 -17.04 9.50
CA GLY L 255 28.75 -15.76 9.91
C GLY L 255 29.39 -15.02 8.74
N LYS L 256 30.65 -14.63 8.91
CA LYS L 256 31.44 -14.01 7.85
C LYS L 256 30.77 -12.74 7.33
N GLU L 257 30.71 -11.74 8.20
CA GLU L 257 30.06 -10.48 7.86
C GLU L 257 31.04 -9.58 7.12
N LEU L 258 30.74 -9.31 5.84
CA LEU L 258 31.46 -8.29 5.05
C LEU L 258 30.38 -7.43 4.40
N TRP L 259 29.85 -6.48 5.16
CA TRP L 259 28.73 -5.64 4.75
C TRP L 259 28.55 -4.56 5.81
N ASN L 260 27.33 -3.98 5.91
CA ASN L 260 26.94 -2.95 6.88
C ASN L 260 27.28 -1.54 6.40
N LEU L 261 27.49 -1.37 5.10
CA LEU L 261 27.50 -0.04 4.51
C LEU L 261 26.07 0.46 4.35
N ARG L 262 25.91 1.78 4.42
CA ARG L 262 24.59 2.40 4.35
C ARG L 262 24.13 2.51 2.91
N MET L 263 22.85 2.23 2.68
CA MET L 263 22.25 2.21 1.36
C MET L 263 21.12 3.21 1.17
N HIS L 264 20.31 3.45 2.21
CA HIS L 264 19.14 4.30 2.13
C HIS L 264 19.20 5.34 3.24
N LYS L 265 18.22 6.25 3.24
CA LYS L 265 18.08 7.27 4.27
C LYS L 265 17.04 6.91 5.33
N LYS L 266 16.22 5.90 5.10
CA LYS L 266 15.11 5.56 5.98
C LYS L 266 14.99 4.05 6.06
N LYS L 267 13.85 3.59 6.59
CA LYS L 267 13.65 2.17 6.85
C LYS L 267 13.60 1.37 5.55
N VAL L 268 14.15 0.16 5.61
CA VAL L 268 14.19 -0.77 4.48
C VAL L 268 13.00 -1.70 4.62
N THR L 269 12.00 -1.53 3.75
CA THR L 269 10.75 -2.26 3.90
C THR L 269 10.85 -3.70 3.42
N HIS L 270 11.54 -3.93 2.31
CA HIS L 270 11.61 -5.25 1.72
C HIS L 270 12.92 -5.38 0.97
N VAL L 271 13.33 -6.62 0.72
CA VAL L 271 14.62 -6.89 0.11
C VAL L 271 14.62 -8.32 -0.40
N ALA L 272 15.32 -8.58 -1.50
CA ALA L 272 15.30 -9.93 -2.04
C ALA L 272 16.43 -10.14 -3.04
N LEU L 273 16.90 -11.38 -3.08
CA LEU L 273 17.96 -11.82 -3.97
C LEU L 273 17.35 -12.51 -5.18
N ASN L 274 18.12 -12.57 -6.25
CA ASN L 274 17.65 -13.24 -7.44
C ASN L 274 17.74 -14.76 -7.24
N PRO L 275 16.75 -15.54 -7.73
CA PRO L 275 16.85 -17.00 -7.58
C PRO L 275 17.65 -17.65 -8.70
N CYS L 276 17.65 -17.03 -9.88
CA CYS L 276 18.39 -17.56 -11.02
C CYS L 276 19.81 -17.04 -11.10
N CYS L 277 20.06 -15.88 -10.52
CA CYS L 277 21.40 -15.36 -10.27
C CYS L 277 21.68 -15.46 -8.78
N ASP L 278 22.88 -15.03 -8.40
CA ASP L 278 23.33 -15.11 -7.03
C ASP L 278 23.96 -13.82 -6.53
N TRP L 279 24.22 -12.84 -7.40
CA TRP L 279 25.14 -11.75 -7.05
C TRP L 279 24.66 -10.38 -7.52
N PHE L 280 23.36 -10.20 -7.79
CA PHE L 280 22.76 -8.87 -7.75
C PHE L 280 21.49 -8.93 -6.90
N LEU L 281 21.26 -7.85 -6.17
CA LEU L 281 20.28 -7.81 -5.08
C LEU L 281 19.30 -6.68 -5.34
N ALA L 282 18.14 -6.74 -4.68
CA ALA L 282 17.14 -5.69 -4.75
C ALA L 282 16.73 -5.29 -3.34
N THR L 283 16.60 -3.98 -3.11
CA THR L 283 16.21 -3.47 -1.81
C THR L 283 15.25 -2.30 -2.00
N ALA L 284 14.29 -2.19 -1.08
CA ALA L 284 13.26 -1.16 -1.11
C ALA L 284 13.18 -0.50 0.26
N SER L 285 12.71 0.75 0.28
CA SER L 285 12.84 1.57 1.46
C SER L 285 11.73 2.61 1.50
N VAL L 286 11.64 3.30 2.63
CA VAL L 286 10.71 4.42 2.79
C VAL L 286 11.14 5.64 2.00
N ASP L 287 12.36 5.66 1.48
CA ASP L 287 12.91 6.80 0.77
C ASP L 287 12.30 7.03 -0.61
N GLN L 288 11.22 6.32 -0.98
CA GLN L 288 10.59 6.46 -2.28
C GLN L 288 11.52 6.07 -3.42
N THR L 289 12.50 5.21 -3.14
CA THR L 289 13.47 4.75 -4.12
C THR L 289 13.70 3.27 -3.88
N VAL L 290 13.89 2.51 -4.96
CA VAL L 290 14.21 1.09 -4.88
C VAL L 290 15.47 0.84 -5.68
N LYS L 291 16.41 0.11 -5.07
CA LYS L 291 17.78 0.04 -5.56
C LYS L 291 18.16 -1.38 -5.93
N ILE L 292 18.84 -1.51 -7.07
CA ILE L 292 19.38 -2.78 -7.56
C ILE L 292 20.90 -2.72 -7.42
N TRP L 293 21.43 -3.65 -6.63
CA TRP L 293 22.83 -3.72 -6.25
C TRP L 293 23.51 -4.92 -6.90
N ASP L 294 24.84 -4.97 -6.76
CA ASP L 294 25.67 -6.07 -7.24
C ASP L 294 26.59 -6.44 -6.08
N LEU L 295 26.15 -7.40 -5.27
CA LEU L 295 26.73 -7.62 -3.95
C LEU L 295 28.20 -8.01 -3.96
N ARG L 296 28.74 -8.48 -5.09
CA ARG L 296 30.15 -8.83 -5.18
C ARG L 296 31.01 -7.71 -5.74
N GLN L 297 30.46 -6.85 -6.60
CA GLN L 297 31.23 -5.83 -7.28
C GLN L 297 31.27 -4.52 -6.52
N VAL L 298 30.13 -4.04 -6.04
CA VAL L 298 30.05 -2.72 -5.42
C VAL L 298 30.42 -2.84 -3.95
N ARG L 299 31.28 -1.93 -3.49
CA ARG L 299 31.62 -1.81 -2.09
C ARG L 299 31.74 -0.36 -1.64
N GLY L 300 31.39 0.60 -2.48
CA GLY L 300 31.79 1.98 -2.27
C GLY L 300 30.70 2.94 -1.82
N LYS L 301 29.74 2.46 -1.01
CA LYS L 301 28.76 3.33 -0.37
C LYS L 301 27.94 4.09 -1.42
N ALA L 302 27.04 3.34 -2.07
CA ALA L 302 26.15 3.81 -3.12
C ALA L 302 26.88 3.96 -4.45
N SER L 303 27.85 3.07 -4.70
CA SER L 303 28.33 2.80 -6.05
C SER L 303 27.43 1.74 -6.69
N PHE L 304 26.13 1.97 -6.68
CA PHE L 304 25.15 0.95 -7.02
C PHE L 304 25.20 0.62 -8.51
N LEU L 305 24.31 -0.30 -8.91
CA LEU L 305 24.10 -0.64 -10.31
C LEU L 305 22.93 0.10 -10.92
N TYR L 306 21.77 0.08 -10.26
CA TYR L 306 20.61 0.80 -10.75
C TYR L 306 19.82 1.37 -9.58
N SER L 307 19.10 2.45 -9.85
CA SER L 307 18.23 3.09 -8.86
C SER L 307 16.96 3.52 -9.56
N LEU L 308 15.82 2.95 -9.14
CA LEU L 308 14.54 3.22 -9.74
C LEU L 308 13.73 4.12 -8.83
N PRO L 309 13.22 5.25 -9.31
CA PRO L 309 12.43 6.13 -8.45
C PRO L 309 10.96 5.75 -8.43
N HIS L 310 10.25 6.38 -7.51
CA HIS L 310 8.82 6.18 -7.35
C HIS L 310 8.20 7.50 -6.90
N ARG L 311 6.88 7.55 -6.90
CA ARG L 311 6.16 8.73 -6.43
C ARG L 311 5.84 8.67 -4.95
N HIS L 312 5.87 7.49 -4.35
CA HIS L 312 5.60 7.30 -2.93
C HIS L 312 6.58 6.28 -2.37
N PRO L 313 6.60 6.07 -1.05
CA PRO L 313 7.43 4.99 -0.49
C PRO L 313 6.96 3.63 -0.99
N VAL L 314 7.80 2.63 -0.76
CA VAL L 314 7.58 1.28 -1.28
C VAL L 314 7.52 0.28 -0.16
N ASN L 315 6.50 -0.58 -0.21
CA ASN L 315 6.34 -1.68 0.72
C ASN L 315 6.93 -2.98 0.20
N ALA L 316 7.05 -3.16 -1.12
CA ALA L 316 7.68 -4.41 -1.55
C ALA L 316 8.26 -4.29 -2.95
N ALA L 317 9.36 -5.01 -3.15
CA ALA L 317 9.98 -5.22 -4.45
C ALA L 317 10.41 -6.68 -4.49
N CYS L 318 9.68 -7.51 -5.22
CA CYS L 318 9.86 -8.96 -5.21
C CYS L 318 10.26 -9.44 -6.59
N PHE L 319 11.21 -10.37 -6.62
CA PHE L 319 11.71 -10.93 -7.85
C PHE L 319 10.79 -12.02 -8.37
N SER L 320 10.93 -12.31 -9.65
CA SER L 320 10.24 -13.41 -10.30
C SER L 320 10.93 -14.73 -9.97
N PRO L 321 10.25 -15.86 -10.21
CA PRO L 321 10.96 -17.14 -10.16
C PRO L 321 11.90 -17.27 -11.33
N ASP L 322 11.41 -16.85 -12.50
CA ASP L 322 12.22 -16.89 -13.70
C ASP L 322 13.42 -15.95 -13.61
N GLY L 323 13.26 -14.84 -12.87
CA GLY L 323 14.34 -13.91 -12.63
C GLY L 323 14.33 -12.67 -13.49
N ALA L 324 13.46 -12.61 -14.51
CA ALA L 324 13.49 -11.55 -15.50
C ALA L 324 12.50 -10.42 -15.23
N ARG L 325 11.54 -10.64 -14.33
CA ARG L 325 10.50 -9.67 -14.01
C ARG L 325 10.64 -9.27 -12.54
N LEU L 326 10.81 -7.99 -12.27
CA LEU L 326 10.79 -7.44 -10.92
C LEU L 326 9.48 -6.72 -10.70
N LEU L 327 8.74 -7.14 -9.68
CA LEU L 327 7.46 -6.54 -9.34
C LEU L 327 7.66 -5.61 -8.16
N THR L 328 6.98 -4.47 -8.17
CA THR L 328 7.12 -3.47 -7.12
C THR L 328 5.75 -2.92 -6.75
N THR L 329 5.56 -2.67 -5.45
CA THR L 329 4.29 -2.16 -4.94
C THR L 329 4.56 -1.10 -3.89
N ASP L 330 3.93 0.07 -4.11
CA ASP L 330 4.16 1.27 -3.32
C ASP L 330 3.15 1.34 -2.18
N GLN L 331 3.01 2.52 -1.56
CA GLN L 331 2.13 2.74 -0.43
C GLN L 331 0.83 3.45 -0.79
N LYS L 332 0.79 4.29 -1.83
CA LYS L 332 -0.38 5.12 -2.07
C LYS L 332 -1.36 4.46 -3.04
N SER L 333 -1.00 4.36 -4.31
CA SER L 333 -1.77 3.56 -5.27
C SER L 333 -0.86 3.32 -6.48
N GLU L 334 -0.23 2.15 -6.52
CA GLU L 334 0.52 1.80 -7.71
C GLU L 334 1.08 0.40 -7.57
N ILE L 335 1.29 -0.25 -8.72
CA ILE L 335 2.19 -1.39 -8.86
C ILE L 335 2.96 -1.16 -10.16
N ARG L 336 4.22 -1.58 -10.18
CA ARG L 336 5.07 -1.39 -11.34
C ARG L 336 5.76 -2.69 -11.71
N VAL L 337 5.90 -2.93 -13.02
CA VAL L 337 6.66 -4.07 -13.52
C VAL L 337 7.90 -3.54 -14.19
N TYR L 338 9.06 -3.91 -13.66
CA TYR L 338 10.34 -3.66 -14.31
C TYR L 338 10.86 -4.95 -14.92
N SER L 339 11.57 -4.81 -16.03
CA SER L 339 12.10 -5.96 -16.76
C SER L 339 13.61 -6.06 -16.62
N ALA L 340 14.10 -7.19 -17.09
CA ALA L 340 15.49 -7.33 -17.47
C ALA L 340 15.91 -6.17 -18.38
N SER L 341 15.02 -5.80 -19.29
CA SER L 341 15.35 -4.93 -20.40
C SER L 341 15.23 -3.49 -19.92
N GLN L 342 16.36 -2.88 -19.57
CA GLN L 342 16.43 -1.48 -19.13
C GLN L 342 15.63 -1.28 -17.83
N TRP L 343 16.21 -1.80 -16.74
CA TRP L 343 15.67 -1.69 -15.37
C TRP L 343 15.07 -0.32 -15.07
N ASP L 344 15.70 0.74 -15.57
CA ASP L 344 15.21 2.10 -15.37
C ASP L 344 13.75 2.24 -15.79
N CYS L 345 13.47 2.01 -17.06
CA CYS L 345 12.13 2.29 -17.54
C CYS L 345 11.19 1.14 -17.17
N PRO L 346 9.95 1.41 -16.79
CA PRO L 346 8.99 0.33 -16.55
C PRO L 346 8.23 -0.10 -17.78
N LEU L 347 7.75 -1.33 -17.72
CA LEU L 347 7.08 -1.95 -18.86
C LEU L 347 5.58 -1.68 -18.76
N GLY L 348 5.07 -1.62 -17.53
CA GLY L 348 3.67 -1.33 -17.31
C GLY L 348 3.40 -0.94 -15.88
N LEU L 349 2.38 -0.10 -15.71
CA LEU L 349 1.88 0.34 -14.42
C LEU L 349 0.50 -0.26 -14.18
N ILE L 350 0.36 -0.94 -13.04
CA ILE L 350 -0.88 -1.59 -12.67
C ILE L 350 -1.46 -0.79 -11.50
N PRO L 351 -2.43 0.10 -11.72
CA PRO L 351 -3.03 0.82 -10.59
C PRO L 351 -3.94 -0.11 -9.79
N HIS L 352 -3.82 -0.04 -8.47
CA HIS L 352 -4.57 -0.91 -7.57
C HIS L 352 -4.48 -0.37 -6.14
N PRO L 353 -5.57 -0.33 -5.37
CA PRO L 353 -5.52 0.34 -4.05
C PRO L 353 -5.03 -0.59 -2.95
N HIS L 354 -3.91 -0.23 -2.33
CA HIS L 354 -3.35 -0.95 -1.19
C HIS L 354 -2.82 0.05 -0.17
N ARG L 355 -3.64 1.03 0.21
CA ARG L 355 -3.17 2.20 0.93
C ARG L 355 -2.52 1.83 2.26
N HIS L 356 -1.32 2.35 2.45
CA HIS L 356 -0.56 2.07 3.65
C HIS L 356 -1.27 2.60 4.88
N PHE L 357 -1.05 1.94 6.01
CA PHE L 357 -1.68 2.34 7.26
C PHE L 357 -0.82 1.81 8.41
N GLN L 358 -0.91 2.54 9.52
CA GLN L 358 -0.08 2.34 10.70
C GLN L 358 -0.29 1.00 11.38
N HIS L 359 -1.50 0.75 11.87
CA HIS L 359 -1.76 -0.47 12.64
C HIS L 359 -2.08 -1.67 11.75
N LEU L 360 -2.21 -1.48 10.44
CA LEU L 360 -2.39 -2.60 9.53
C LEU L 360 -1.03 -3.16 9.13
N THR L 361 -1.02 -4.44 8.80
CA THR L 361 0.23 -5.04 8.35
C THR L 361 0.53 -4.58 6.93
N PRO L 362 1.78 -4.24 6.60
CA PRO L 362 2.04 -3.66 5.27
C PRO L 362 1.81 -4.67 4.16
N ILE L 363 1.36 -4.16 3.03
CA ILE L 363 0.91 -4.99 1.92
C ILE L 363 2.12 -5.36 1.06
N LYS L 364 2.10 -6.60 0.55
CA LYS L 364 3.20 -7.14 -0.26
C LYS L 364 2.58 -7.91 -1.42
N ALA L 365 2.63 -7.32 -2.61
CA ALA L 365 2.29 -8.08 -3.79
C ALA L 365 3.26 -9.24 -3.95
N ALA L 366 2.85 -10.25 -4.73
CA ALA L 366 3.67 -11.44 -4.88
C ALA L 366 3.44 -12.08 -6.24
N TRP L 367 4.47 -12.77 -6.71
CA TRP L 367 4.38 -13.57 -7.93
C TRP L 367 3.74 -14.92 -7.63
N HIS L 368 3.29 -15.56 -8.69
CA HIS L 368 2.94 -16.98 -8.68
C HIS L 368 4.11 -17.76 -9.27
N PRO L 369 4.52 -18.88 -8.67
CA PRO L 369 5.89 -19.36 -8.95
C PRO L 369 6.06 -19.96 -10.34
N ARG L 370 4.99 -20.27 -11.05
CA ARG L 370 5.07 -21.03 -12.29
C ARG L 370 4.26 -20.45 -13.44
N TYR L 371 3.68 -19.26 -13.27
CA TYR L 371 3.05 -18.55 -14.37
C TYR L 371 3.55 -17.11 -14.40
N ASN L 372 2.95 -16.29 -15.27
CA ASN L 372 3.26 -14.88 -15.36
C ASN L 372 2.15 -14.03 -14.75
N LEU L 373 1.56 -14.52 -13.66
CA LEU L 373 0.48 -13.86 -12.96
C LEU L 373 1.00 -12.96 -11.85
N ILE L 374 0.10 -12.15 -11.30
CA ILE L 374 0.36 -11.33 -10.12
C ILE L 374 -0.84 -11.48 -9.21
N VAL L 375 -0.60 -11.51 -7.89
CA VAL L 375 -1.66 -11.66 -6.90
C VAL L 375 -1.45 -10.60 -5.82
N VAL L 376 -2.53 -9.89 -5.47
CA VAL L 376 -2.44 -8.81 -4.49
C VAL L 376 -3.73 -8.80 -3.69
N GLY L 377 -3.65 -8.24 -2.48
CA GLY L 377 -4.84 -7.95 -1.68
C GLY L 377 -5.26 -6.50 -1.85
N ARG L 378 -6.56 -6.29 -1.86
CA ARG L 378 -7.15 -4.99 -2.14
C ARG L 378 -7.54 -4.28 -0.85
N TYR L 379 -7.41 -2.95 -0.86
CA TYR L 379 -7.83 -2.11 0.26
C TYR L 379 -8.49 -0.86 -0.31
N PRO L 380 -9.84 -0.86 -0.47
CA PRO L 380 -10.53 0.29 -1.09
C PRO L 380 -10.18 1.65 -0.54
N ASP L 381 -10.12 2.63 -1.46
CA ASP L 381 -9.91 4.02 -1.13
C ASP L 381 -11.00 4.81 -1.85
N PRO L 382 -11.81 5.61 -1.16
CA PRO L 382 -12.82 6.41 -1.88
C PRO L 382 -12.24 7.43 -2.84
N ASN L 383 -10.95 7.72 -2.75
CA ASN L 383 -10.28 8.69 -3.62
C ASN L 383 -9.56 8.05 -4.79
N PHE L 384 -9.32 6.75 -4.77
CA PHE L 384 -8.63 6.08 -5.87
C PHE L 384 -9.54 5.97 -7.07
N LYS L 385 -9.01 6.28 -8.25
CA LYS L 385 -9.82 6.28 -9.47
C LYS L 385 -10.14 4.86 -9.88
N SER L 386 -11.24 4.32 -9.35
CA SER L 386 -11.61 2.94 -9.60
C SER L 386 -12.14 2.79 -11.01
N CYS L 387 -11.60 1.80 -11.74
CA CYS L 387 -12.16 1.44 -13.04
C CYS L 387 -13.45 0.65 -12.88
N THR L 388 -13.50 -0.26 -11.91
CA THR L 388 -14.71 -1.03 -11.65
C THR L 388 -15.67 -0.20 -10.81
N PRO L 389 -16.99 -0.29 -11.04
CA PRO L 389 -17.93 0.43 -10.17
C PRO L 389 -18.20 -0.24 -8.83
N TYR L 390 -17.81 -1.50 -8.68
CA TYR L 390 -18.00 -2.26 -7.44
C TYR L 390 -16.63 -2.47 -6.80
N GLU L 391 -16.43 -1.87 -5.63
CA GLU L 391 -15.14 -1.88 -4.94
C GLU L 391 -15.34 -2.58 -3.60
N LEU L 392 -14.97 -3.86 -3.55
CA LEU L 392 -15.05 -4.66 -2.36
C LEU L 392 -13.66 -5.03 -1.91
N ARG L 393 -13.54 -5.43 -0.66
CA ARG L 393 -12.30 -5.97 -0.13
C ARG L 393 -12.20 -7.43 -0.53
N THR L 394 -11.13 -7.77 -1.23
CA THR L 394 -11.05 -9.06 -1.90
C THR L 394 -9.64 -9.26 -2.42
N ILE L 395 -9.37 -10.50 -2.83
CA ILE L 395 -8.05 -10.88 -3.36
C ILE L 395 -8.12 -10.77 -4.87
N ASP L 396 -7.29 -9.90 -5.44
CA ASP L 396 -7.28 -9.65 -6.86
C ASP L 396 -6.11 -10.38 -7.51
N VAL L 397 -6.31 -10.82 -8.75
CA VAL L 397 -5.32 -11.57 -9.51
C VAL L 397 -5.26 -10.96 -10.90
N PHE L 398 -4.09 -10.42 -11.25
CA PHE L 398 -3.83 -9.76 -12.52
C PHE L 398 -2.88 -10.59 -13.38
N ASP L 399 -2.77 -10.20 -14.64
CA ASP L 399 -1.78 -10.74 -15.55
C ASP L 399 -0.58 -9.82 -15.62
N GLY L 400 0.62 -10.40 -15.66
CA GLY L 400 1.84 -9.64 -15.51
C GLY L 400 2.23 -8.84 -16.74
N ASN L 401 2.34 -9.51 -17.87
CA ASN L 401 2.87 -8.90 -19.09
C ASN L 401 1.83 -8.11 -19.87
N SER L 402 0.63 -7.92 -19.32
CA SER L 402 -0.42 -7.13 -19.96
C SER L 402 -0.75 -5.88 -19.15
N GLY L 403 -1.13 -6.02 -17.89
CA GLY L 403 -1.43 -4.89 -17.02
C GLY L 403 -2.80 -4.96 -16.37
N LYS L 404 -3.74 -5.69 -16.99
CA LYS L 404 -5.13 -5.72 -16.55
C LYS L 404 -5.41 -6.96 -15.70
N MET L 405 -6.63 -7.04 -15.20
CA MET L 405 -7.01 -8.04 -14.22
C MET L 405 -7.55 -9.31 -14.87
N MET L 406 -7.57 -10.39 -14.10
CA MET L 406 -8.12 -11.66 -14.56
C MET L 406 -8.99 -12.41 -13.55
N CYS L 407 -8.93 -12.13 -12.25
CA CYS L 407 -9.80 -12.85 -11.33
C CYS L 407 -9.89 -12.14 -9.99
N GLN L 408 -10.95 -12.49 -9.25
CA GLN L 408 -11.20 -11.89 -7.93
C GLN L 408 -11.85 -12.92 -7.03
N LEU L 409 -11.22 -13.19 -5.87
CA LEU L 409 -11.75 -14.09 -4.87
C LEU L 409 -12.31 -13.31 -3.69
N TYR L 410 -13.50 -13.69 -3.24
CA TYR L 410 -14.19 -13.01 -2.15
C TYR L 410 -14.99 -14.04 -1.37
N ASP L 411 -15.08 -13.84 -0.05
CA ASP L 411 -15.85 -14.72 0.81
C ASP L 411 -16.28 -13.99 2.08
N PRO L 412 -17.58 -13.80 2.31
CA PRO L 412 -18.01 -13.28 3.62
C PRO L 412 -17.61 -14.21 4.74
N GLU L 413 -17.76 -13.71 5.96
CA GLU L 413 -17.16 -14.25 7.19
C GLU L 413 -15.64 -14.09 7.21
N SER L 414 -15.07 -13.39 6.23
CA SER L 414 -13.64 -13.09 6.16
C SER L 414 -13.46 -11.66 5.70
N SER L 415 -14.25 -10.76 6.26
CA SER L 415 -14.25 -9.36 5.86
C SER L 415 -13.05 -8.61 6.35
N GLY L 416 -12.00 -9.24 6.86
CA GLY L 416 -10.76 -8.55 7.10
C GLY L 416 -10.10 -8.20 5.79
N ILE L 417 -8.98 -7.50 5.89
CA ILE L 417 -8.19 -7.09 4.75
C ILE L 417 -6.98 -8.01 4.67
N SER L 418 -6.86 -8.71 3.55
CA SER L 418 -5.76 -9.64 3.36
C SER L 418 -4.50 -8.84 3.14
N SER L 419 -3.74 -8.61 4.21
CA SER L 419 -2.46 -7.95 4.09
C SER L 419 -1.51 -8.78 3.25
N LEU L 420 -1.21 -10.00 3.69
CA LEU L 420 -0.30 -10.87 2.95
C LEU L 420 -1.08 -11.94 2.20
N ASN L 421 -0.58 -12.27 1.01
CA ASN L 421 -1.11 -13.37 0.23
C ASN L 421 0.05 -14.03 -0.49
N GLU L 422 0.13 -15.36 -0.42
CA GLU L 422 1.19 -16.08 -1.11
C GLU L 422 0.66 -17.42 -1.57
N PHE L 423 0.88 -17.71 -2.84
CA PHE L 423 0.52 -19.00 -3.40
C PHE L 423 1.55 -20.02 -2.97
N ASN L 424 1.18 -21.29 -3.07
CA ASN L 424 2.11 -22.35 -2.75
C ASN L 424 3.20 -22.44 -3.82
N PRO L 425 4.43 -22.81 -3.44
CA PRO L 425 5.41 -23.20 -4.47
C PRO L 425 4.96 -24.39 -5.27
N MET L 426 4.08 -25.22 -4.72
CA MET L 426 3.55 -26.38 -5.43
C MET L 426 2.63 -25.94 -6.57
N GLY L 427 1.74 -24.99 -6.29
CA GLY L 427 0.83 -24.44 -7.28
C GLY L 427 -0.61 -24.89 -7.14
N ASP L 428 -0.99 -25.47 -6.02
CA ASP L 428 -2.33 -25.99 -5.81
C ASP L 428 -3.00 -25.41 -4.57
N THR L 429 -2.40 -24.42 -3.91
CA THR L 429 -2.89 -23.94 -2.65
C THR L 429 -2.47 -22.48 -2.47
N LEU L 430 -3.30 -21.74 -1.74
CA LEU L 430 -3.07 -20.32 -1.46
C LEU L 430 -3.22 -20.09 0.03
N ALA L 431 -2.29 -19.31 0.61
CA ALA L 431 -2.39 -18.87 1.99
C ALA L 431 -2.58 -17.36 2.03
N SER L 432 -3.43 -16.91 2.95
CA SER L 432 -3.66 -15.49 3.18
C SER L 432 -3.49 -15.20 4.65
N ALA L 433 -2.78 -14.11 4.96
CA ALA L 433 -2.61 -13.62 6.32
C ALA L 433 -3.34 -12.30 6.44
N MET L 434 -4.46 -12.32 7.18
CA MET L 434 -5.19 -11.15 7.61
C MET L 434 -4.90 -10.92 9.09
N GLY L 435 -5.31 -9.74 9.57
CA GLY L 435 -5.18 -9.42 10.98
C GLY L 435 -5.85 -10.47 11.85
N TYR L 436 -5.07 -11.11 12.69
CA TYR L 436 -5.54 -12.13 13.62
C TYR L 436 -6.12 -13.36 12.93
N HIS L 437 -5.89 -13.54 11.63
CA HIS L 437 -6.49 -14.68 10.94
C HIS L 437 -5.59 -15.17 9.83
N ILE L 438 -5.64 -16.50 9.61
CA ILE L 438 -4.91 -17.14 8.52
C ILE L 438 -5.90 -18.01 7.75
N LEU L 439 -5.93 -17.85 6.43
CA LEU L 439 -6.96 -18.42 5.57
C LEU L 439 -6.35 -19.32 4.51
N ILE L 440 -7.04 -20.43 4.23
CA ILE L 440 -6.61 -21.44 3.25
C ILE L 440 -7.75 -21.68 2.27
N TRP L 441 -7.43 -21.61 0.97
CA TRP L 441 -8.39 -21.37 -0.10
C TRP L 441 -8.58 -22.52 -1.08
N SER L 442 -7.97 -23.68 -0.85
CA SER L 442 -7.80 -24.69 -1.89
C SER L 442 -9.14 -25.22 -2.43
N GLN L 443 -9.05 -25.84 -3.60
CA GLN L 443 -10.20 -26.40 -4.31
C GLN L 443 -10.98 -27.39 -3.44
N GLU L 444 -12.29 -27.42 -3.68
CA GLU L 444 -13.18 -28.45 -3.16
C GLU L 444 -13.45 -29.45 -4.28
N GLU L 445 -13.76 -30.69 -3.90
CA GLU L 445 -14.23 -31.81 -4.71
C GLU L 445 -14.49 -32.91 -3.69
N ALA L 446 -14.49 -34.19 -4.09
CA ALA L 446 -14.90 -35.32 -3.25
C ALA L 446 -16.42 -35.30 -3.03
N ARG L 447 -17.13 -35.39 -4.14
CA ARG L 447 -18.58 -35.35 -4.13
C ARG L 447 -19.16 -36.48 -3.29
N THR L 448 -18.71 -37.71 -3.54
CA THR L 448 -19.21 -38.88 -2.83
C THR L 448 -18.08 -39.85 -2.57
N ARG L 449 -17.96 -40.29 -1.33
CA ARG L 449 -16.99 -41.30 -0.96
C ARG L 449 -17.50 -42.69 -1.31
N LYS L 450 -16.56 -43.60 -1.50
CA LYS L 450 -16.88 -45.01 -1.75
C LYS L 450 -15.94 -45.87 -0.90
#